data_2HV2
#
_entry.id   2HV2
#
_cell.length_a   189.626
_cell.length_b   104.277
_cell.length_c   152.281
_cell.angle_alpha   90.00
_cell.angle_beta   98.26
_cell.angle_gamma   90.00
#
_symmetry.space_group_name_H-M   'C 1 2 1'
#
loop_
_entity.id
_entity.type
_entity.pdbx_description
1 polymer 'Hypothetical protein'
2 non-polymer '4-(2-HYDROXYETHYL)-1-PIPERAZINE ETHANESULFONIC ACID'
3 non-polymer 'TETRAETHYLENE GLYCOL'
4 water water
#
_entity_poly.entity_id   1
_entity_poly.type   'polypeptide(L)'
_entity_poly.pdbx_seq_one_letter_code
;SNA(MSE)TTKRVKK(MSE)GKEE(MSE)KE(MSE)FDLVIYAFNQEPTAERQERFEKLLSHTQSYGFLIDEQLTSQV
(MSE)ATPFQVNFHGVRYP(MSE)AGIGYVASYPEYRGEGGISAI(MSE)KE(MSE)LADLAKQKVALSYLAPFSYPFYR
QYGYEQTFEQAEYTIKTEDWPRVKRVPGTIKRVSWADGKEVIKDVYLENQRAHSGGVIRETWWLDYTLNRASKPNNQAIY
YSSEGKAEGYVIYRIAAGTFEIVEWNYLTNTAFKALAGFIGSHSGSVQSFHWINGFAGKDLNDL(MSE)PTPAASVKILP
Y(MSE)(MSE)ARIVELQTFLEKYPFQSGEKETYSLEIEDSYGPWNEGIWTITIDEQGKATVTKGAAEKEGTAALKADIQ
TWTQLFLGYRSAETLSFYERLQGDATIAQRLGQRLVKG(MSE)PILEDYF
;
_entity_poly.pdbx_strand_id   A,B,C,D,E,F
#
# COMPACT_ATOMS: atom_id res chain seq x y z
N THR A 5 47.61 26.91 1.06
CA THR A 5 46.78 26.12 2.03
C THR A 5 47.37 24.73 2.25
N THR A 6 47.74 24.37 3.49
CA THR A 6 48.42 23.09 3.80
C THR A 6 47.42 21.93 3.92
N LYS A 7 47.61 20.85 3.17
CA LYS A 7 46.75 19.66 3.24
C LYS A 7 47.61 18.47 3.64
N ARG A 8 47.32 17.77 4.74
CA ARG A 8 48.15 16.63 5.18
C ARG A 8 47.30 15.51 5.74
N VAL A 9 47.74 14.27 5.67
CA VAL A 9 47.06 13.15 6.32
C VAL A 9 47.64 12.99 7.73
N LYS A 10 46.87 12.66 8.76
CA LYS A 10 47.40 12.55 10.11
C LYS A 10 46.80 11.39 10.89
N LYS A 11 47.60 10.56 11.56
CA LYS A 11 47.10 9.58 12.53
C LYS A 11 46.49 10.28 13.74
N GLY A 13 44.77 10.92 17.55
CA GLY A 13 44.86 10.35 18.89
C GLY A 13 43.66 10.69 19.74
N LYS A 14 43.68 10.39 21.04
CA LYS A 14 42.60 10.76 21.97
C LYS A 14 42.52 12.26 22.15
N GLU A 15 43.57 13.03 21.83
CA GLU A 15 43.51 14.49 21.88
C GLU A 15 42.57 15.04 20.80
N GLU A 16 42.24 14.31 19.75
CA GLU A 16 41.35 14.76 18.70
C GLU A 16 39.98 14.12 18.83
N LYS A 18 37.05 14.80 20.12
CA LYS A 18 35.86 15.62 19.87
C LYS A 18 35.82 16.11 18.43
N GLU A 19 36.94 16.52 17.82
CA GLU A 19 36.98 16.88 16.40
C GLU A 19 36.50 15.70 15.51
N PHE A 21 34.62 13.10 16.58
CA PHE A 21 33.26 12.81 17.01
C PHE A 21 32.29 13.78 16.36
N ASP A 22 32.62 15.05 16.18
CA ASP A 22 31.74 16.01 15.52
C ASP A 22 31.64 15.69 14.05
N LEU A 23 32.74 15.33 13.39
CA LEU A 23 32.73 14.92 12.00
C LEU A 23 31.87 13.68 11.84
N VAL A 24 31.97 12.67 12.71
CA VAL A 24 31.19 11.43 12.58
C VAL A 24 29.69 11.64 12.91
N ILE A 25 29.32 12.44 13.90
CA ILE A 25 27.91 12.79 14.19
C ILE A 25 27.25 13.52 13.00
N TYR A 26 27.93 14.46 12.35
CA TYR A 26 27.39 15.14 11.17
C TYR A 26 27.22 14.16 10.01
N ALA A 27 28.25 13.36 9.70
CA ALA A 27 28.30 12.49 8.53
C ALA A 27 27.29 11.39 8.66
N PHE A 28 27.18 10.71 9.79
CA PHE A 28 26.21 9.62 9.96
C PHE A 28 24.94 10.16 10.59
N ASN A 29 24.83 11.48 10.79
CA ASN A 29 23.61 12.17 11.18
C ASN A 29 23.04 11.58 12.45
N GLN A 30 23.88 11.39 13.47
CA GLN A 30 23.54 10.76 14.73
C GLN A 30 23.36 11.88 15.73
N GLU A 31 22.48 11.78 16.71
CA GLU A 31 22.41 12.81 17.74
C GLU A 31 23.44 12.44 18.82
N PRO A 32 24.16 13.45 19.30
CA PRO A 32 25.31 13.25 20.20
C PRO A 32 24.92 12.95 21.65
N THR A 33 24.20 11.86 21.94
CA THR A 33 23.78 11.55 23.31
C THR A 33 24.96 11.07 24.15
N ALA A 34 24.90 11.13 25.49
CA ALA A 34 25.98 10.69 26.37
C ALA A 34 26.40 9.28 26.03
N GLU A 35 25.47 8.34 25.88
CA GLU A 35 25.80 6.93 25.58
C GLU A 35 26.46 6.78 24.21
N ARG A 36 26.44 7.78 23.34
CA ARG A 36 27.07 7.69 22.03
C ARG A 36 28.45 8.37 22.03
N GLN A 37 28.77 9.31 22.91
CA GLN A 37 30.15 9.73 23.12
C GLN A 37 30.95 8.60 23.80
N GLU A 38 30.38 7.87 24.76
CA GLU A 38 31.04 6.70 25.42
C GLU A 38 31.36 5.60 24.41
N ARG A 39 30.45 5.19 23.55
CA ARG A 39 30.71 4.13 22.55
C ARG A 39 31.81 4.53 21.60
N PHE A 40 31.86 5.80 21.19
CA PHE A 40 32.87 6.32 20.30
C PHE A 40 34.22 6.29 21.01
N GLU A 41 34.26 6.63 22.30
CA GLU A 41 35.47 6.62 23.11
C GLU A 41 36.03 5.20 23.16
N LYS A 42 35.19 4.19 23.42
CA LYS A 42 35.60 2.79 23.51
C LYS A 42 36.17 2.41 22.17
N LEU A 43 35.44 2.59 21.08
CA LEU A 43 35.89 2.25 19.75
C LEU A 43 37.23 2.91 19.48
N LEU A 44 37.37 4.19 19.76
CA LEU A 44 38.56 4.97 19.42
C LEU A 44 39.79 4.44 20.17
N SER A 45 39.66 3.92 21.40
CA SER A 45 40.77 3.28 22.12
C SER A 45 41.17 1.94 21.50
N HIS A 46 40.40 1.35 20.60
CA HIS A 46 40.72 0.10 19.93
C HIS A 46 40.91 0.29 18.44
N THR A 47 40.91 1.51 17.87
CA THR A 47 41.03 1.74 16.42
C THR A 47 42.18 2.68 16.09
N GLN A 48 42.60 2.75 14.83
CA GLN A 48 43.48 3.80 14.31
C GLN A 48 42.69 4.68 13.35
N SER A 49 42.36 5.90 13.74
CA SER A 49 41.76 6.91 12.88
C SER A 49 42.86 7.60 12.06
N TYR A 50 42.62 7.90 10.79
CA TYR A 50 43.51 8.68 9.95
C TYR A 50 42.73 9.90 9.50
N GLY A 51 43.16 11.11 9.79
CA GLY A 51 42.44 12.33 9.42
C GLY A 51 42.96 13.00 8.15
N PHE A 52 42.17 13.82 7.48
CA PHE A 52 42.65 14.72 6.45
C PHE A 52 42.46 16.10 7.02
N LEU A 53 43.52 16.90 7.15
CA LEU A 53 43.46 18.23 7.70
C LEU A 53 43.73 19.21 6.59
N ILE A 54 42.84 20.17 6.31
CA ILE A 54 43.10 21.28 5.40
C ILE A 54 43.30 22.52 6.25
N ASP A 55 44.48 23.18 6.19
CA ASP A 55 44.88 24.22 7.17
C ASP A 55 44.61 23.72 8.59
N GLU A 56 45.04 22.50 8.90
CA GLU A 56 44.97 21.91 10.24
C GLU A 56 43.55 21.83 10.84
N GLN A 57 42.48 21.93 10.06
CA GLN A 57 41.13 21.55 10.52
C GLN A 57 40.76 20.22 9.88
N LEU A 58 40.11 19.33 10.63
CA LEU A 58 39.76 17.98 10.20
C LEU A 58 38.58 18.01 9.24
N THR A 59 38.73 17.60 7.98
CA THR A 59 37.63 17.60 7.01
C THR A 59 37.21 16.16 6.64
N SER A 60 38.14 15.22 6.53
CA SER A 60 37.81 13.82 6.28
C SER A 60 38.46 12.91 7.31
N GLN A 61 38.08 11.65 7.34
CA GLN A 61 38.46 10.75 8.39
C GLN A 61 38.15 9.33 7.94
N VAL A 62 39.04 8.36 8.14
CA VAL A 62 38.76 6.93 7.96
C VAL A 62 39.28 6.18 9.18
N ALA A 64 40.37 2.43 11.00
CA ALA A 64 40.80 1.08 10.66
C ALA A 64 40.87 0.28 11.95
N THR A 65 39.86 -0.49 12.34
CA THR A 65 39.91 -1.31 13.54
C THR A 65 40.65 -2.62 13.23
N PRO A 66 41.66 -2.95 14.03
CA PRO A 66 42.38 -4.18 13.84
C PRO A 66 41.53 -5.36 14.29
N PHE A 67 41.33 -6.38 13.45
CA PHE A 67 40.62 -7.59 13.82
C PHE A 67 41.49 -8.77 13.47
N GLN A 68 41.15 -9.96 13.96
CA GLN A 68 41.61 -11.21 13.38
C GLN A 68 40.44 -11.91 12.75
N VAL A 69 40.64 -12.56 11.61
CA VAL A 69 39.65 -13.48 11.06
C VAL A 69 40.16 -14.90 11.01
N ASN A 70 39.26 -15.88 10.94
CA ASN A 70 39.57 -17.29 10.83
C ASN A 70 39.30 -17.67 9.40
N PHE A 71 40.29 -17.78 8.55
CA PHE A 71 40.10 -18.13 7.16
C PHE A 71 40.47 -19.60 6.99
N HIS A 72 39.53 -20.52 7.23
CA HIS A 72 39.71 -21.95 7.01
C HIS A 72 40.85 -22.50 7.86
N GLY A 73 40.92 -22.13 9.13
CA GLY A 73 41.98 -22.59 10.02
C GLY A 73 43.05 -21.54 10.22
N VAL A 74 43.42 -20.74 9.22
CA VAL A 74 44.51 -19.77 9.29
C VAL A 74 43.98 -18.48 9.86
N ARG A 75 44.62 -17.93 10.90
CA ARG A 75 44.31 -16.64 11.49
C ARG A 75 45.02 -15.54 10.73
N TYR A 76 44.29 -14.59 10.16
CA TYR A 76 44.83 -13.46 9.45
C TYR A 76 44.55 -12.15 10.18
N PRO A 77 45.53 -11.24 10.26
CA PRO A 77 45.25 -9.88 10.72
C PRO A 77 44.43 -9.08 9.70
N ALA A 79 42.18 -5.36 8.78
CA ALA A 79 41.79 -3.98 9.11
C ALA A 79 40.31 -3.82 8.78
N GLY A 80 39.44 -3.56 9.75
CA GLY A 80 38.02 -3.34 9.53
C GLY A 80 37.78 -1.86 9.34
N ILE A 81 37.55 -1.37 8.11
CA ILE A 81 37.41 0.06 7.81
C ILE A 81 36.00 0.57 8.14
N GLY A 82 35.86 1.75 8.69
CA GLY A 82 34.58 2.23 9.16
C GLY A 82 34.61 3.71 9.48
N TYR A 83 33.46 4.29 9.80
CA TYR A 83 33.26 5.72 9.95
C TYR A 83 34.02 6.52 8.93
N VAL A 84 33.97 6.20 7.64
CA VAL A 84 34.48 7.08 6.58
C VAL A 84 33.61 8.32 6.47
N ALA A 85 34.08 9.48 6.89
CA ALA A 85 33.26 10.71 7.00
C ALA A 85 33.97 11.88 6.33
N SER A 86 33.27 12.77 5.64
CA SER A 86 33.79 14.01 5.07
C SER A 86 32.83 15.14 5.38
N TYR A 87 33.28 16.35 5.62
CA TYR A 87 32.39 17.50 5.65
C TYR A 87 32.07 17.88 4.21
N PRO A 88 30.83 18.32 4.01
CA PRO A 88 30.31 18.66 2.69
C PRO A 88 30.94 19.87 2.01
N GLU A 89 31.46 20.86 2.73
CA GLU A 89 32.09 22.05 2.14
C GLU A 89 33.37 21.69 1.39
N TYR A 90 33.98 20.53 1.65
CA TYR A 90 35.25 20.16 1.07
C TYR A 90 35.00 19.13 -0.02
N ARG A 91 34.49 19.56 -1.16
CA ARG A 91 34.20 18.72 -2.30
C ARG A 91 35.42 18.78 -3.21
N GLY A 92 35.89 17.66 -3.78
CA GLY A 92 36.98 17.71 -4.75
C GLY A 92 38.31 18.12 -4.13
N GLU A 93 38.55 17.87 -2.84
CA GLU A 93 39.85 18.11 -2.20
C GLU A 93 40.66 16.81 -2.18
N GLY A 94 40.05 15.65 -2.43
CA GLY A 94 40.77 14.37 -2.48
C GLY A 94 41.17 13.87 -1.11
N GLY A 95 40.45 14.22 -0.04
CA GLY A 95 40.81 13.86 1.32
C GLY A 95 40.71 12.37 1.61
N ILE A 96 39.68 11.67 1.14
CA ILE A 96 39.53 10.24 1.37
C ILE A 96 40.57 9.49 0.52
N SER A 97 40.80 9.87 -0.75
CA SER A 97 41.81 9.20 -1.56
C SER A 97 43.18 9.36 -0.93
N ALA A 98 43.52 10.52 -0.38
CA ALA A 98 44.78 10.76 0.29
C ALA A 98 44.85 9.95 1.58
N ILE A 99 43.80 9.84 2.40
CA ILE A 99 43.81 8.96 3.58
C ILE A 99 44.00 7.50 3.14
N LYS A 101 45.41 6.16 0.44
CA LYS A 101 46.74 5.88 -0.04
C LYS A 101 47.71 5.75 1.14
N GLU A 102 47.71 6.69 2.09
CA GLU A 102 48.62 6.67 3.24
C GLU A 102 48.23 5.56 4.18
N LEU A 104 46.52 2.55 3.53
CA LEU A 104 46.76 1.23 2.96
C LEU A 104 48.27 0.92 3.08
N ALA A 105 49.17 1.85 2.74
CA ALA A 105 50.63 1.74 2.91
C ALA A 105 50.96 1.40 4.34
N ASP A 106 50.41 2.10 5.30
CA ASP A 106 50.74 1.88 6.69
C ASP A 106 50.23 0.53 7.22
N LEU A 107 49.11 -0.01 6.74
CA LEU A 107 48.65 -1.36 7.08
C LEU A 107 49.54 -2.43 6.43
N ALA A 108 50.04 -2.21 5.21
CA ALA A 108 51.01 -3.06 4.54
C ALA A 108 52.31 -3.16 5.37
N LYS A 109 52.89 -2.03 5.80
CA LYS A 109 54.07 -1.97 6.67
C LYS A 109 53.87 -2.85 7.89
N GLN A 110 52.68 -2.86 8.50
CA GLN A 110 52.33 -3.70 9.66
C GLN A 110 51.90 -5.11 9.23
N LYS A 111 51.93 -5.46 7.95
CA LYS A 111 51.79 -6.84 7.47
C LYS A 111 50.36 -7.32 7.65
N VAL A 112 49.37 -6.44 7.57
CA VAL A 112 47.95 -6.80 7.58
C VAL A 112 47.67 -7.60 6.29
N ALA A 113 46.99 -8.74 6.38
CA ALA A 113 46.69 -9.55 5.22
C ALA A 113 45.46 -8.96 4.52
N LEU A 114 44.39 -8.64 5.26
CA LEU A 114 43.09 -8.32 4.68
C LEU A 114 42.48 -7.06 5.24
N SER A 115 41.48 -6.51 4.54
CA SER A 115 40.69 -5.41 5.04
C SER A 115 39.27 -5.57 4.54
N TYR A 116 38.26 -5.38 5.39
CA TYR A 116 36.86 -5.48 5.02
C TYR A 116 36.23 -4.13 5.23
N LEU A 117 35.20 -3.76 4.45
CA LEU A 117 34.41 -2.56 4.72
C LEU A 117 32.98 -2.69 4.22
N ALA A 118 32.05 -1.92 4.77
CA ALA A 118 30.63 -1.93 4.37
C ALA A 118 30.44 -0.68 3.57
N PRO A 119 30.27 -0.76 2.25
CA PRO A 119 30.29 0.42 1.40
C PRO A 119 28.94 1.09 1.26
N PHE A 120 28.83 2.40 1.36
CA PHE A 120 27.65 3.13 0.92
C PHE A 120 27.61 3.18 -0.58
N SER A 121 28.69 2.89 -1.29
CA SER A 121 28.71 2.84 -2.76
C SER A 121 29.83 1.92 -3.17
N TYR A 122 29.56 0.92 -4.01
CA TYR A 122 30.55 -0.07 -4.39
C TYR A 122 31.57 0.56 -5.33
N PRO A 123 31.16 1.25 -6.39
CA PRO A 123 32.16 1.89 -7.26
C PRO A 123 33.08 2.85 -6.49
N PHE A 124 32.60 3.58 -5.48
CA PHE A 124 33.45 4.49 -4.70
C PHE A 124 34.63 3.73 -4.09
N TYR A 125 34.45 2.59 -3.46
CA TYR A 125 35.56 1.86 -2.85
C TYR A 125 36.31 0.95 -3.82
N ARG A 126 35.76 0.63 -4.99
CA ARG A 126 36.44 -0.22 -5.95
C ARG A 126 37.65 0.53 -6.49
N GLN A 127 37.64 1.86 -6.52
CA GLN A 127 38.79 2.63 -7.01
C GLN A 127 40.03 2.39 -6.12
N TYR A 128 39.86 2.01 -4.85
CA TYR A 128 40.97 1.75 -3.95
C TYR A 128 41.31 0.26 -3.85
N GLY A 129 40.83 -0.62 -4.74
CA GLY A 129 41.20 -2.03 -4.76
C GLY A 129 40.17 -2.94 -4.09
N TYR A 130 39.14 -2.41 -3.42
CA TYR A 130 38.16 -3.24 -2.74
C TYR A 130 37.20 -3.85 -3.72
N GLU A 131 36.60 -5.01 -3.40
CA GLU A 131 35.64 -5.66 -4.27
C GLU A 131 34.68 -6.45 -3.47
N GLN A 132 33.42 -6.58 -3.90
CA GLN A 132 32.43 -7.40 -3.22
C GLN A 132 32.86 -8.86 -3.08
N THR A 133 32.89 -9.34 -1.84
CA THR A 133 33.24 -10.70 -1.50
C THR A 133 32.24 -11.29 -0.46
N PHE A 134 31.30 -10.54 0.12
CA PHE A 134 30.29 -11.09 1.04
C PHE A 134 28.84 -10.73 0.65
N GLU A 135 27.88 -11.59 0.98
CA GLU A 135 26.43 -11.41 0.75
C GLU A 135 25.71 -11.83 2.04
N GLN A 136 24.49 -11.34 2.26
CA GLN A 136 23.70 -11.72 3.39
C GLN A 136 22.38 -12.35 2.85
N ALA A 137 21.71 -13.18 3.64
CA ALA A 137 20.42 -13.73 3.33
C ALA A 137 19.46 -13.09 4.32
N GLU A 138 18.36 -12.46 3.85
CA GLU A 138 17.33 -11.91 4.69
C GLU A 138 16.13 -12.86 4.64
N TYR A 139 15.83 -13.58 5.73
CA TYR A 139 14.65 -14.43 5.86
C TYR A 139 13.53 -13.68 6.55
N THR A 140 12.32 -13.75 6.05
CA THR A 140 11.14 -13.22 6.70
C THR A 140 10.09 -14.33 6.70
N ILE A 141 9.45 -14.66 7.81
CA ILE A 141 8.50 -15.74 7.84
C ILE A 141 7.29 -15.34 8.66
N LYS A 142 6.08 -15.52 8.14
CA LYS A 142 4.85 -15.20 8.84
C LYS A 142 4.74 -16.09 10.08
N THR A 143 4.18 -15.60 11.19
CA THR A 143 4.14 -16.35 12.45
C THR A 143 3.45 -17.71 12.28
N GLU A 144 2.39 -17.79 11.49
CA GLU A 144 1.69 -19.05 11.21
C GLU A 144 2.57 -20.04 10.47
N ASP A 145 3.50 -19.59 9.62
CA ASP A 145 4.41 -20.48 8.90
C ASP A 145 5.62 -20.97 9.72
N TRP A 146 5.86 -20.54 10.96
CA TRP A 146 6.94 -21.10 11.76
C TRP A 146 6.60 -22.57 12.06
N PRO A 147 7.50 -23.49 11.72
CA PRO A 147 7.20 -24.93 11.80
C PRO A 147 7.08 -25.48 13.21
N ARG A 148 6.26 -26.50 13.46
CA ARG A 148 6.21 -27.23 14.70
C ARG A 148 7.47 -28.03 14.85
N VAL A 149 8.14 -27.96 15.99
CA VAL A 149 9.39 -28.64 16.24
C VAL A 149 9.15 -29.50 17.45
N LYS A 150 9.30 -30.82 17.35
CA LYS A 150 9.21 -31.74 18.48
C LYS A 150 10.28 -31.39 19.51
N ARG A 151 10.01 -31.54 20.81
CA ARG A 151 10.99 -31.26 21.83
C ARG A 151 12.15 -32.23 21.76
N VAL A 152 13.25 -31.91 22.43
CA VAL A 152 14.55 -32.51 22.16
C VAL A 152 15.33 -32.49 23.48
N PRO A 153 16.15 -33.52 23.75
CA PRO A 153 16.97 -33.55 24.98
C PRO A 153 17.94 -32.35 25.13
N GLY A 154 18.35 -32.00 26.34
CA GLY A 154 19.18 -30.83 26.60
C GLY A 154 18.41 -29.78 27.35
N THR A 155 18.99 -28.63 27.68
CA THR A 155 18.32 -27.53 28.38
C THR A 155 18.55 -26.19 27.71
N ILE A 156 17.56 -25.29 27.69
CA ILE A 156 17.80 -23.91 27.25
C ILE A 156 17.75 -23.03 28.47
N LYS A 157 18.70 -22.11 28.64
CA LYS A 157 18.66 -21.12 29.72
C LYS A 157 18.57 -19.72 29.15
N ARG A 158 17.62 -18.88 29.56
CA ARG A 158 17.67 -17.47 29.23
C ARG A 158 18.70 -16.91 30.17
N VAL A 159 19.50 -15.94 29.76
CA VAL A 159 20.76 -15.64 30.42
C VAL A 159 20.96 -14.14 30.37
N SER A 160 21.53 -13.51 31.37
CA SER A 160 21.86 -12.09 31.28
C SER A 160 23.11 -11.96 30.38
N TRP A 161 23.45 -10.81 29.86
CA TRP A 161 24.60 -10.69 29.01
C TRP A 161 25.85 -10.96 29.85
N ALA A 162 25.90 -10.45 31.08
CA ALA A 162 27.02 -10.63 31.98
C ALA A 162 27.25 -12.10 32.18
N ASP A 163 26.22 -12.92 32.33
CA ASP A 163 26.39 -14.32 32.70
C ASP A 163 26.67 -15.19 31.49
N GLY A 164 26.22 -14.89 30.29
CA GLY A 164 26.42 -15.79 29.16
C GLY A 164 27.32 -15.24 28.07
N LYS A 165 27.96 -14.08 28.21
CA LYS A 165 28.78 -13.52 27.14
C LYS A 165 29.98 -14.41 26.80
N GLU A 166 30.63 -15.09 27.75
CA GLU A 166 31.79 -15.93 27.47
C GLU A 166 31.33 -17.22 26.80
N VAL A 167 30.30 -17.88 27.30
CA VAL A 167 29.75 -19.10 26.69
C VAL A 167 29.36 -18.79 25.24
N ILE A 168 28.76 -17.62 24.96
CA ILE A 168 28.34 -17.22 23.62
C ILE A 168 29.56 -16.99 22.73
N LYS A 169 30.61 -16.38 23.24
CA LYS A 169 31.83 -16.19 22.48
C LYS A 169 32.42 -17.54 22.12
N ASP A 170 32.48 -18.51 23.05
CA ASP A 170 33.05 -19.82 22.78
C ASP A 170 32.28 -20.54 21.68
N VAL A 171 30.94 -20.60 21.76
CA VAL A 171 30.09 -21.34 20.85
C VAL A 171 30.19 -20.74 19.46
N TYR A 172 30.17 -19.42 19.34
CA TYR A 172 30.41 -18.73 18.09
C TYR A 172 31.75 -19.08 17.48
N LEU A 173 32.86 -18.97 18.22
CA LEU A 173 34.21 -19.22 17.69
C LEU A 173 34.36 -20.63 17.12
N GLU A 174 33.72 -21.62 17.74
CA GLU A 174 33.74 -23.01 17.37
C GLU A 174 32.83 -23.32 16.19
N ASN A 175 31.76 -22.58 15.91
CA ASN A 175 30.81 -22.95 14.86
C ASN A 175 31.42 -22.72 13.50
N GLN A 176 31.07 -23.54 12.52
CA GLN A 176 31.80 -23.64 11.26
C GLN A 176 31.57 -22.43 10.35
N ARG A 177 30.49 -21.67 10.53
CA ARG A 177 30.27 -20.44 9.77
C ARG A 177 31.24 -19.36 10.24
N ALA A 178 31.85 -19.49 11.40
CA ALA A 178 32.88 -18.59 11.90
C ALA A 178 34.25 -18.83 11.27
N HIS A 179 34.47 -19.90 10.48
CA HIS A 179 35.79 -20.29 10.00
C HIS A 179 35.96 -20.05 8.51
N SER A 180 35.22 -19.16 7.87
CA SER A 180 35.37 -18.82 6.44
C SER A 180 35.63 -17.32 6.26
N GLY A 181 36.58 -16.70 6.95
CA GLY A 181 36.80 -15.27 6.87
C GLY A 181 36.06 -14.51 7.96
N GLY A 182 35.36 -15.20 8.87
CA GLY A 182 34.63 -14.57 9.94
C GLY A 182 35.54 -13.98 11.00
N VAL A 183 35.13 -12.90 11.66
CA VAL A 183 35.91 -12.26 12.70
C VAL A 183 36.05 -13.18 13.89
N ILE A 184 37.26 -13.26 14.46
CA ILE A 184 37.55 -13.89 15.75
C ILE A 184 37.24 -12.83 16.78
N ARG A 185 36.12 -12.90 17.49
CA ARG A 185 35.63 -11.77 18.26
C ARG A 185 36.30 -11.65 19.60
N GLU A 186 36.91 -10.50 19.92
CA GLU A 186 37.39 -10.20 21.25
C GLU A 186 36.22 -9.88 22.16
N THR A 187 36.39 -10.00 23.48
CA THR A 187 35.35 -9.72 24.48
C THR A 187 34.82 -8.27 24.39
N TRP A 188 35.67 -7.26 24.18
CA TRP A 188 35.23 -5.87 24.10
C TRP A 188 34.33 -5.67 22.89
N TRP A 189 34.61 -6.30 21.76
CA TRP A 189 33.82 -6.12 20.54
C TRP A 189 32.46 -6.78 20.70
N LEU A 190 32.37 -7.93 21.33
CA LEU A 190 31.10 -8.58 21.63
C LEU A 190 30.27 -7.69 22.61
N ASP A 191 30.86 -6.98 23.56
CA ASP A 191 30.13 -6.00 24.38
C ASP A 191 29.70 -4.84 23.50
N TYR A 192 30.62 -4.28 22.74
CA TYR A 192 30.35 -3.14 21.90
C TYR A 192 29.18 -3.45 20.97
N THR A 193 29.18 -4.53 20.19
CA THR A 193 28.16 -4.75 19.18
C THR A 193 26.85 -5.28 19.80
N LEU A 194 26.88 -6.13 20.84
CA LEU A 194 25.70 -6.91 21.25
C LEU A 194 25.26 -6.62 22.68
N ASN A 195 25.81 -5.62 23.35
CA ASN A 195 25.36 -5.20 24.66
C ASN A 195 25.14 -3.70 24.70
N ARG A 196 24.04 -3.19 24.18
CA ARG A 196 23.69 -1.77 24.29
C ARG A 196 22.35 -1.60 25.02
N ALA A 197 22.23 -0.71 25.98
CA ALA A 197 20.94 -0.45 26.64
C ALA A 197 20.05 0.43 25.74
N SER A 198 20.54 1.02 24.64
CA SER A 198 19.69 1.69 23.63
C SER A 198 18.83 0.67 22.89
N LYS A 199 19.40 -0.46 22.44
CA LYS A 199 18.67 -1.50 21.71
C LYS A 199 18.98 -2.87 22.34
N PRO A 200 18.40 -3.11 23.52
CA PRO A 200 18.74 -4.28 24.33
C PRO A 200 18.19 -5.61 23.77
N ASN A 201 18.95 -6.69 23.82
CA ASN A 201 18.55 -8.00 23.33
C ASN A 201 18.29 -8.96 24.47
N ASN A 202 17.60 -10.07 24.22
CA ASN A 202 17.54 -11.20 25.13
C ASN A 202 18.48 -12.26 24.61
N GLN A 203 18.88 -13.24 25.42
CA GLN A 203 19.79 -14.30 24.99
C GLN A 203 19.36 -15.58 25.61
N ALA A 204 19.53 -16.69 24.92
CA ALA A 204 19.30 -17.99 25.49
C ALA A 204 20.38 -18.93 24.98
N ILE A 205 20.90 -19.81 25.83
CA ILE A 205 21.97 -20.74 25.51
C ILE A 205 21.42 -22.14 25.55
N TYR A 206 21.71 -22.99 24.57
CA TYR A 206 21.34 -24.40 24.62
C TYR A 206 22.47 -25.20 25.26
N TYR A 207 22.16 -26.02 26.27
CA TYR A 207 23.11 -26.98 26.81
C TYR A 207 22.75 -28.42 26.45
N SER A 208 23.71 -29.29 26.19
CA SER A 208 23.45 -30.69 25.87
C SER A 208 23.00 -31.40 27.10
N SER A 209 22.46 -32.61 26.99
CA SER A 209 22.20 -33.46 28.14
C SER A 209 23.51 -33.79 28.91
N GLU A 210 24.70 -33.73 28.30
CA GLU A 210 25.96 -33.86 29.06
C GLU A 210 26.28 -32.55 29.76
N GLY A 211 25.61 -31.44 29.42
CA GLY A 211 25.82 -30.13 30.04
C GLY A 211 26.77 -29.26 29.26
N LYS A 212 27.05 -29.52 27.98
CA LYS A 212 27.92 -28.71 27.15
C LYS A 212 27.10 -27.70 26.35
N ALA A 213 27.51 -26.43 26.28
CA ALA A 213 26.86 -25.39 25.51
C ALA A 213 27.04 -25.71 24.04
N GLU A 214 25.98 -25.96 23.28
CA GLU A 214 26.09 -26.31 21.87
C GLU A 214 25.35 -25.31 20.99
N GLY A 215 24.77 -24.24 21.54
CA GLY A 215 24.08 -23.24 20.73
C GLY A 215 23.57 -22.04 21.52
N TYR A 216 23.22 -20.96 20.86
CA TYR A 216 22.60 -19.82 21.50
C TYR A 216 21.78 -19.02 20.47
N VAL A 217 20.79 -18.25 20.93
CA VAL A 217 20.10 -17.27 20.15
C VAL A 217 20.17 -15.93 20.88
N ILE A 218 20.51 -14.87 20.18
CA ILE A 218 20.25 -13.52 20.61
C ILE A 218 19.06 -13.00 19.83
N TYR A 219 18.11 -12.29 20.47
CA TYR A 219 16.85 -11.90 19.86
C TYR A 219 16.15 -10.75 20.54
N ARG A 220 15.11 -10.19 19.92
CA ARG A 220 14.23 -9.20 20.54
C ARG A 220 12.95 -9.12 19.75
N ILE A 221 11.85 -8.66 20.37
CA ILE A 221 10.58 -8.48 19.73
C ILE A 221 10.32 -6.98 19.60
N ALA A 222 9.95 -6.46 18.44
CA ALA A 222 9.71 -5.03 18.23
C ALA A 222 8.74 -4.85 17.07
N ALA A 223 7.76 -3.95 17.13
CA ALA A 223 6.91 -3.65 15.97
C ALA A 223 6.37 -4.97 15.37
N GLY A 224 5.85 -5.89 16.18
CA GLY A 224 5.28 -7.15 15.71
C GLY A 224 6.27 -8.22 15.26
N THR A 225 7.57 -7.97 15.20
CA THR A 225 8.51 -8.92 14.64
C THR A 225 9.47 -9.44 15.67
N PHE A 226 9.62 -10.77 15.77
CA PHE A 226 10.71 -11.45 16.45
C PHE A 226 11.94 -11.33 15.57
N GLU A 227 12.96 -10.60 16.02
CA GLU A 227 14.19 -10.40 15.31
C GLU A 227 15.22 -11.41 15.83
N ILE A 228 15.62 -12.39 15.03
CA ILE A 228 16.73 -13.27 15.33
C ILE A 228 17.94 -12.42 15.00
N VAL A 229 18.62 -11.87 16.00
CA VAL A 229 19.77 -11.02 15.85
C VAL A 229 20.93 -11.91 15.51
N GLU A 230 21.04 -13.05 16.16
CA GLU A 230 22.07 -14.01 15.89
C GLU A 230 21.62 -15.37 16.38
N TRP A 231 21.96 -16.44 15.68
CA TRP A 231 21.54 -17.80 16.00
C TRP A 231 22.62 -18.75 15.52
N ASN A 232 23.32 -19.43 16.41
CA ASN A 232 24.41 -20.32 16.07
C ASN A 232 24.26 -21.63 16.79
N TYR A 233 24.57 -22.76 16.16
CA TYR A 233 24.40 -24.06 16.74
C TYR A 233 25.54 -24.96 16.28
N LEU A 234 26.03 -25.84 17.14
CA LEU A 234 27.11 -26.76 16.85
C LEU A 234 26.57 -28.17 16.63
N THR A 235 25.27 -28.47 16.81
CA THR A 235 24.72 -29.82 16.59
C THR A 235 23.29 -29.69 16.03
N ASN A 236 22.70 -30.73 15.45
CA ASN A 236 21.34 -30.72 15.02
C ASN A 236 20.39 -30.66 16.22
N THR A 237 20.71 -31.27 17.35
CA THR A 237 19.75 -31.32 18.45
C THR A 237 19.68 -29.90 19.08
N ALA A 238 20.75 -29.10 18.97
CA ALA A 238 20.78 -27.70 19.40
C ALA A 238 19.99 -26.87 18.40
N PHE A 239 20.12 -27.12 17.10
CA PHE A 239 19.36 -26.46 16.07
C PHE A 239 17.89 -26.61 16.38
N LYS A 240 17.39 -27.82 16.59
CA LYS A 240 15.98 -28.10 16.85
C LYS A 240 15.50 -27.66 18.22
N ALA A 241 16.31 -27.59 19.27
CA ALA A 241 15.85 -27.16 20.57
C ALA A 241 15.63 -25.65 20.50
N LEU A 242 16.55 -24.90 19.85
CA LEU A 242 16.45 -23.45 19.71
C LEU A 242 15.43 -23.06 18.67
N ALA A 243 15.23 -23.79 17.56
CA ALA A 243 14.13 -23.52 16.64
C ALA A 243 12.81 -23.61 17.38
N GLY A 244 12.60 -24.61 18.22
CA GLY A 244 11.35 -24.78 18.95
C GLY A 244 11.19 -23.73 20.01
N PHE A 245 12.28 -23.21 20.57
CA PHE A 245 12.30 -22.12 21.55
C PHE A 245 11.87 -20.80 20.92
N ILE A 246 12.44 -20.44 19.76
CA ILE A 246 12.03 -19.30 18.98
C ILE A 246 10.53 -19.45 18.67
N GLY A 247 10.09 -20.59 18.14
CA GLY A 247 8.72 -20.79 17.77
C GLY A 247 7.75 -20.59 18.91
N SER A 248 8.11 -20.88 20.16
CA SER A 248 7.21 -20.69 21.31
C SER A 248 6.75 -19.26 21.44
N HIS A 249 7.38 -18.30 20.78
CA HIS A 249 6.94 -16.90 20.79
C HIS A 249 5.99 -16.59 19.66
N SER A 250 5.53 -17.56 18.89
CA SER A 250 4.79 -17.29 17.65
C SER A 250 3.43 -16.71 18.00
N GLY A 251 2.84 -17.07 19.14
CA GLY A 251 1.54 -16.54 19.54
C GLY A 251 1.64 -15.11 20.01
N SER A 252 2.80 -14.48 19.96
CA SER A 252 3.03 -13.19 20.56
C SER A 252 3.59 -12.21 19.53
N VAL A 253 3.57 -12.54 18.23
CA VAL A 253 4.28 -11.77 17.23
C VAL A 253 3.71 -12.09 15.86
N GLN A 254 3.92 -11.24 14.84
CA GLN A 254 3.30 -11.41 13.52
C GLN A 254 4.25 -12.10 12.55
N SER A 255 5.57 -12.02 12.79
CA SER A 255 6.53 -12.57 11.87
C SER A 255 7.88 -12.74 12.55
N PHE A 256 8.82 -13.43 11.92
CA PHE A 256 10.16 -13.69 12.40
C PHE A 256 11.09 -13.17 11.32
N HIS A 257 12.25 -12.66 11.65
CA HIS A 257 13.05 -12.02 10.64
C HIS A 257 14.47 -12.31 10.99
N TRP A 258 15.32 -12.66 10.05
CA TRP A 258 16.68 -13.01 10.35
C TRP A 258 17.53 -12.60 9.21
N ILE A 259 18.59 -11.81 9.41
CA ILE A 259 19.60 -11.58 8.38
C ILE A 259 20.87 -12.26 8.82
N ASN A 260 21.46 -13.17 8.08
CA ASN A 260 22.77 -13.73 8.42
C ASN A 260 23.64 -13.80 7.19
N GLY A 261 24.87 -14.29 7.28
CA GLY A 261 25.79 -14.39 6.14
C GLY A 261 25.35 -15.48 5.17
N PHE A 262 25.42 -15.23 3.86
CA PHE A 262 24.99 -16.17 2.86
C PHE A 262 26.18 -16.89 2.22
N ALA A 263 26.19 -18.22 2.23
CA ALA A 263 27.29 -19.05 1.79
C ALA A 263 26.91 -19.84 0.56
N GLY A 264 25.87 -19.49 -0.18
CA GLY A 264 25.49 -20.23 -1.37
C GLY A 264 24.20 -21.03 -1.25
N LYS A 265 23.74 -21.37 -0.06
CA LYS A 265 22.57 -22.21 0.13
C LYS A 265 21.78 -21.73 1.33
N ASP A 266 20.47 -21.53 1.19
CA ASP A 266 19.63 -20.93 2.22
C ASP A 266 18.91 -21.97 3.05
N LEU A 267 18.36 -21.60 4.20
CA LEU A 267 17.78 -22.55 5.14
C LEU A 267 16.35 -22.94 4.80
N ASN A 268 15.69 -22.30 3.83
CA ASN A 268 14.27 -22.48 3.54
C ASN A 268 13.88 -23.95 3.43
N ASP A 269 14.64 -24.77 2.73
CA ASP A 269 14.31 -26.18 2.53
C ASP A 269 14.49 -27.04 3.78
N LEU A 270 15.13 -26.58 4.86
CA LEU A 270 15.17 -27.30 6.13
C LEU A 270 13.77 -27.42 6.75
N PRO A 272 9.58 -28.28 6.34
CA PRO A 272 8.68 -29.11 5.53
C PRO A 272 7.98 -28.28 4.44
N THR A 273 7.57 -27.04 4.76
CA THR A 273 7.01 -26.07 3.85
C THR A 273 8.04 -24.97 3.70
N PRO A 274 8.61 -24.75 2.52
CA PRO A 274 9.58 -23.66 2.35
C PRO A 274 8.92 -22.26 2.41
N ALA A 275 8.38 -21.84 3.55
CA ALA A 275 7.53 -20.64 3.62
C ALA A 275 8.30 -19.36 3.89
N ALA A 276 9.63 -19.34 3.99
CA ALA A 276 10.35 -18.09 4.21
C ALA A 276 10.45 -17.30 2.91
N SER A 277 10.44 -15.98 2.97
CA SER A 277 10.78 -15.13 1.86
C SER A 277 12.28 -14.88 1.97
N VAL A 278 13.10 -15.17 0.96
CA VAL A 278 14.55 -15.11 1.07
C VAL A 278 15.09 -14.07 0.08
N LYS A 279 15.72 -12.99 0.53
CA LYS A 279 16.42 -12.02 -0.32
C LYS A 279 17.92 -12.17 -0.15
N ILE A 280 18.71 -12.10 -1.21
CA ILE A 280 20.13 -12.08 -1.10
C ILE A 280 20.58 -10.67 -1.26
N LEU A 281 21.33 -10.13 -0.30
CA LEU A 281 21.69 -8.73 -0.24
C LEU A 281 23.17 -8.60 -0.47
N PRO A 282 23.58 -7.65 -1.28
CA PRO A 282 25.02 -7.37 -1.36
C PRO A 282 25.54 -6.99 0.02
N TYR A 283 26.73 -7.37 0.44
CA TYR A 283 27.26 -6.97 1.72
C TYR A 283 28.69 -6.50 1.52
N ALA A 286 36.12 -6.45 0.32
CA ALA A 286 37.39 -6.85 0.91
C ALA A 286 38.52 -6.53 -0.03
N ARG A 287 39.75 -6.37 0.47
CA ARG A 287 40.89 -6.55 -0.41
C ARG A 287 42.01 -7.27 0.34
N ILE A 288 42.85 -8.05 -0.36
CA ILE A 288 44.14 -8.44 0.14
C ILE A 288 44.93 -7.17 0.28
N VAL A 289 45.62 -6.95 1.39
CA VAL A 289 46.40 -5.74 1.61
C VAL A 289 47.87 -6.08 1.35
N GLU A 290 48.46 -7.03 2.07
CA GLU A 290 49.83 -7.45 1.85
C GLU A 290 49.79 -8.84 1.24
N LEU A 291 49.98 -8.96 -0.08
CA LEU A 291 49.86 -10.22 -0.81
C LEU A 291 50.81 -11.29 -0.32
N GLN A 292 52.06 -10.99 -0.03
CA GLN A 292 52.99 -12.02 0.34
C GLN A 292 52.65 -12.58 1.70
N THR A 293 52.32 -11.79 2.72
CA THR A 293 51.81 -12.38 3.98
C THR A 293 50.61 -13.24 3.67
N PHE A 294 49.62 -12.72 2.98
CA PHE A 294 48.37 -13.42 2.72
C PHE A 294 48.65 -14.75 2.03
N LEU A 295 49.42 -14.76 0.94
CA LEU A 295 49.72 -15.98 0.20
C LEU A 295 50.64 -16.94 0.97
N GLU A 296 51.67 -16.48 1.66
CA GLU A 296 52.57 -17.35 2.44
C GLU A 296 51.85 -18.10 3.54
N LYS A 297 50.78 -17.58 4.13
CA LYS A 297 50.00 -18.27 5.14
C LYS A 297 48.75 -18.98 4.53
N TYR A 298 48.47 -18.88 3.24
CA TYR A 298 47.21 -19.38 2.69
C TYR A 298 47.08 -20.90 2.76
N PRO A 299 45.92 -21.40 3.18
CA PRO A 299 45.74 -22.83 3.33
C PRO A 299 45.37 -23.53 2.00
N PHE A 300 46.32 -23.75 1.09
CA PHE A 300 46.03 -24.42 -0.18
C PHE A 300 45.66 -25.89 0.04
N GLN A 301 44.94 -26.50 -0.88
CA GLN A 301 44.62 -27.91 -0.83
C GLN A 301 45.90 -28.68 -1.01
N SER A 302 46.02 -29.87 -0.43
CA SER A 302 47.13 -30.74 -0.69
C SER A 302 46.96 -31.27 -2.11
N GLY A 303 48.04 -31.73 -2.72
CA GLY A 303 48.04 -32.16 -4.11
C GLY A 303 49.47 -32.31 -4.56
N GLU A 304 49.85 -31.86 -5.75
CA GLU A 304 51.21 -32.03 -6.26
C GLU A 304 52.03 -30.80 -5.99
N LYS A 305 53.35 -30.83 -6.13
CA LYS A 305 54.16 -29.62 -6.15
C LYS A 305 53.81 -28.88 -7.44
N GLU A 306 53.41 -27.62 -7.38
CA GLU A 306 53.00 -26.85 -8.54
C GLU A 306 53.57 -25.46 -8.45
N THR A 307 53.97 -24.83 -9.56
CA THR A 307 54.43 -23.45 -9.58
C THR A 307 53.45 -22.64 -10.40
N TYR A 308 52.98 -21.49 -9.90
CA TYR A 308 52.17 -20.57 -10.68
C TYR A 308 52.85 -19.22 -10.73
N SER A 309 52.84 -18.53 -11.88
CA SER A 309 53.31 -17.16 -11.96
C SER A 309 52.09 -16.25 -12.14
N LEU A 310 51.87 -15.29 -11.27
CA LEU A 310 50.69 -14.43 -11.25
C LEU A 310 51.14 -13.01 -11.45
N GLU A 311 50.47 -12.18 -12.25
CA GLU A 311 50.72 -10.74 -12.30
C GLU A 311 49.58 -9.99 -11.64
N ILE A 312 49.86 -9.01 -10.78
CA ILE A 312 48.84 -8.26 -10.05
C ILE A 312 48.83 -6.81 -10.54
N GLU A 313 47.67 -6.24 -10.88
CA GLU A 313 47.49 -4.79 -10.97
C GLU A 313 46.82 -4.30 -9.71
N ASP A 314 47.33 -3.25 -9.07
CA ASP A 314 46.86 -2.77 -7.80
C ASP A 314 47.41 -1.38 -7.56
N SER A 315 46.73 -0.32 -8.00
CA SER A 315 47.32 1.03 -7.98
C SER A 315 47.47 1.58 -6.57
N TYR A 316 46.55 1.31 -5.64
CA TYR A 316 46.67 1.81 -4.26
C TYR A 316 47.48 0.87 -3.39
N GLY A 317 48.02 -0.21 -3.93
CA GLY A 317 48.88 -1.15 -3.24
C GLY A 317 50.00 -1.54 -4.16
N PRO A 318 50.85 -0.56 -4.47
CA PRO A 318 51.96 -0.78 -5.40
C PRO A 318 52.94 -1.88 -4.94
N TRP A 319 53.10 -2.14 -3.64
CA TRP A 319 53.92 -3.25 -3.13
C TRP A 319 53.41 -4.60 -3.60
N ASN A 320 52.14 -4.76 -3.92
CA ASN A 320 51.61 -6.02 -4.47
C ASN A 320 51.78 -6.13 -5.98
N GLU A 321 52.11 -5.07 -6.73
CA GLU A 321 52.06 -5.14 -8.19
C GLU A 321 53.19 -5.96 -8.79
N GLY A 322 53.05 -6.35 -10.05
CA GLY A 322 54.08 -7.01 -10.83
C GLY A 322 53.88 -8.51 -10.79
N ILE A 323 54.86 -9.31 -11.19
CA ILE A 323 54.73 -10.75 -11.26
C ILE A 323 55.09 -11.35 -9.92
N TRP A 324 54.49 -12.46 -9.52
CA TRP A 324 54.88 -13.17 -8.32
C TRP A 324 55.00 -14.65 -8.64
N THR A 325 56.01 -15.33 -8.14
CA THR A 325 56.19 -16.74 -8.37
C THR A 325 55.72 -17.42 -7.10
N ILE A 326 54.77 -18.33 -7.18
CA ILE A 326 54.24 -19.03 -6.04
C ILE A 326 54.47 -20.52 -6.32
N THR A 327 55.18 -21.28 -5.49
CA THR A 327 55.21 -22.72 -5.68
C THR A 327 54.55 -23.37 -4.47
N ILE A 328 53.56 -24.25 -4.68
CA ILE A 328 52.76 -24.89 -3.62
C ILE A 328 53.19 -26.35 -3.46
N ASP A 329 53.64 -26.80 -2.29
CA ASP A 329 54.14 -28.17 -2.12
C ASP A 329 52.99 -29.19 -1.99
N GLU A 330 53.25 -30.50 -1.83
CA GLU A 330 52.15 -31.46 -1.78
C GLU A 330 51.25 -31.25 -0.57
N GLN A 331 51.73 -30.64 0.51
CA GLN A 331 50.89 -30.26 1.63
C GLN A 331 50.21 -28.94 1.25
N GLY A 332 49.88 -28.01 2.11
CA GLY A 332 49.36 -26.76 1.59
C GLY A 332 50.39 -25.70 1.25
N LYS A 333 51.65 -25.81 1.69
CA LYS A 333 52.47 -24.62 1.95
C LYS A 333 52.99 -23.96 0.68
N ALA A 334 52.75 -22.68 0.49
CA ALA A 334 53.29 -21.92 -0.60
C ALA A 334 54.55 -21.24 -0.12
N THR A 335 55.60 -21.18 -0.93
CA THR A 335 56.67 -20.20 -0.79
C THR A 335 56.44 -19.18 -1.91
N VAL A 336 56.51 -17.87 -1.63
CA VAL A 336 56.17 -16.80 -2.58
C VAL A 336 57.43 -16.00 -2.93
N THR A 337 57.61 -15.59 -4.17
CA THR A 337 58.84 -14.91 -4.61
C THR A 337 58.44 -13.74 -5.48
N LYS A 338 58.85 -12.52 -5.19
CA LYS A 338 58.51 -11.39 -6.05
C LYS A 338 59.32 -11.47 -7.33
N GLY A 339 58.78 -11.09 -8.48
CA GLY A 339 59.49 -11.17 -9.75
C GLY A 339 59.27 -12.51 -10.42
N ALA A 340 59.52 -12.61 -11.73
CA ALA A 340 59.40 -13.85 -12.49
C ALA A 340 60.60 -14.76 -12.20
N ALA A 341 60.77 -15.88 -12.91
CA ALA A 341 61.92 -16.78 -12.72
C ALA A 341 63.23 -16.17 -13.25
N THR A 346 56.12 -13.06 -19.37
CA THR A 346 56.09 -14.06 -18.30
C THR A 346 54.89 -13.81 -17.36
N ALA A 347 54.43 -14.80 -16.57
CA ALA A 347 53.15 -14.77 -15.79
C ALA A 347 52.05 -15.41 -16.60
N ALA A 348 51.65 -16.65 -16.28
CA ALA A 348 50.57 -17.33 -16.98
C ALA A 348 49.23 -16.66 -16.70
N LEU A 349 49.03 -16.04 -15.54
CA LEU A 349 47.73 -15.62 -15.07
C LEU A 349 47.78 -14.19 -14.58
N LYS A 350 46.86 -13.34 -15.00
CA LYS A 350 46.90 -11.92 -14.73
C LYS A 350 45.54 -11.40 -14.27
N ALA A 351 45.47 -10.46 -13.36
CA ALA A 351 44.22 -9.92 -12.90
C ALA A 351 44.49 -8.69 -12.05
N ASP A 352 43.53 -7.83 -11.80
CA ASP A 352 43.68 -6.77 -10.79
C ASP A 352 43.38 -7.31 -9.40
N ILE A 353 43.73 -6.59 -8.34
CA ILE A 353 43.69 -7.11 -6.98
C ILE A 353 42.25 -7.47 -6.61
N GLN A 354 41.25 -6.77 -7.13
CA GLN A 354 39.83 -7.06 -6.89
C GLN A 354 39.49 -8.50 -7.27
N THR A 355 39.92 -8.97 -8.44
CA THR A 355 39.66 -10.33 -8.92
C THR A 355 40.44 -11.33 -8.11
N TRP A 356 41.72 -11.08 -7.85
CA TRP A 356 42.54 -11.97 -7.04
C TRP A 356 41.91 -12.12 -5.65
N THR A 357 41.37 -11.07 -5.03
CA THR A 357 40.73 -11.18 -3.71
C THR A 357 39.52 -12.09 -3.83
N GLN A 358 38.70 -11.97 -4.88
CA GLN A 358 37.50 -12.83 -5.01
C GLN A 358 37.92 -14.25 -5.26
N LEU A 359 39.01 -14.48 -6.01
CA LEU A 359 39.51 -15.79 -6.31
C LEU A 359 39.96 -16.40 -5.03
N PHE A 360 40.91 -15.79 -4.33
CA PHE A 360 41.54 -16.40 -3.18
C PHE A 360 40.57 -16.53 -2.01
N LEU A 361 39.67 -15.60 -1.75
CA LEU A 361 38.70 -15.71 -0.63
C LEU A 361 37.58 -16.72 -0.95
N GLY A 362 37.41 -17.15 -2.18
CA GLY A 362 36.48 -18.20 -2.50
C GLY A 362 35.13 -17.65 -2.89
N TYR A 363 35.02 -16.36 -3.20
CA TYR A 363 33.75 -15.74 -3.51
C TYR A 363 33.30 -16.18 -4.89
N ARG A 364 34.19 -16.20 -5.88
CA ARG A 364 33.88 -16.77 -7.19
C ARG A 364 34.98 -17.78 -7.57
N SER A 365 34.64 -18.79 -8.36
CA SER A 365 35.59 -19.76 -8.88
C SER A 365 36.51 -19.16 -9.94
N ALA A 366 37.67 -19.77 -10.15
CA ALA A 366 38.59 -19.46 -11.25
C ALA A 366 37.92 -19.70 -12.58
N GLU A 367 37.09 -20.74 -12.70
CA GLU A 367 36.36 -21.06 -13.93
C GLU A 367 35.49 -19.88 -14.33
N THR A 368 34.67 -19.33 -13.43
CA THR A 368 33.82 -18.18 -13.69
C THR A 368 34.59 -16.91 -13.97
N LEU A 369 35.67 -16.60 -13.26
CA LEU A 369 36.36 -15.33 -13.43
C LEU A 369 37.12 -15.38 -14.74
N SER A 370 37.53 -16.56 -15.17
CA SER A 370 38.12 -16.80 -16.45
C SER A 370 37.03 -16.66 -17.53
N PHE A 371 35.82 -17.18 -17.35
CA PHE A 371 34.74 -17.07 -18.34
C PHE A 371 34.46 -15.60 -18.62
N TYR A 372 34.25 -14.79 -17.60
CA TYR A 372 33.99 -13.35 -17.74
C TYR A 372 35.26 -12.52 -17.98
N GLU A 373 36.43 -13.13 -18.21
CA GLU A 373 37.69 -12.47 -18.61
C GLU A 373 38.25 -11.51 -17.58
N ARG A 374 37.93 -11.65 -16.30
CA ARG A 374 38.55 -10.88 -15.24
C ARG A 374 39.90 -11.49 -14.88
N LEU A 375 40.03 -12.81 -15.00
CA LEU A 375 41.26 -13.52 -14.73
C LEU A 375 41.84 -13.94 -16.08
N GLN A 376 42.72 -13.14 -16.67
CA GLN A 376 43.25 -13.40 -18.01
C GLN A 376 44.36 -14.46 -17.98
N GLY A 377 44.56 -15.21 -19.06
CA GLY A 377 45.51 -16.28 -19.10
C GLY A 377 44.85 -17.54 -19.62
N ASP A 378 45.55 -18.67 -19.66
CA ASP A 378 45.01 -19.94 -20.07
C ASP A 378 44.00 -20.43 -19.04
N ALA A 379 42.79 -20.81 -19.42
CA ALA A 379 41.78 -21.27 -18.49
C ALA A 379 42.13 -22.63 -17.90
N THR A 380 42.94 -23.47 -18.53
CA THR A 380 43.33 -24.74 -17.93
C THR A 380 44.33 -24.45 -16.80
N ILE A 381 45.20 -23.43 -16.88
CA ILE A 381 46.05 -23.04 -15.74
C ILE A 381 45.17 -22.44 -14.66
N ALA A 382 44.17 -21.65 -15.02
CA ALA A 382 43.22 -21.08 -14.06
C ALA A 382 42.48 -22.24 -13.38
N GLN A 383 41.98 -23.24 -14.13
CA GLN A 383 41.38 -24.49 -13.60
C GLN A 383 42.30 -25.15 -12.61
N ARG A 384 43.59 -25.28 -12.91
CA ARG A 384 44.54 -25.99 -12.03
C ARG A 384 44.73 -25.24 -10.72
N LEU A 385 44.93 -23.93 -10.74
CA LEU A 385 45.08 -23.13 -9.55
C LEU A 385 43.80 -23.17 -8.75
N GLY A 386 42.63 -23.18 -9.39
CA GLY A 386 41.36 -23.20 -8.71
C GLY A 386 41.20 -24.45 -7.89
N GLN A 387 41.77 -25.57 -8.32
CA GLN A 387 41.74 -26.82 -7.58
C GLN A 387 42.54 -26.71 -6.29
N ARG A 388 43.49 -25.80 -6.16
CA ARG A 388 44.29 -25.69 -4.96
C ARG A 388 43.64 -24.77 -3.99
N LEU A 389 42.75 -23.89 -4.43
CA LEU A 389 42.14 -22.90 -3.57
C LEU A 389 41.13 -23.48 -2.61
N VAL A 390 40.78 -22.71 -1.60
CA VAL A 390 39.85 -23.06 -0.56
C VAL A 390 38.44 -23.17 -1.16
N LYS A 391 37.60 -24.07 -0.68
CA LYS A 391 36.36 -24.38 -1.37
C LYS A 391 35.20 -23.83 -0.56
N GLY A 392 34.38 -22.94 -1.12
CA GLY A 392 33.21 -22.41 -0.46
C GLY A 392 33.32 -20.93 -0.18
N PRO A 394 33.10 -17.08 1.37
CA PRO A 394 33.39 -16.42 2.61
C PRO A 394 32.12 -16.08 3.39
N ILE A 395 32.13 -16.08 4.74
CA ILE A 395 30.97 -15.74 5.56
C ILE A 395 31.38 -14.68 6.57
N LEU A 396 30.64 -13.59 6.69
CA LEU A 396 30.96 -12.52 7.64
C LEU A 396 29.68 -12.16 8.41
N GLU A 397 29.64 -12.32 9.73
CA GLU A 397 28.45 -12.03 10.52
C GLU A 397 28.77 -10.98 11.55
N ASP A 398 29.67 -10.05 11.24
CA ASP A 398 29.89 -8.85 12.05
C ASP A 398 29.71 -7.63 11.17
N TYR A 399 29.39 -6.49 11.75
CA TYR A 399 29.17 -5.28 11.00
C TYR A 399 30.04 -4.17 11.57
N PHE A 400 30.66 -3.33 10.75
CA PHE A 400 31.40 -2.17 11.21
C PHE A 400 31.55 -1.17 10.07
N THR B 5 -18.29 -50.11 -4.41
CA THR B 5 -17.81 -49.38 -5.59
C THR B 5 -16.52 -49.94 -6.16
N THR B 6 -16.46 -50.27 -7.45
CA THR B 6 -15.22 -50.68 -8.09
C THR B 6 -14.33 -49.44 -8.30
N LYS B 7 -13.08 -49.47 -7.84
CA LYS B 7 -12.12 -48.40 -8.01
C LYS B 7 -10.92 -48.95 -8.74
N ARG B 8 -10.31 -48.28 -9.71
CA ARG B 8 -9.14 -48.81 -10.42
C ARG B 8 -8.30 -47.73 -11.08
N VAL B 9 -7.00 -47.91 -11.20
CA VAL B 9 -6.13 -46.99 -11.88
C VAL B 9 -6.09 -47.44 -13.32
N LYS B 10 -6.24 -46.55 -14.29
CA LYS B 10 -6.27 -46.90 -15.68
C LYS B 10 -5.35 -45.94 -16.43
N LYS B 11 -4.55 -46.40 -17.38
CA LYS B 11 -3.81 -45.52 -18.28
C LYS B 11 -4.76 -44.92 -19.31
N GLY B 13 -5.80 -42.60 -22.81
CA GLY B 13 -5.27 -42.12 -24.07
C GLY B 13 -6.17 -41.03 -24.61
N LYS B 14 -5.95 -40.59 -25.85
CA LYS B 14 -6.71 -39.48 -26.43
C LYS B 14 -8.20 -39.82 -26.60
N GLU B 15 -8.61 -41.09 -26.51
CA GLU B 15 -10.03 -41.45 -26.49
C GLU B 15 -10.75 -40.83 -25.29
N GLU B 16 -10.10 -40.72 -24.12
CA GLU B 16 -10.71 -40.15 -22.89
C GLU B 16 -10.38 -38.67 -22.74
N LYS B 18 -11.80 -35.66 -23.51
CA LYS B 18 -12.82 -34.75 -23.01
C LYS B 18 -13.05 -34.95 -21.51
N GLU B 19 -13.08 -36.17 -20.99
CA GLU B 19 -13.12 -36.44 -19.55
C GLU B 19 -11.93 -35.80 -18.85
N PHE B 21 -9.66 -33.34 -20.03
CA PHE B 21 -9.59 -31.92 -20.21
C PHE B 21 -10.63 -31.29 -19.28
N ASP B 22 -11.81 -31.88 -19.12
CA ASP B 22 -12.83 -31.32 -18.23
C ASP B 22 -12.33 -31.27 -16.82
N LEU B 23 -11.56 -32.27 -16.38
CA LEU B 23 -11.05 -32.39 -15.02
C LEU B 23 -9.90 -31.42 -14.84
N VAL B 24 -9.00 -31.27 -15.81
CA VAL B 24 -7.90 -30.31 -15.74
C VAL B 24 -8.46 -28.88 -15.71
N ILE B 25 -9.41 -28.52 -16.56
CA ILE B 25 -10.02 -27.20 -16.55
C ILE B 25 -10.70 -26.86 -15.22
N TYR B 26 -11.45 -27.75 -14.59
CA TYR B 26 -12.06 -27.52 -13.30
C TYR B 26 -10.97 -27.32 -12.25
N ALA B 27 -9.95 -28.17 -12.20
CA ALA B 27 -9.01 -28.22 -11.09
C ALA B 27 -8.10 -27.00 -11.14
N PHE B 28 -7.71 -26.54 -12.33
CA PHE B 28 -6.80 -25.42 -12.47
C PHE B 28 -7.56 -24.17 -12.85
N ASN B 29 -8.90 -24.22 -12.90
CA ASN B 29 -9.78 -23.08 -13.15
C ASN B 29 -9.32 -22.32 -14.38
N GLN B 30 -9.40 -22.91 -15.56
CA GLN B 30 -8.94 -22.35 -16.83
C GLN B 30 -10.11 -22.12 -17.79
N GLU B 31 -10.12 -21.05 -18.61
CA GLU B 31 -11.18 -20.88 -19.63
C GLU B 31 -10.89 -21.97 -20.66
N PRO B 32 -11.88 -22.74 -21.08
CA PRO B 32 -11.66 -23.73 -22.14
C PRO B 32 -11.56 -23.07 -23.52
N THR B 33 -10.57 -22.22 -23.77
CA THR B 33 -10.42 -21.56 -25.06
C THR B 33 -9.95 -22.55 -26.14
N ALA B 34 -10.05 -22.21 -27.43
CA ALA B 34 -9.50 -23.01 -28.53
C ALA B 34 -7.97 -23.16 -28.37
N GLU B 35 -7.19 -22.14 -28.03
CA GLU B 35 -5.74 -22.30 -27.82
C GLU B 35 -5.51 -23.35 -26.77
N ARG B 36 -6.28 -23.39 -25.70
CA ARG B 36 -5.96 -24.23 -24.56
C ARG B 36 -6.34 -25.70 -24.82
N GLN B 37 -7.43 -26.06 -25.49
CA GLN B 37 -7.63 -27.47 -25.81
C GLN B 37 -6.69 -27.86 -26.93
N GLU B 38 -6.21 -26.95 -27.78
CA GLU B 38 -5.22 -27.27 -28.82
C GLU B 38 -3.88 -27.60 -28.19
N ARG B 39 -3.42 -26.88 -27.16
CA ARG B 39 -2.24 -27.23 -26.38
C ARG B 39 -2.43 -28.52 -25.58
N PHE B 40 -3.60 -28.78 -25.00
CA PHE B 40 -3.82 -29.98 -24.20
C PHE B 40 -3.71 -31.20 -25.08
N GLU B 41 -4.28 -31.16 -26.29
CA GLU B 41 -4.18 -32.21 -27.26
C GLU B 41 -2.76 -32.41 -27.78
N LYS B 42 -1.92 -31.38 -27.85
CA LYS B 42 -0.51 -31.57 -28.22
C LYS B 42 0.21 -32.31 -27.10
N LEU B 43 -0.03 -31.96 -25.84
CA LEU B 43 0.62 -32.59 -24.70
C LEU B 43 0.20 -34.05 -24.62
N LEU B 44 -1.05 -34.39 -24.95
CA LEU B 44 -1.50 -35.78 -24.93
C LEU B 44 -0.77 -36.62 -25.95
N SER B 45 -0.26 -36.08 -27.05
CA SER B 45 0.52 -36.86 -28.00
C SER B 45 1.91 -37.22 -27.45
N HIS B 46 2.38 -36.58 -26.38
CA HIS B 46 3.69 -36.83 -25.80
C HIS B 46 3.62 -37.15 -24.30
N THR B 47 2.49 -37.52 -23.72
CA THR B 47 2.40 -37.79 -22.28
C THR B 47 1.68 -39.07 -22.03
N GLN B 48 2.00 -39.80 -20.98
CA GLN B 48 1.14 -40.86 -20.46
C GLN B 48 0.32 -40.31 -19.30
N SER B 49 -0.99 -40.23 -19.43
CA SER B 49 -1.89 -39.90 -18.34
C SER B 49 -2.29 -41.17 -17.59
N TYR B 50 -2.40 -41.13 -16.26
CA TYR B 50 -2.93 -42.22 -15.45
C TYR B 50 -4.16 -41.65 -14.75
N GLY B 51 -5.33 -42.25 -14.89
CA GLY B 51 -6.54 -41.78 -14.25
C GLY B 51 -6.98 -42.72 -13.14
N PHE B 52 -7.77 -42.25 -12.17
CA PHE B 52 -8.39 -43.09 -11.18
C PHE B 52 -9.87 -43.10 -11.48
N LEU B 53 -10.51 -44.25 -11.68
CA LEU B 53 -11.92 -44.34 -12.01
C LEU B 53 -12.67 -44.90 -10.85
N ILE B 54 -13.76 -44.28 -10.39
CA ILE B 54 -14.62 -44.81 -9.34
C ILE B 54 -15.95 -45.08 -10.01
N ASP B 55 -16.42 -46.34 -10.03
CA ASP B 55 -17.52 -46.77 -10.90
C ASP B 55 -17.36 -46.27 -12.36
N GLU B 56 -16.14 -46.32 -12.92
CA GLU B 56 -15.82 -45.85 -14.27
C GLU B 56 -16.01 -44.34 -14.48
N GLN B 57 -16.19 -43.51 -13.46
CA GLN B 57 -16.12 -42.05 -13.63
C GLN B 57 -14.68 -41.65 -13.41
N LEU B 58 -14.04 -40.86 -14.27
CA LEU B 58 -12.73 -40.29 -14.00
C LEU B 58 -12.86 -39.31 -12.84
N THR B 59 -12.17 -39.54 -11.72
CA THR B 59 -12.24 -38.69 -10.55
C THR B 59 -10.87 -38.08 -10.22
N SER B 60 -9.75 -38.66 -10.61
CA SER B 60 -8.41 -38.06 -10.43
C SER B 60 -7.54 -38.34 -11.64
N GLN B 61 -6.45 -37.60 -11.80
CA GLN B 61 -5.57 -37.77 -12.92
C GLN B 61 -4.20 -37.24 -12.55
N VAL B 62 -3.12 -37.92 -12.97
CA VAL B 62 -1.74 -37.48 -12.90
C VAL B 62 -1.12 -37.75 -14.27
N ALA B 64 2.44 -38.20 -16.64
CA ALA B 64 3.90 -38.33 -16.70
C ALA B 64 4.43 -38.02 -18.10
N THR B 65 5.17 -36.95 -18.31
CA THR B 65 5.76 -36.65 -19.61
C THR B 65 7.18 -37.19 -19.68
N PRO B 66 7.47 -38.01 -20.67
CA PRO B 66 8.83 -38.48 -20.91
C PRO B 66 9.77 -37.37 -21.38
N PHE B 67 10.85 -37.13 -20.67
CA PHE B 67 11.91 -36.23 -21.06
C PHE B 67 13.22 -37.02 -20.97
N GLN B 68 14.31 -36.45 -21.47
CA GLN B 68 15.63 -36.82 -21.11
C GLN B 68 16.26 -35.65 -20.41
N VAL B 69 17.14 -35.85 -19.43
CA VAL B 69 17.91 -34.76 -18.80
C VAL B 69 19.41 -34.98 -18.97
N ASN B 70 20.21 -33.93 -18.92
CA ASN B 70 21.65 -34.05 -19.06
C ASN B 70 22.23 -33.84 -17.69
N PHE B 71 22.73 -34.89 -17.01
CA PHE B 71 23.25 -34.79 -15.67
C PHE B 71 24.74 -34.95 -15.75
N HIS B 72 25.49 -33.85 -15.90
CA HIS B 72 26.93 -33.85 -15.93
C HIS B 72 27.38 -34.84 -16.97
N GLY B 73 26.79 -34.86 -18.15
CA GLY B 73 27.27 -35.66 -19.28
C GLY B 73 26.57 -36.99 -19.38
N VAL B 74 25.69 -37.36 -18.46
CA VAL B 74 24.98 -38.62 -18.54
C VAL B 74 23.54 -38.33 -18.90
N ARG B 75 23.00 -38.94 -19.95
CA ARG B 75 21.61 -38.78 -20.32
C ARG B 75 20.80 -39.73 -19.49
N TYR B 76 19.77 -39.26 -18.81
CA TYR B 76 18.86 -40.06 -18.02
C TYR B 76 17.42 -39.85 -18.48
N PRO B 77 16.66 -40.95 -18.59
CA PRO B 77 15.23 -40.83 -18.74
C PRO B 77 14.59 -40.24 -17.48
N ALA B 79 10.72 -38.58 -15.87
CA ALA B 79 9.28 -38.44 -16.01
C ALA B 79 8.89 -37.10 -15.43
N GLY B 80 8.46 -36.14 -16.25
CA GLY B 80 8.00 -34.86 -15.76
C GLY B 80 6.60 -35.05 -15.26
N ILE B 81 6.26 -34.80 -14.00
CA ILE B 81 4.90 -35.02 -13.56
C ILE B 81 4.10 -33.72 -13.53
N GLY B 82 2.88 -33.70 -14.07
CA GLY B 82 2.06 -32.51 -14.16
C GLY B 82 0.56 -32.74 -14.21
N TYR B 83 -0.24 -31.69 -14.13
CA TYR B 83 -1.69 -31.72 -14.11
C TYR B 83 -2.25 -32.72 -13.09
N VAL B 84 -1.74 -32.77 -11.86
CA VAL B 84 -2.35 -33.58 -10.81
C VAL B 84 -3.69 -32.91 -10.46
N ALA B 85 -4.80 -33.61 -10.62
CA ALA B 85 -6.14 -33.02 -10.59
C ALA B 85 -7.10 -34.03 -9.98
N SER B 86 -7.98 -33.61 -9.09
CA SER B 86 -9.06 -34.44 -8.60
C SER B 86 -10.33 -33.65 -8.52
N TYR B 87 -11.48 -34.28 -8.65
CA TYR B 87 -12.74 -33.64 -8.40
C TYR B 87 -12.95 -33.58 -6.89
N PRO B 88 -13.55 -32.49 -6.42
CA PRO B 88 -13.75 -32.25 -4.98
C PRO B 88 -14.67 -33.22 -4.26
N GLU B 89 -15.76 -33.73 -4.84
CA GLU B 89 -16.66 -34.68 -4.16
C GLU B 89 -15.99 -36.01 -3.90
N TYR B 90 -14.75 -36.21 -4.28
CA TYR B 90 -14.07 -37.48 -4.11
C TYR B 90 -12.90 -37.38 -3.13
N ARG B 91 -12.77 -36.31 -2.34
CA ARG B 91 -11.85 -36.25 -1.19
C ARG B 91 -11.96 -37.56 -0.34
N GLY B 92 -10.84 -38.07 0.17
CA GLY B 92 -10.82 -39.25 1.03
C GLY B 92 -10.94 -40.56 0.28
N GLU B 93 -10.97 -40.58 -1.05
CA GLU B 93 -11.10 -41.83 -1.77
C GLU B 93 -9.73 -42.37 -2.18
N GLY B 94 -8.61 -41.72 -1.83
CA GLY B 94 -7.25 -42.25 -2.06
C GLY B 94 -6.89 -42.37 -3.53
N GLY B 95 -7.36 -41.46 -4.38
CA GLY B 95 -7.19 -41.55 -5.83
C GLY B 95 -5.77 -41.26 -6.23
N ILE B 96 -5.21 -40.13 -5.84
CA ILE B 96 -3.86 -39.75 -6.25
C ILE B 96 -2.85 -40.66 -5.60
N SER B 97 -3.05 -41.15 -4.37
CA SER B 97 -2.14 -42.12 -3.78
C SER B 97 -2.16 -43.43 -4.56
N ALA B 98 -3.32 -43.91 -4.99
CA ALA B 98 -3.44 -45.08 -5.82
C ALA B 98 -2.82 -44.81 -7.18
N ILE B 99 -2.89 -43.62 -7.78
CA ILE B 99 -2.25 -43.38 -9.07
C ILE B 99 -0.75 -43.30 -8.86
N LYS B 101 1.13 -44.84 -6.67
CA LYS B 101 1.65 -46.19 -6.44
C LYS B 101 1.84 -46.95 -7.73
N GLU B 102 0.85 -46.99 -8.63
CA GLU B 102 0.92 -47.77 -9.85
C GLU B 102 1.84 -47.06 -10.84
N LEU B 104 4.48 -44.91 -10.34
CA LEU B 104 5.89 -45.06 -10.00
C LEU B 104 6.34 -46.50 -10.27
N ALA B 105 5.56 -47.54 -9.99
CA ALA B 105 5.92 -48.92 -10.34
C ALA B 105 6.10 -49.08 -11.85
N ASP B 106 5.33 -48.34 -12.66
CA ASP B 106 5.34 -48.43 -14.10
C ASP B 106 6.57 -47.79 -14.65
N LEU B 107 6.92 -46.60 -14.17
CA LEU B 107 8.09 -45.89 -14.61
C LEU B 107 9.34 -46.64 -14.18
N ALA B 108 9.37 -47.23 -12.99
CA ALA B 108 10.50 -48.03 -12.53
C ALA B 108 10.69 -49.18 -13.52
N LYS B 109 9.61 -49.86 -13.91
CA LYS B 109 9.61 -50.99 -14.81
C LYS B 109 10.06 -50.58 -16.18
N GLN B 110 9.89 -49.33 -16.60
CA GLN B 110 10.44 -48.81 -17.85
C GLN B 110 11.87 -48.31 -17.64
N LYS B 111 12.46 -48.47 -16.46
CA LYS B 111 13.82 -48.05 -16.15
C LYS B 111 14.00 -46.53 -16.25
N VAL B 112 12.99 -45.77 -15.85
CA VAL B 112 13.12 -44.33 -15.64
C VAL B 112 14.01 -44.10 -14.40
N ALA B 113 15.06 -43.28 -14.49
CA ALA B 113 15.98 -42.97 -13.40
C ALA B 113 15.39 -41.90 -12.50
N LEU B 114 14.69 -40.89 -13.03
CA LEU B 114 14.37 -39.66 -12.29
C LEU B 114 12.96 -39.14 -12.57
N SER B 115 12.35 -38.40 -11.64
CA SER B 115 11.09 -37.71 -11.89
C SER B 115 11.11 -36.33 -11.26
N TYR B 116 10.64 -35.28 -11.94
CA TYR B 116 10.54 -33.94 -11.37
C TYR B 116 9.09 -33.56 -11.30
N LEU B 117 8.68 -32.67 -10.40
CA LEU B 117 7.36 -32.09 -10.44
C LEU B 117 7.35 -30.75 -9.73
N ALA B 118 6.48 -29.82 -10.13
CA ALA B 118 6.33 -28.51 -9.50
C ALA B 118 5.20 -28.62 -8.46
N PRO B 119 5.51 -28.56 -7.18
CA PRO B 119 4.49 -28.81 -6.15
C PRO B 119 3.57 -27.62 -5.79
N PHE B 120 2.26 -27.78 -5.72
CA PHE B 120 1.43 -26.77 -5.06
C PHE B 120 1.63 -26.90 -3.55
N SER B 121 2.11 -28.03 -3.05
CA SER B 121 2.38 -28.19 -1.64
C SER B 121 3.54 -29.16 -1.51
N TYR B 122 4.62 -28.78 -0.84
CA TYR B 122 5.82 -29.60 -0.68
C TYR B 122 5.55 -30.86 0.15
N PRO B 123 4.91 -30.74 1.32
CA PRO B 123 4.53 -31.92 2.11
C PRO B 123 3.60 -32.89 1.39
N PHE B 124 2.70 -32.43 0.53
CA PHE B 124 1.79 -33.33 -0.17
C PHE B 124 2.59 -34.30 -0.99
N TYR B 125 3.55 -33.85 -1.80
CA TYR B 125 4.30 -34.77 -2.65
C TYR B 125 5.46 -35.46 -1.92
N ARG B 126 6.00 -34.92 -0.82
CA ARG B 126 7.03 -35.59 -0.05
C ARG B 126 6.59 -36.97 0.42
N GLN B 127 5.30 -37.22 0.64
CA GLN B 127 4.79 -38.52 1.09
C GLN B 127 5.00 -39.57 0.01
N TYR B 128 5.20 -39.18 -1.25
CA TYR B 128 5.46 -40.12 -2.34
C TYR B 128 6.94 -40.20 -2.67
N GLY B 129 7.83 -39.68 -1.84
CA GLY B 129 9.28 -39.79 -2.03
C GLY B 129 9.91 -38.57 -2.66
N TYR B 130 9.15 -37.57 -3.08
CA TYR B 130 9.72 -36.39 -3.73
C TYR B 130 10.37 -35.45 -2.73
N GLU B 131 11.38 -34.69 -3.11
CA GLU B 131 11.95 -33.74 -2.20
C GLU B 131 12.43 -32.52 -2.93
N GLN B 132 12.53 -31.34 -2.33
CA GLN B 132 12.98 -30.18 -3.07
C GLN B 132 14.43 -30.33 -3.46
N THR B 133 14.76 -30.19 -4.73
CA THR B 133 16.10 -30.27 -5.24
C THR B 133 16.40 -29.10 -6.20
N PHE B 134 15.48 -28.19 -6.46
CA PHE B 134 15.73 -27.07 -7.36
C PHE B 134 15.31 -25.74 -6.76
N GLU B 135 15.93 -24.63 -7.16
CA GLU B 135 15.58 -23.30 -6.70
C GLU B 135 15.67 -22.33 -7.85
N GLN B 136 14.99 -21.16 -7.79
CA GLN B 136 15.07 -20.10 -8.80
C GLN B 136 15.55 -18.81 -8.20
N ALA B 137 16.26 -17.99 -8.97
CA ALA B 137 16.68 -16.65 -8.59
C ALA B 137 15.78 -15.68 -9.33
N GLU B 138 15.07 -14.79 -8.64
CA GLU B 138 14.26 -13.79 -9.28
C GLU B 138 14.94 -12.44 -9.17
N TYR B 139 15.35 -11.85 -10.29
CA TYR B 139 16.02 -10.57 -10.33
C TYR B 139 15.06 -9.49 -10.75
N THR B 140 15.03 -8.36 -10.05
CA THR B 140 14.27 -7.21 -10.48
C THR B 140 15.19 -6.02 -10.42
N ILE B 141 15.33 -5.28 -11.52
CA ILE B 141 16.17 -4.11 -11.54
C ILE B 141 15.39 -2.92 -12.13
N LYS B 142 15.51 -1.73 -11.57
CA LYS B 142 14.86 -0.53 -12.09
C LYS B 142 15.56 -0.06 -13.35
N THR B 143 14.87 0.54 -14.30
CA THR B 143 15.44 0.81 -15.60
C THR B 143 16.72 1.65 -15.49
N GLU B 144 16.81 2.60 -14.55
CA GLU B 144 17.96 3.52 -14.38
C GLU B 144 19.21 2.80 -13.88
N ASP B 145 19.04 1.68 -13.16
CA ASP B 145 20.11 0.85 -12.63
C ASP B 145 20.66 -0.12 -13.65
N TRP B 146 19.99 -0.40 -14.77
CA TRP B 146 20.57 -1.29 -15.77
C TRP B 146 21.86 -0.68 -16.24
N PRO B 147 22.97 -1.40 -16.12
CA PRO B 147 24.29 -0.83 -16.35
C PRO B 147 24.56 -0.41 -17.77
N ARG B 148 25.48 0.52 -18.01
CA ARG B 148 25.97 0.84 -19.36
C ARG B 148 26.93 -0.25 -19.82
N VAL B 149 26.87 -0.71 -21.05
CA VAL B 149 27.75 -1.75 -21.55
C VAL B 149 28.35 -1.27 -22.87
N LYS B 150 29.68 -1.19 -22.97
CA LYS B 150 30.38 -0.83 -24.18
C LYS B 150 30.04 -1.75 -25.33
N ARG B 151 29.82 -1.23 -26.54
CA ARG B 151 29.64 -2.03 -27.76
C ARG B 151 30.80 -3.01 -27.95
N VAL B 152 30.55 -4.19 -28.52
CA VAL B 152 31.50 -5.29 -28.57
C VAL B 152 31.43 -5.95 -29.99
N PRO B 153 32.46 -6.66 -30.45
CA PRO B 153 32.41 -7.31 -31.77
C PRO B 153 31.29 -8.36 -31.95
N GLY B 154 30.93 -8.68 -33.20
CA GLY B 154 29.84 -9.59 -33.52
C GLY B 154 28.61 -8.81 -33.96
N THR B 155 27.47 -9.48 -34.16
CA THR B 155 26.22 -8.84 -34.56
C THR B 155 25.09 -9.54 -33.81
N ILE B 156 24.01 -8.83 -33.46
CA ILE B 156 22.78 -9.42 -32.96
C ILE B 156 21.72 -9.32 -34.05
N LYS B 157 20.95 -10.37 -34.29
CA LYS B 157 19.87 -10.37 -35.24
C LYS B 157 18.57 -10.62 -34.49
N ARG B 158 17.60 -9.71 -34.56
CA ARG B 158 16.24 -10.01 -34.15
C ARG B 158 15.71 -11.00 -35.18
N VAL B 159 15.00 -12.03 -34.74
CA VAL B 159 14.76 -13.20 -35.56
C VAL B 159 13.33 -13.70 -35.33
N SER B 160 12.65 -14.24 -36.35
CA SER B 160 11.37 -14.91 -36.17
C SER B 160 11.55 -16.22 -35.43
N TRP B 161 10.52 -16.78 -34.83
CA TRP B 161 10.57 -18.07 -34.17
C TRP B 161 10.95 -19.19 -35.16
N ALA B 162 10.39 -19.22 -36.36
CA ALA B 162 10.73 -20.22 -37.37
C ALA B 162 12.22 -20.16 -37.70
N ASP B 163 12.81 -18.99 -37.91
CA ASP B 163 14.22 -18.83 -38.27
C ASP B 163 15.15 -19.01 -37.10
N GLY B 164 14.71 -18.73 -35.87
CA GLY B 164 15.55 -18.84 -34.70
C GLY B 164 15.41 -20.12 -33.89
N LYS B 165 14.34 -20.89 -33.99
CA LYS B 165 14.11 -21.99 -33.01
C LYS B 165 15.24 -23.03 -32.95
N GLU B 166 15.98 -23.35 -34.02
CA GLU B 166 16.93 -24.46 -33.91
C GLU B 166 18.28 -23.95 -33.47
N VAL B 167 18.70 -22.75 -33.85
CA VAL B 167 19.87 -22.12 -33.23
C VAL B 167 19.62 -21.93 -31.73
N ILE B 168 18.46 -21.45 -31.29
CA ILE B 168 18.14 -21.34 -29.87
C ILE B 168 18.27 -22.69 -29.21
N LYS B 169 17.72 -23.77 -29.74
CA LYS B 169 17.87 -25.10 -29.14
C LYS B 169 19.35 -25.48 -29.01
N ASP B 170 20.19 -25.22 -30.02
CA ASP B 170 21.60 -25.61 -30.02
C ASP B 170 22.40 -24.84 -28.99
N VAL B 171 22.19 -23.53 -28.88
CA VAL B 171 22.89 -22.69 -27.95
C VAL B 171 22.48 -23.14 -26.56
N TYR B 172 21.22 -23.47 -26.30
CA TYR B 172 20.79 -23.89 -24.97
C TYR B 172 21.38 -25.26 -24.58
N LEU B 173 21.33 -26.27 -25.44
CA LEU B 173 21.86 -27.60 -25.13
C LEU B 173 23.37 -27.54 -24.89
N GLU B 174 24.14 -26.70 -25.59
CA GLU B 174 25.58 -26.56 -25.38
C GLU B 174 25.96 -25.82 -24.08
N ASN B 175 25.14 -24.89 -23.60
CA ASN B 175 25.47 -24.00 -22.50
C ASN B 175 25.63 -24.78 -21.18
N GLN B 176 26.62 -24.46 -20.35
CA GLN B 176 26.97 -25.19 -19.10
C GLN B 176 25.79 -25.35 -18.13
N ARG B 177 24.85 -24.42 -18.05
CA ARG B 177 23.76 -24.52 -17.08
C ARG B 177 22.70 -25.49 -17.54
N ALA B 178 22.76 -26.02 -18.77
CA ALA B 178 21.90 -27.10 -19.25
C ALA B 178 22.47 -28.47 -18.88
N HIS B 179 23.63 -28.57 -18.24
CA HIS B 179 24.31 -29.85 -18.02
C HIS B 179 24.23 -30.32 -16.56
N SER B 180 23.29 -29.86 -15.75
CA SER B 180 23.18 -30.28 -14.35
C SER B 180 21.79 -30.75 -14.03
N GLY B 181 21.21 -31.64 -14.84
CA GLY B 181 19.86 -32.16 -14.66
C GLY B 181 18.87 -31.38 -15.48
N GLY B 182 19.30 -30.47 -16.35
CA GLY B 182 18.41 -29.72 -17.20
C GLY B 182 17.81 -30.61 -18.26
N VAL B 183 16.65 -30.27 -18.78
CA VAL B 183 15.97 -31.03 -19.83
C VAL B 183 16.72 -30.99 -21.14
N ILE B 184 16.97 -32.13 -21.81
CA ILE B 184 17.47 -32.15 -23.18
C ILE B 184 16.25 -31.83 -24.05
N ARG B 185 16.03 -30.57 -24.40
CA ARG B 185 14.78 -30.14 -25.04
C ARG B 185 14.62 -30.64 -26.47
N GLU B 186 13.45 -31.14 -26.83
CA GLU B 186 13.12 -31.52 -28.17
C GLU B 186 12.40 -30.37 -28.84
N THR B 187 12.44 -30.29 -30.17
CA THR B 187 11.77 -29.29 -30.97
C THR B 187 10.32 -29.07 -30.59
N TRP B 188 9.51 -30.10 -30.40
CA TRP B 188 8.08 -29.95 -30.13
C TRP B 188 7.86 -29.28 -28.77
N TRP B 189 8.76 -29.48 -27.81
CA TRP B 189 8.65 -28.92 -26.46
C TRP B 189 9.09 -27.47 -26.44
N LEU B 190 10.09 -27.08 -27.21
CA LEU B 190 10.56 -25.73 -27.31
C LEU B 190 9.40 -24.92 -27.89
N ASP B 191 8.71 -25.43 -28.93
CA ASP B 191 7.53 -24.80 -29.55
C ASP B 191 6.42 -24.68 -28.54
N TYR B 192 6.10 -25.75 -27.82
CA TYR B 192 5.01 -25.79 -26.84
C TYR B 192 5.20 -24.77 -25.72
N THR B 193 6.42 -24.51 -25.27
CA THR B 193 6.67 -23.66 -24.13
C THR B 193 6.95 -22.21 -24.54
N LEU B 194 7.60 -21.96 -25.67
CA LEU B 194 8.16 -20.65 -25.97
C LEU B 194 7.50 -20.00 -27.16
N ASN B 195 6.51 -20.64 -27.78
CA ASN B 195 5.78 -20.11 -28.92
C ASN B 195 4.29 -20.29 -28.69
N ARG B 196 3.68 -19.51 -27.79
CA ARG B 196 2.25 -19.48 -27.50
C ARG B 196 1.68 -18.20 -28.05
N ALA B 197 0.42 -18.17 -28.48
CA ALA B 197 -0.27 -16.93 -28.85
C ALA B 197 -0.57 -16.05 -27.62
N SER B 198 -0.73 -16.61 -26.42
CA SER B 198 -1.12 -15.84 -25.23
C SER B 198 0.08 -15.19 -24.54
N LYS B 199 1.31 -15.46 -24.97
CA LYS B 199 2.52 -14.92 -24.37
C LYS B 199 3.50 -14.70 -25.53
N PRO B 200 3.32 -13.64 -26.30
CA PRO B 200 4.10 -13.46 -27.50
C PRO B 200 5.47 -12.90 -27.20
N ASN B 201 6.54 -13.58 -27.60
CA ASN B 201 7.90 -13.21 -27.31
C ASN B 201 8.57 -12.65 -28.52
N ASN B 202 9.57 -11.79 -28.37
CA ASN B 202 10.58 -11.54 -29.38
C ASN B 202 11.85 -12.31 -29.03
N GLN B 203 12.80 -12.44 -29.95
CA GLN B 203 14.00 -13.25 -29.82
C GLN B 203 15.10 -12.53 -30.52
N ALA B 204 16.31 -12.52 -29.97
CA ALA B 204 17.47 -12.01 -30.63
C ALA B 204 18.58 -13.04 -30.47
N ILE B 205 19.46 -13.19 -31.43
CA ILE B 205 20.51 -14.17 -31.41
C ILE B 205 21.81 -13.43 -31.60
N TYR B 206 22.83 -13.69 -30.81
CA TYR B 206 24.13 -13.09 -31.00
C TYR B 206 24.96 -13.98 -31.89
N TYR B 207 25.61 -13.45 -32.93
CA TYR B 207 26.60 -14.18 -33.71
C TYR B 207 28.00 -13.60 -33.50
N SER B 208 29.03 -14.43 -33.38
CA SER B 208 30.42 -14.00 -33.28
C SER B 208 30.90 -13.34 -34.57
N SER B 209 32.03 -12.66 -34.54
CA SER B 209 32.69 -12.12 -35.73
C SER B 209 32.99 -13.22 -36.77
N GLU B 210 33.12 -14.49 -36.38
CA GLU B 210 33.35 -15.61 -37.32
C GLU B 210 32.02 -16.16 -37.83
N GLY B 211 30.87 -15.65 -37.39
CA GLY B 211 29.54 -16.06 -37.86
C GLY B 211 28.88 -17.09 -36.96
N LYS B 212 29.46 -17.47 -35.81
CA LYS B 212 28.91 -18.54 -34.98
C LYS B 212 27.94 -18.02 -33.91
N ALA B 213 26.76 -18.62 -33.78
CA ALA B 213 25.78 -18.28 -32.76
C ALA B 213 26.35 -18.51 -31.35
N GLU B 214 26.60 -17.50 -30.52
CA GLU B 214 27.17 -17.69 -29.17
C GLU B 214 26.18 -17.27 -28.08
N GLY B 215 24.92 -16.95 -28.37
CA GLY B 215 23.96 -16.59 -27.34
C GLY B 215 22.64 -16.12 -27.88
N TYR B 216 21.60 -16.07 -27.06
CA TYR B 216 20.30 -15.55 -27.48
C TYR B 216 19.58 -14.95 -26.29
N VAL B 217 18.57 -14.10 -26.52
CA VAL B 217 17.63 -13.61 -25.51
C VAL B 217 16.22 -13.80 -26.04
N ILE B 218 15.32 -14.40 -25.29
CA ILE B 218 13.90 -14.38 -25.53
C ILE B 218 13.27 -13.41 -24.56
N TYR B 219 12.41 -12.50 -25.01
CA TYR B 219 11.93 -11.41 -24.15
C TYR B 219 10.57 -10.92 -24.56
N ARG B 220 9.83 -10.25 -23.68
CA ARG B 220 8.74 -9.37 -24.11
C ARG B 220 8.63 -8.20 -23.16
N ILE B 221 7.97 -7.12 -23.56
CA ILE B 221 7.67 -5.98 -22.73
C ILE B 221 6.17 -6.00 -22.41
N ALA B 222 5.74 -5.87 -21.17
CA ALA B 222 4.32 -5.81 -20.81
C ALA B 222 4.18 -5.09 -19.46
N ALA B 223 3.24 -4.18 -19.27
CA ALA B 223 2.97 -3.51 -17.97
C ALA B 223 4.19 -2.75 -17.44
N GLY B 224 5.02 -2.14 -18.29
CA GLY B 224 6.17 -1.33 -17.87
C GLY B 224 7.44 -2.14 -17.69
N THR B 225 7.40 -3.47 -17.75
CA THR B 225 8.51 -4.34 -17.43
C THR B 225 9.02 -5.07 -18.65
N PHE B 226 10.33 -5.04 -18.88
CA PHE B 226 11.02 -5.87 -19.85
C PHE B 226 11.25 -7.25 -19.24
N GLU B 227 10.54 -8.30 -19.66
CA GLU B 227 10.71 -9.67 -19.15
C GLU B 227 11.78 -10.39 -19.96
N ILE B 228 12.93 -10.73 -19.35
CA ILE B 228 13.90 -11.67 -19.91
C ILE B 228 13.24 -13.02 -19.69
N VAL B 229 12.61 -13.59 -20.70
CA VAL B 229 12.00 -14.90 -20.62
C VAL B 229 13.14 -15.92 -20.51
N GLU B 230 14.22 -15.76 -21.27
CA GLU B 230 15.33 -16.70 -21.24
C GLU B 230 16.52 -16.01 -21.86
N TRP B 231 17.72 -16.11 -21.27
CA TRP B 231 18.92 -15.47 -21.76
C TRP B 231 20.06 -16.44 -21.54
N ASN B 232 20.68 -16.96 -22.60
CA ASN B 232 21.78 -17.90 -22.49
C ASN B 232 22.90 -17.44 -23.38
N TYR B 233 24.15 -17.68 -22.98
CA TYR B 233 25.32 -17.19 -23.66
C TYR B 233 26.52 -18.14 -23.45
N LEU B 234 27.31 -18.37 -24.50
CA LEU B 234 28.38 -19.33 -24.49
C LEU B 234 29.69 -18.59 -24.30
N THR B 235 29.74 -17.27 -24.39
CA THR B 235 30.98 -16.52 -24.20
C THR B 235 30.76 -15.19 -23.48
N ASN B 236 31.79 -14.60 -22.86
CA ASN B 236 31.72 -13.25 -22.32
C ASN B 236 31.32 -12.24 -23.37
N THR B 237 31.76 -12.33 -24.62
CA THR B 237 31.50 -11.24 -25.55
C THR B 237 30.02 -11.39 -25.98
N ALA B 238 29.44 -12.59 -26.02
CA ALA B 238 28.01 -12.76 -26.22
C ALA B 238 27.23 -12.19 -25.02
N PHE B 239 27.61 -12.53 -23.80
CA PHE B 239 27.02 -11.96 -22.59
C PHE B 239 26.95 -10.45 -22.68
N LYS B 240 28.05 -9.77 -23.01
CA LYS B 240 28.11 -8.31 -23.04
C LYS B 240 27.32 -7.79 -24.22
N ALA B 241 27.40 -8.40 -25.40
CA ALA B 241 26.65 -7.92 -26.56
C ALA B 241 25.14 -7.93 -26.19
N LEU B 242 24.61 -9.03 -25.68
CA LEU B 242 23.22 -9.15 -25.33
C LEU B 242 22.83 -8.29 -24.11
N ALA B 243 23.70 -8.06 -23.13
CA ALA B 243 23.42 -7.14 -22.02
C ALA B 243 23.21 -5.70 -22.51
N GLY B 244 24.00 -5.23 -23.48
CA GLY B 244 23.84 -3.92 -24.10
C GLY B 244 22.60 -3.84 -24.97
N PHE B 245 22.16 -4.94 -25.57
CA PHE B 245 20.94 -5.03 -26.37
C PHE B 245 19.71 -4.97 -25.48
N ILE B 246 19.65 -5.75 -24.40
CA ILE B 246 18.59 -5.63 -23.38
C ILE B 246 18.57 -4.20 -22.86
N GLY B 247 19.69 -3.64 -22.43
CA GLY B 247 19.75 -2.28 -21.91
C GLY B 247 19.25 -1.20 -22.87
N SER B 248 19.44 -1.33 -24.17
CA SER B 248 18.90 -0.39 -25.15
C SER B 248 17.41 -0.18 -25.05
N HIS B 249 16.67 -1.01 -24.33
CA HIS B 249 15.21 -0.87 -24.14
C HIS B 249 14.87 -0.12 -22.88
N SER B 250 15.85 0.42 -22.15
CA SER B 250 15.63 1.05 -20.85
C SER B 250 14.74 2.29 -20.96
N GLY B 251 14.79 3.03 -22.08
CA GLY B 251 14.01 4.24 -22.28
C GLY B 251 12.55 3.93 -22.46
N SER B 252 12.17 2.69 -22.71
CA SER B 252 10.81 2.31 -23.06
C SER B 252 10.20 1.55 -21.92
N VAL B 253 10.87 1.35 -20.80
CA VAL B 253 10.41 0.39 -19.79
C VAL B 253 10.73 0.93 -18.41
N GLN B 254 10.06 0.50 -17.33
CA GLN B 254 10.36 0.99 -15.95
C GLN B 254 11.27 0.04 -15.17
N SER B 255 11.28 -1.24 -15.47
CA SER B 255 12.18 -2.19 -14.84
C SER B 255 12.48 -3.35 -15.75
N PHE B 256 13.56 -4.11 -15.48
CA PHE B 256 13.81 -5.36 -16.12
C PHE B 256 13.54 -6.45 -15.09
N HIS B 257 13.03 -7.60 -15.51
CA HIS B 257 12.71 -8.71 -14.64
C HIS B 257 13.23 -10.01 -15.25
N TRP B 258 13.76 -10.92 -14.46
CA TRP B 258 14.32 -12.19 -14.93
C TRP B 258 14.18 -13.24 -13.87
N ILE B 259 13.61 -14.40 -14.14
CA ILE B 259 13.70 -15.55 -13.25
C ILE B 259 14.51 -16.62 -13.98
N ASN B 260 15.54 -17.20 -13.39
CA ASN B 260 16.26 -18.33 -13.96
C ASN B 260 16.57 -19.31 -12.84
N GLY B 261 17.28 -20.40 -13.12
CA GLY B 261 17.58 -21.43 -12.15
C GLY B 261 18.72 -21.01 -11.27
N PHE B 262 18.65 -21.27 -9.96
CA PHE B 262 19.67 -20.86 -9.01
C PHE B 262 20.71 -21.95 -8.74
N ALA B 263 21.99 -21.67 -8.98
CA ALA B 263 23.09 -22.62 -8.87
C ALA B 263 23.91 -22.37 -7.61
N GLY B 264 23.60 -21.40 -6.76
CA GLY B 264 24.39 -21.10 -5.57
C GLY B 264 25.01 -19.71 -5.63
N LYS B 265 25.07 -19.06 -6.78
CA LYS B 265 25.67 -17.75 -6.90
C LYS B 265 24.85 -16.88 -7.82
N ASP B 266 24.39 -15.72 -7.38
CA ASP B 266 23.63 -14.83 -8.24
C ASP B 266 24.52 -13.87 -9.03
N LEU B 267 23.98 -13.21 -10.05
CA LEU B 267 24.74 -12.44 -11.03
C LEU B 267 24.90 -10.99 -10.60
N ASN B 268 24.32 -10.55 -9.48
CA ASN B 268 24.29 -9.14 -9.06
C ASN B 268 25.67 -8.49 -9.11
N ASP B 269 26.71 -9.18 -8.65
CA ASP B 269 28.09 -8.71 -8.61
C ASP B 269 28.76 -8.56 -9.99
N LEU B 270 28.19 -9.06 -11.09
CA LEU B 270 28.74 -8.78 -12.43
C LEU B 270 28.51 -7.33 -12.81
N PRO B 272 28.79 -3.19 -11.79
CA PRO B 272 29.56 -2.31 -10.89
C PRO B 272 28.76 -1.83 -9.67
N THR B 273 27.44 -1.68 -9.77
CA THR B 273 26.56 -1.43 -8.64
C THR B 273 25.60 -2.61 -8.58
N PRO B 274 25.63 -3.37 -7.49
CA PRO B 274 24.74 -4.54 -7.34
C PRO B 274 23.30 -4.10 -6.98
N ALA B 275 22.53 -3.61 -7.94
CA ALA B 275 21.26 -2.91 -7.69
C ALA B 275 20.03 -3.80 -7.96
N ALA B 276 20.18 -5.02 -8.45
CA ALA B 276 19.05 -5.92 -8.62
C ALA B 276 18.57 -6.32 -7.24
N SER B 277 17.26 -6.41 -7.05
CA SER B 277 16.67 -7.10 -5.92
C SER B 277 16.62 -8.60 -6.28
N VAL B 278 17.23 -9.49 -5.50
CA VAL B 278 17.30 -10.91 -5.78
C VAL B 278 16.50 -11.69 -4.74
N LYS B 279 15.46 -12.43 -5.10
CA LYS B 279 14.78 -13.37 -4.20
C LYS B 279 15.05 -14.78 -4.64
N ILE B 280 15.32 -15.68 -3.71
CA ILE B 280 15.54 -17.06 -4.06
C ILE B 280 14.25 -17.76 -3.82
N LEU B 281 13.69 -18.39 -4.86
CA LEU B 281 12.39 -19.02 -4.80
C LEU B 281 12.55 -20.54 -4.81
N PRO B 282 11.86 -21.22 -3.91
CA PRO B 282 11.83 -22.67 -3.94
C PRO B 282 11.23 -23.16 -5.24
N TYR B 283 11.74 -24.24 -5.85
CA TYR B 283 11.20 -24.69 -7.11
C TYR B 283 10.94 -26.19 -7.07
N ALA B 286 12.20 -33.50 -6.76
CA ALA B 286 12.65 -34.58 -7.60
C ALA B 286 12.66 -35.85 -6.77
N ARG B 287 12.60 -37.01 -7.41
CA ARG B 287 12.95 -38.26 -6.77
C ARG B 287 13.63 -39.20 -7.73
N ILE B 288 14.59 -39.97 -7.26
CA ILE B 288 15.13 -41.12 -7.98
C ILE B 288 13.98 -42.13 -8.06
N VAL B 289 13.74 -42.70 -9.24
CA VAL B 289 12.69 -43.69 -9.46
C VAL B 289 13.35 -45.06 -9.40
N GLU B 290 14.20 -45.42 -10.36
CA GLU B 290 14.93 -46.69 -10.38
C GLU B 290 16.35 -46.42 -9.83
N LEU B 291 16.59 -46.63 -8.54
CA LEU B 291 17.86 -46.29 -7.91
C LEU B 291 19.01 -47.05 -8.57
N GLN B 292 18.84 -48.33 -8.86
CA GLN B 292 19.87 -49.13 -9.50
C GLN B 292 20.31 -48.57 -10.86
N THR B 293 19.39 -48.23 -11.75
CA THR B 293 19.69 -47.68 -13.07
C THR B 293 20.37 -46.35 -12.91
N PHE B 294 19.91 -45.52 -11.99
CA PHE B 294 20.48 -44.21 -11.74
C PHE B 294 21.94 -44.33 -11.28
N LEU B 295 22.27 -45.16 -10.30
CA LEU B 295 23.63 -45.28 -9.76
C LEU B 295 24.60 -46.01 -10.73
N GLU B 296 24.18 -47.02 -11.49
CA GLU B 296 25.05 -47.69 -12.46
C GLU B 296 25.57 -46.68 -13.47
N LYS B 297 24.77 -45.71 -13.91
CA LYS B 297 25.21 -44.65 -14.85
C LYS B 297 25.78 -43.41 -14.19
N TYR B 298 25.76 -43.26 -12.89
CA TYR B 298 26.13 -42.03 -12.23
C TYR B 298 27.60 -41.66 -12.49
N PRO B 299 27.89 -40.41 -12.88
CA PRO B 299 29.24 -39.97 -13.19
C PRO B 299 30.05 -39.64 -11.93
N PHE B 300 30.47 -40.63 -11.13
CA PHE B 300 31.26 -40.38 -9.94
C PHE B 300 32.62 -39.77 -10.26
N GLN B 301 33.23 -39.00 -9.35
CA GLN B 301 34.54 -38.40 -9.55
C GLN B 301 35.56 -39.50 -9.55
N SER B 302 36.64 -39.40 -10.30
CA SER B 302 37.64 -40.45 -10.35
C SER B 302 38.41 -40.47 -9.02
N GLY B 303 39.12 -41.53 -8.68
CA GLY B 303 39.68 -41.64 -7.33
C GLY B 303 40.12 -43.05 -7.12
N GLU B 304 40.07 -43.59 -5.91
CA GLU B 304 40.40 -44.99 -5.67
C GLU B 304 39.17 -45.86 -5.76
N LYS B 305 39.31 -47.17 -5.91
CA LYS B 305 38.20 -48.10 -5.79
C LYS B 305 37.65 -48.04 -4.34
N GLU B 306 36.39 -47.68 -4.12
CA GLU B 306 35.78 -47.74 -2.79
C GLU B 306 34.48 -48.53 -2.82
N THR B 307 34.12 -49.17 -1.72
CA THR B 307 32.84 -49.85 -1.54
C THR B 307 32.03 -49.13 -0.46
N TYR B 308 30.75 -48.88 -0.70
CA TYR B 308 29.87 -48.31 0.30
C TYR B 308 28.66 -49.19 0.43
N SER B 309 28.10 -49.31 1.62
CA SER B 309 26.83 -49.94 1.83
C SER B 309 25.81 -48.83 2.05
N LEU B 310 24.74 -48.73 1.24
CA LEU B 310 23.77 -47.68 1.36
C LEU B 310 22.41 -48.28 1.68
N GLU B 311 21.80 -47.98 2.82
CA GLU B 311 20.45 -48.44 3.13
C GLU B 311 19.40 -47.40 2.73
N ILE B 312 18.43 -47.76 1.89
CA ILE B 312 17.36 -46.88 1.40
C ILE B 312 16.03 -47.16 2.08
N GLU B 313 15.34 -46.15 2.60
CA GLU B 313 13.93 -46.27 2.95
C GLU B 313 13.10 -45.54 1.90
N ASP B 314 12.06 -46.15 1.31
CA ASP B 314 11.33 -45.64 0.14
C ASP B 314 9.96 -46.33 0.04
N SER B 315 8.92 -45.84 0.73
CA SER B 315 7.68 -46.60 0.87
C SER B 315 6.89 -46.72 -0.42
N TYR B 316 6.88 -45.72 -1.31
CA TYR B 316 6.21 -45.82 -2.61
C TYR B 316 7.14 -46.38 -3.70
N GLY B 317 8.42 -46.64 -3.40
CA GLY B 317 9.35 -47.31 -4.32
C GLY B 317 9.99 -48.52 -3.67
N PRO B 318 9.20 -49.54 -3.36
CA PRO B 318 9.72 -50.74 -2.68
C PRO B 318 10.83 -51.51 -3.41
N TRP B 319 10.94 -51.45 -4.73
CA TRP B 319 12.08 -51.99 -5.47
C TRP B 319 13.39 -51.29 -5.05
N ASN B 320 13.36 -50.08 -4.48
CA ASN B 320 14.54 -49.36 -4.03
C ASN B 320 14.90 -49.68 -2.57
N GLU B 321 14.00 -50.25 -1.76
CA GLU B 321 14.25 -50.37 -0.32
C GLU B 321 15.25 -51.45 0.02
N GLY B 322 16.00 -51.26 1.10
CA GLY B 322 16.90 -52.26 1.62
C GLY B 322 18.33 -51.82 1.43
N ILE B 323 19.29 -52.71 1.66
CA ILE B 323 20.68 -52.34 1.64
C ILE B 323 21.23 -52.59 0.25
N TRP B 324 22.04 -51.69 -0.28
CA TRP B 324 22.73 -51.90 -1.55
C TRP B 324 24.24 -51.81 -1.33
N THR B 325 25.05 -52.53 -2.08
CA THR B 325 26.50 -52.37 -2.08
C THR B 325 26.83 -51.69 -3.37
N ILE B 326 27.59 -50.61 -3.34
CA ILE B 326 27.99 -49.92 -4.54
C ILE B 326 29.48 -49.93 -4.45
N THR B 327 30.21 -50.35 -5.47
CA THR B 327 31.64 -50.20 -5.44
C THR B 327 31.97 -49.25 -6.58
N ILE B 328 32.65 -48.15 -6.31
CA ILE B 328 32.95 -47.12 -7.28
C ILE B 328 34.38 -47.34 -7.71
N ASP B 329 34.68 -47.56 -8.99
CA ASP B 329 36.04 -47.90 -9.37
C ASP B 329 36.84 -46.60 -9.50
N GLU B 330 38.11 -46.65 -9.92
CA GLU B 330 39.00 -45.50 -9.90
C GLU B 330 38.59 -44.47 -10.94
N GLN B 331 37.98 -44.86 -12.05
CA GLN B 331 37.33 -43.91 -12.91
C GLN B 331 36.01 -43.62 -12.20
N GLY B 332 34.91 -43.25 -12.81
CA GLY B 332 33.71 -43.07 -11.99
C GLY B 332 32.73 -44.23 -12.02
N LYS B 333 33.10 -45.44 -12.42
CA LYS B 333 32.09 -46.48 -12.69
C LYS B 333 31.68 -47.20 -11.43
N ALA B 334 30.39 -47.22 -11.10
CA ALA B 334 29.89 -47.96 -9.96
C ALA B 334 29.28 -49.28 -10.43
N THR B 335 29.52 -50.39 -9.74
CA THR B 335 28.71 -51.58 -9.89
C THR B 335 27.77 -51.59 -8.69
N VAL B 336 26.50 -51.89 -8.87
CA VAL B 336 25.48 -51.72 -7.83
C VAL B 336 24.81 -53.05 -7.64
N THR B 337 24.84 -53.66 -6.46
CA THR B 337 24.18 -54.94 -6.21
C THR B 337 23.29 -54.83 -4.98
N LYS B 338 22.14 -55.50 -4.93
CA LYS B 338 21.26 -55.48 -3.77
C LYS B 338 21.69 -56.52 -2.76
N GLY B 339 21.66 -56.21 -1.47
CA GLY B 339 22.10 -57.09 -0.39
C GLY B 339 23.22 -56.44 0.40
N ALA B 340 23.46 -56.84 1.64
CA ALA B 340 24.68 -56.44 2.39
C ALA B 340 25.79 -57.48 2.19
N ALA B 341 26.90 -57.41 2.94
CA ALA B 341 28.12 -58.26 2.77
C ALA B 341 28.91 -57.75 1.55
N THR B 346 30.95 -53.92 4.80
CA THR B 346 30.66 -52.89 5.79
C THR B 346 30.76 -51.48 5.13
N ALA B 347 30.74 -50.40 5.93
CA ALA B 347 30.91 -48.99 5.53
C ALA B 347 29.54 -48.41 5.21
N ALA B 348 28.72 -48.15 6.24
CA ALA B 348 27.26 -48.09 6.13
C ALA B 348 26.71 -46.68 6.18
N LEU B 349 25.90 -46.27 5.22
CA LEU B 349 25.16 -45.03 5.27
C LEU B 349 23.67 -45.38 5.19
N LYS B 350 22.79 -44.61 5.80
CA LYS B 350 21.36 -44.84 5.78
C LYS B 350 20.65 -43.50 5.57
N ALA B 351 19.65 -43.44 4.68
CA ALA B 351 18.81 -42.28 4.48
C ALA B 351 17.51 -42.72 3.81
N ASP B 352 16.50 -41.86 3.73
CA ASP B 352 15.29 -42.15 2.96
C ASP B 352 15.50 -41.67 1.52
N ILE B 353 14.68 -42.11 0.54
CA ILE B 353 14.91 -41.75 -0.85
C ILE B 353 15.00 -40.24 -1.02
N GLN B 354 14.30 -39.44 -0.21
CA GLN B 354 14.35 -37.98 -0.30
C GLN B 354 15.77 -37.48 -0.08
N THR B 355 16.43 -37.90 0.99
CA THR B 355 17.78 -37.45 1.29
C THR B 355 18.72 -37.93 0.19
N TRP B 356 18.63 -39.18 -0.28
CA TRP B 356 19.53 -39.73 -1.30
C TRP B 356 19.39 -38.94 -2.60
N THR B 357 18.19 -38.53 -3.00
CA THR B 357 17.98 -37.72 -4.20
C THR B 357 18.70 -36.39 -4.08
N GLN B 358 18.53 -35.66 -2.99
CA GLN B 358 19.22 -34.39 -2.75
C GLN B 358 20.72 -34.57 -2.71
N LEU B 359 21.22 -35.62 -2.09
CA LEU B 359 22.64 -35.91 -2.07
C LEU B 359 23.17 -36.17 -3.46
N PHE B 360 22.61 -37.12 -4.20
CA PHE B 360 23.18 -37.58 -5.46
C PHE B 360 22.98 -36.55 -6.56
N LEU B 361 21.91 -35.77 -6.58
CA LEU B 361 21.72 -34.72 -7.59
C LEU B 361 22.58 -33.47 -7.29
N GLY B 362 23.08 -33.30 -6.09
CA GLY B 362 24.04 -32.23 -5.77
C GLY B 362 23.39 -31.05 -5.05
N TYR B 363 22.19 -31.19 -4.49
CA TYR B 363 21.45 -30.07 -3.93
C TYR B 363 22.01 -29.75 -2.55
N ARG B 364 22.24 -30.75 -1.70
CA ARG B 364 22.88 -30.57 -0.41
C ARG B 364 24.13 -31.41 -0.37
N SER B 365 25.15 -31.00 0.38
CA SER B 365 26.40 -31.74 0.54
C SER B 365 26.17 -32.84 1.54
N ALA B 366 26.98 -33.89 1.49
CA ALA B 366 26.97 -34.99 2.45
C ALA B 366 27.32 -34.47 3.83
N GLU B 367 28.27 -33.52 3.95
CA GLU B 367 28.59 -32.88 5.23
C GLU B 367 27.29 -32.31 5.80
N THR B 368 26.55 -31.48 5.07
CA THR B 368 25.32 -30.87 5.57
C THR B 368 24.24 -31.88 5.90
N LEU B 369 23.95 -32.85 5.04
CA LEU B 369 22.89 -33.84 5.30
C LEU B 369 23.25 -34.68 6.52
N SER B 370 24.53 -34.88 6.81
CA SER B 370 25.05 -35.61 7.95
C SER B 370 24.93 -34.77 9.23
N PHE B 371 25.17 -33.46 9.17
CA PHE B 371 25.03 -32.58 10.34
C PHE B 371 23.58 -32.52 10.80
N TYR B 372 22.65 -32.33 9.87
CA TYR B 372 21.23 -32.31 10.18
C TYR B 372 20.68 -33.72 10.34
N GLU B 373 21.51 -34.76 10.36
CA GLU B 373 21.14 -36.11 10.77
C GLU B 373 20.13 -36.72 9.82
N ARG B 374 20.07 -36.33 8.56
CA ARG B 374 19.26 -37.01 7.56
C ARG B 374 20.05 -38.14 6.90
N LEU B 375 21.36 -38.01 6.75
CA LEU B 375 22.24 -39.06 6.29
C LEU B 375 22.87 -39.63 7.56
N GLN B 376 22.47 -40.83 7.99
CA GLN B 376 22.97 -41.46 9.22
C GLN B 376 24.14 -42.35 8.92
N GLY B 377 25.09 -42.47 9.84
CA GLY B 377 26.33 -43.23 9.65
C GLY B 377 27.51 -42.39 10.10
N ASP B 378 28.74 -42.92 10.02
CA ASP B 378 29.97 -42.24 10.42
C ASP B 378 30.15 -40.99 9.54
N ALA B 379 30.40 -39.80 10.08
CA ALA B 379 30.56 -38.59 9.26
C ALA B 379 31.77 -38.72 8.34
N THR B 380 32.78 -39.51 8.69
CA THR B 380 33.95 -39.74 7.86
C THR B 380 33.57 -40.55 6.61
N ILE B 381 32.66 -41.52 6.72
CA ILE B 381 32.15 -42.28 5.56
C ILE B 381 31.29 -41.34 4.71
N ALA B 382 30.33 -40.62 5.28
CA ALA B 382 29.58 -39.58 4.57
C ALA B 382 30.51 -38.62 3.81
N GLN B 383 31.59 -38.13 4.41
CA GLN B 383 32.53 -37.20 3.76
C GLN B 383 33.28 -37.89 2.59
N ARG B 384 33.66 -39.15 2.76
CA ARG B 384 34.37 -39.94 1.76
C ARG B 384 33.48 -40.10 0.53
N LEU B 385 32.19 -40.40 0.68
CA LEU B 385 31.29 -40.57 -0.44
C LEU B 385 31.04 -39.21 -1.09
N GLY B 386 30.78 -38.15 -0.34
CA GLY B 386 30.59 -36.81 -0.89
C GLY B 386 31.72 -36.39 -1.81
N GLN B 387 32.95 -36.80 -1.55
CA GLN B 387 34.10 -36.52 -2.42
C GLN B 387 33.96 -37.20 -3.81
N ARG B 388 33.23 -38.32 -3.96
CA ARG B 388 33.01 -38.98 -5.26
C ARG B 388 31.79 -38.45 -5.99
N LEU B 389 30.93 -37.68 -5.35
CA LEU B 389 29.72 -37.22 -5.95
C LEU B 389 29.96 -36.06 -6.89
N VAL B 390 29.00 -35.82 -7.75
CA VAL B 390 29.02 -34.71 -8.66
C VAL B 390 29.12 -33.36 -7.91
N LYS B 391 29.51 -32.31 -8.62
CA LYS B 391 29.96 -31.06 -8.03
C LYS B 391 29.01 -29.95 -8.45
N GLY B 392 28.30 -29.31 -7.52
CA GLY B 392 27.43 -28.16 -7.84
C GLY B 392 25.94 -28.49 -7.85
N PRO B 394 21.96 -28.77 -8.89
CA PRO B 394 21.28 -29.06 -10.14
C PRO B 394 20.46 -27.85 -10.61
N ILE B 395 20.39 -27.59 -11.92
CA ILE B 395 19.70 -26.45 -12.54
C ILE B 395 18.60 -26.97 -13.49
N LEU B 396 17.35 -26.56 -13.28
CA LEU B 396 16.22 -26.84 -14.17
C LEU B 396 15.66 -25.52 -14.71
N GLU B 397 15.58 -25.32 -16.01
CA GLU B 397 15.05 -24.09 -16.56
C GLU B 397 13.87 -24.39 -17.46
N ASP B 398 13.09 -25.43 -17.21
CA ASP B 398 11.79 -25.68 -17.83
C ASP B 398 10.71 -25.84 -16.76
N TYR B 399 9.45 -25.62 -17.11
CA TYR B 399 8.32 -25.69 -16.22
C TYR B 399 7.31 -26.69 -16.77
N PHE B 400 6.69 -27.54 -15.95
CA PHE B 400 5.63 -28.45 -16.38
C PHE B 400 4.74 -28.86 -15.20
N THR C 5 -27.11 34.57 30.79
CA THR C 5 -25.67 34.49 30.98
C THR C 5 -25.00 35.72 30.39
N THR C 6 -24.02 36.28 31.07
CA THR C 6 -23.19 37.36 30.53
C THR C 6 -22.24 36.84 29.44
N LYS C 7 -22.34 37.27 28.19
CA LYS C 7 -21.39 36.95 27.12
C LYS C 7 -20.63 38.20 26.74
N ARG C 8 -19.34 38.16 26.46
CA ARG C 8 -18.59 39.38 26.09
C ARG C 8 -17.22 39.08 25.47
N VAL C 9 -16.72 39.93 24.60
CA VAL C 9 -15.41 39.79 24.03
C VAL C 9 -14.46 40.62 24.85
N LYS C 10 -13.35 40.06 25.32
CA LYS C 10 -12.35 40.78 26.10
C LYS C 10 -10.99 40.76 25.39
N LYS C 11 -10.21 41.83 25.48
CA LYS C 11 -8.82 41.85 25.04
C LYS C 11 -7.98 41.24 26.15
N GLY C 13 -4.61 39.41 28.30
CA GLY C 13 -3.28 39.87 28.66
C GLY C 13 -2.45 38.82 29.35
N LYS C 14 -1.36 39.22 29.99
CA LYS C 14 -0.44 38.33 30.71
C LYS C 14 -1.20 37.62 31.82
N GLU C 15 -2.14 38.29 32.48
CA GLU C 15 -2.88 37.76 33.62
C GLU C 15 -3.80 36.60 33.23
N GLU C 16 -4.18 36.45 31.97
CA GLU C 16 -5.05 35.37 31.52
C GLU C 16 -4.26 34.24 30.88
N LYS C 18 -2.73 31.44 31.62
CA LYS C 18 -2.93 30.02 31.92
C LYS C 18 -4.26 29.50 31.33
N GLU C 19 -5.34 30.26 31.40
CA GLU C 19 -6.62 29.89 30.84
C GLU C 19 -6.53 29.85 29.31
N PHE C 21 -3.68 29.08 27.68
CA PHE C 21 -2.81 27.96 27.37
C PHE C 21 -3.62 26.68 27.49
N ASP C 22 -4.43 26.50 28.53
CA ASP C 22 -5.26 25.33 28.71
C ASP C 22 -6.19 25.12 27.53
N LEU C 23 -6.85 26.16 27.03
CA LEU C 23 -7.73 26.11 25.87
C LEU C 23 -6.95 25.80 24.60
N VAL C 24 -5.76 26.30 24.42
CA VAL C 24 -4.96 26.05 23.22
C VAL C 24 -4.38 24.62 23.27
N ILE C 25 -4.18 24.05 24.47
CA ILE C 25 -3.63 22.71 24.66
C ILE C 25 -4.73 21.76 24.30
N TYR C 26 -5.99 22.09 24.64
CA TYR C 26 -7.17 21.25 24.35
C TYR C 26 -7.49 21.31 22.87
N ALA C 27 -7.71 22.49 22.31
CA ALA C 27 -8.14 22.64 20.96
C ALA C 27 -7.15 22.04 19.97
N PHE C 28 -5.85 22.10 20.22
CA PHE C 28 -4.83 21.61 19.27
C PHE C 28 -4.19 20.34 19.79
N ASN C 29 -4.62 19.78 20.93
CA ASN C 29 -4.23 18.44 21.34
C ASN C 29 -2.72 18.31 21.47
N GLN C 30 -2.05 19.28 22.08
CA GLN C 30 -0.59 19.24 22.26
C GLN C 30 -0.33 18.96 23.73
N GLU C 31 0.74 18.27 24.11
CA GLU C 31 1.03 17.97 25.54
C GLU C 31 1.74 19.17 26.15
N PRO C 32 1.37 19.54 27.37
CA PRO C 32 1.90 20.73 28.01
C PRO C 32 3.38 20.56 28.47
N THR C 33 4.35 20.47 27.57
CA THR C 33 5.75 20.44 27.93
C THR C 33 6.12 21.82 28.44
N ALA C 34 6.97 21.97 29.46
CA ALA C 34 7.40 23.28 29.95
C ALA C 34 8.06 24.06 28.82
N GLU C 35 8.70 23.42 27.85
CA GLU C 35 9.25 24.08 26.68
C GLU C 35 8.15 24.74 25.88
N ARG C 36 6.97 24.12 25.78
CA ARG C 36 5.88 24.59 24.92
C ARG C 36 5.13 25.72 25.61
N GLN C 37 4.97 25.70 26.94
CA GLN C 37 4.47 26.84 27.69
C GLN C 37 5.41 28.04 27.58
N GLU C 38 6.73 27.85 27.66
CA GLU C 38 7.74 28.89 27.37
C GLU C 38 7.47 29.51 26.02
N ARG C 39 7.26 28.76 24.95
CA ARG C 39 7.05 29.34 23.61
C ARG C 39 5.73 30.06 23.58
N PHE C 40 4.71 29.60 24.30
CA PHE C 40 3.44 30.25 24.32
C PHE C 40 3.56 31.61 24.99
N GLU C 41 4.24 31.70 26.14
CA GLU C 41 4.44 32.95 26.83
C GLU C 41 5.21 33.94 25.95
N LYS C 42 6.20 33.49 25.20
CA LYS C 42 6.97 34.33 24.30
C LYS C 42 6.08 34.93 23.23
N LEU C 43 5.25 34.14 22.56
CA LEU C 43 4.29 34.60 21.57
C LEU C 43 3.26 35.56 22.19
N LEU C 44 2.67 35.20 23.32
CA LEU C 44 1.67 35.99 23.99
C LEU C 44 2.19 37.39 24.23
N SER C 45 3.44 37.56 24.65
CA SER C 45 4.04 38.86 24.86
C SER C 45 4.23 39.63 23.57
N HIS C 46 4.02 39.05 22.39
CA HIS C 46 4.12 39.75 21.13
C HIS C 46 2.81 39.76 20.40
N THR C 47 1.68 39.49 21.04
CA THR C 47 0.43 39.27 20.33
C THR C 47 -0.71 39.87 21.07
N GLN C 48 -1.78 40.26 20.39
CA GLN C 48 -3.01 40.65 21.02
C GLN C 48 -3.99 39.47 20.93
N SER C 49 -4.42 38.90 22.06
CA SER C 49 -5.42 37.89 22.12
C SER C 49 -6.81 38.53 22.42
N TYR C 50 -7.88 38.08 21.75
CA TYR C 50 -9.24 38.46 22.03
C TYR C 50 -9.94 37.21 22.52
N GLY C 51 -10.59 37.23 23.66
CA GLY C 51 -11.27 36.09 24.21
C GLY C 51 -12.77 36.31 24.22
N PHE C 52 -13.57 35.25 24.16
CA PHE C 52 -14.98 35.35 24.34
C PHE C 52 -15.26 34.79 25.71
N LEU C 53 -15.74 35.56 26.70
CA LEU C 53 -16.03 35.01 28.02
C LEU C 53 -17.51 34.74 28.17
N ILE C 54 -17.93 33.56 28.61
CA ILE C 54 -19.33 33.33 28.96
C ILE C 54 -19.39 33.16 30.48
N ASP C 55 -20.18 33.97 31.19
CA ASP C 55 -20.12 34.13 32.65
C ASP C 55 -18.68 34.28 33.14
N GLU C 56 -17.82 35.00 32.43
CA GLU C 56 -16.41 35.24 32.79
C GLU C 56 -15.53 34.01 32.64
N GLN C 57 -15.99 32.88 32.09
CA GLN C 57 -15.10 31.78 31.72
C GLN C 57 -14.67 31.98 30.30
N LEU C 58 -13.39 31.91 29.97
CA LEU C 58 -12.88 31.94 28.59
C LEU C 58 -13.36 30.70 27.86
N THR C 59 -14.07 30.82 26.75
CA THR C 59 -14.60 29.68 26.01
C THR C 59 -14.07 29.68 24.58
N SER C 60 -13.74 30.81 23.98
CA SER C 60 -13.17 30.85 22.63
C SER C 60 -12.08 31.86 22.61
N GLN C 61 -11.15 31.79 21.68
CA GLN C 61 -10.13 32.81 21.56
C GLN C 61 -9.60 32.94 20.14
N VAL C 62 -9.11 34.10 19.75
CA VAL C 62 -8.36 34.32 18.54
C VAL C 62 -7.18 35.20 18.88
N ALA C 64 -4.04 37.82 17.36
CA ALA C 64 -3.60 38.62 16.24
C ALA C 64 -2.17 39.07 16.52
N THR C 65 -1.17 38.49 15.87
CA THR C 65 0.22 38.87 16.03
C THR C 65 0.51 39.95 15.01
N PRO C 66 0.91 41.14 15.48
CA PRO C 66 1.19 42.24 14.59
C PRO C 66 2.49 42.04 13.83
N PHE C 67 2.46 41.98 12.51
CA PHE C 67 3.61 41.81 11.67
C PHE C 67 3.67 43.03 10.78
N GLN C 68 4.80 43.29 10.14
CA GLN C 68 4.85 44.15 8.96
C GLN C 68 5.15 43.28 7.76
N VAL C 69 4.76 43.72 6.58
CA VAL C 69 4.78 42.92 5.37
C VAL C 69 5.39 43.80 4.29
N ASN C 70 6.30 43.31 3.46
CA ASN C 70 6.86 44.06 2.36
C ASN C 70 6.07 43.74 1.10
N PHE C 71 5.18 44.63 0.67
CA PHE C 71 4.39 44.46 -0.53
C PHE C 71 5.00 45.33 -1.64
N HIS C 72 5.88 44.79 -2.48
CA HIS C 72 6.45 45.47 -3.63
C HIS C 72 7.02 46.83 -3.28
N GLY C 73 7.79 46.92 -2.18
CA GLY C 73 8.44 48.13 -1.75
C GLY C 73 7.64 48.87 -0.70
N VAL C 74 6.41 48.47 -0.37
CA VAL C 74 5.54 49.23 0.54
C VAL C 74 5.36 48.41 1.80
N ARG C 75 5.53 49.00 2.97
CA ARG C 75 5.50 48.31 4.23
C ARG C 75 4.11 48.45 4.81
N TYR C 76 3.36 47.36 4.99
CA TYR C 76 2.00 47.41 5.47
C TYR C 76 1.95 46.76 6.82
N PRO C 77 1.16 47.30 7.75
CA PRO C 77 0.90 46.59 9.00
C PRO C 77 -0.01 45.40 8.71
N ALA C 79 -1.98 41.81 10.44
CA ALA C 79 -2.28 41.03 11.67
C ALA C 79 -2.31 39.56 11.31
N GLY C 80 -1.40 38.74 11.84
CA GLY C 80 -1.29 37.32 11.54
C GLY C 80 -2.17 36.61 12.52
N ILE C 81 -3.18 35.87 12.07
CA ILE C 81 -4.16 35.33 12.98
C ILE C 81 -3.84 33.86 13.28
N GLY C 82 -3.84 33.43 14.53
CA GLY C 82 -3.55 32.06 14.89
C GLY C 82 -4.22 31.63 16.18
N TYR C 83 -4.04 30.37 16.55
CA TYR C 83 -4.59 29.81 17.77
C TYR C 83 -6.07 30.10 17.94
N VAL C 84 -6.87 29.84 16.91
CA VAL C 84 -8.30 29.99 16.92
C VAL C 84 -8.80 28.76 17.63
N ALA C 85 -9.41 28.88 18.79
CA ALA C 85 -9.70 27.76 19.62
C ALA C 85 -11.01 28.00 20.34
N SER C 86 -11.88 27.00 20.43
CA SER C 86 -13.11 27.04 21.19
C SER C 86 -13.25 25.75 21.96
N TYR C 87 -13.81 25.77 23.16
CA TYR C 87 -14.12 24.58 23.90
C TYR C 87 -15.38 23.97 23.31
N PRO C 88 -15.44 22.64 23.17
CA PRO C 88 -16.56 21.99 22.47
C PRO C 88 -17.93 22.20 23.13
N GLU C 89 -18.09 22.33 24.45
CA GLU C 89 -19.41 22.52 25.10
C GLU C 89 -20.11 23.81 24.68
N TYR C 90 -19.45 24.77 24.08
CA TYR C 90 -20.06 26.04 23.74
C TYR C 90 -20.23 26.17 22.22
N ARG C 91 -20.28 25.09 21.43
CA ARG C 91 -20.80 25.11 20.06
C ARG C 91 -22.11 25.93 19.95
N GLY C 92 -22.23 26.80 18.95
CA GLY C 92 -23.45 27.57 18.71
C GLY C 92 -23.62 28.78 19.62
N GLU C 93 -22.77 29.04 20.61
CA GLU C 93 -22.93 30.21 21.46
C GLU C 93 -22.41 31.47 20.74
N GLY C 94 -21.85 31.37 19.52
CA GLY C 94 -21.47 32.52 18.70
C GLY C 94 -20.10 33.12 18.98
N GLY C 95 -19.18 32.42 19.63
CA GLY C 95 -17.99 33.03 20.21
C GLY C 95 -16.97 33.47 19.19
N ILE C 96 -16.52 32.62 18.28
CA ILE C 96 -15.55 33.02 17.24
C ILE C 96 -16.13 34.16 16.41
N SER C 97 -17.37 34.07 15.94
CA SER C 97 -17.98 35.15 15.18
C SER C 97 -18.03 36.45 15.99
N ALA C 98 -18.33 36.42 17.28
CA ALA C 98 -18.36 37.62 18.12
C ALA C 98 -16.93 38.19 18.19
N ILE C 99 -15.91 37.36 18.35
CA ILE C 99 -14.54 37.82 18.41
C ILE C 99 -14.13 38.42 17.09
N LYS C 101 -15.80 39.83 14.67
CA LYS C 101 -16.46 41.10 14.48
C LYS C 101 -15.83 42.21 15.31
N GLU C 102 -15.70 42.07 16.63
CA GLU C 102 -15.01 43.09 17.43
C GLU C 102 -13.53 43.22 17.04
N LEU C 104 -11.77 42.52 14.12
CA LEU C 104 -11.58 43.17 12.82
C LEU C 104 -11.83 44.66 12.96
N ALA C 105 -12.83 45.08 13.73
CA ALA C 105 -13.18 46.50 13.96
C ALA C 105 -12.07 47.16 14.73
N ASP C 106 -11.52 46.54 15.77
CA ASP C 106 -10.40 47.07 16.53
C ASP C 106 -9.15 47.19 15.66
N LEU C 107 -8.81 46.20 14.86
CA LEU C 107 -7.68 46.21 13.98
C LEU C 107 -7.88 47.29 12.94
N ALA C 108 -9.09 47.54 12.43
CA ALA C 108 -9.34 48.65 11.53
C ALA C 108 -9.15 50.02 12.24
N LYS C 109 -9.55 50.20 13.50
CA LYS C 109 -9.23 51.39 14.33
C LYS C 109 -7.73 51.61 14.35
N GLN C 110 -6.93 50.56 14.53
CA GLN C 110 -5.49 50.66 14.49
C GLN C 110 -4.94 50.89 13.10
N LYS C 111 -5.74 50.85 12.03
CA LYS C 111 -5.31 51.09 10.65
C LYS C 111 -4.39 49.97 10.21
N VAL C 112 -4.69 48.74 10.60
CA VAL C 112 -4.05 47.56 10.05
C VAL C 112 -4.55 47.41 8.60
N ALA C 113 -3.69 47.36 7.61
CA ALA C 113 -4.10 47.22 6.19
C ALA C 113 -4.56 45.82 5.86
N LEU C 114 -3.88 44.76 6.34
CA LEU C 114 -4.00 43.37 5.86
C LEU C 114 -4.06 42.37 6.99
N SER C 115 -4.59 41.17 6.75
CA SER C 115 -4.59 40.12 7.75
C SER C 115 -4.41 38.79 7.08
N TYR C 116 -3.55 37.90 7.60
CA TYR C 116 -3.28 36.58 7.03
C TYR C 116 -3.63 35.47 8.02
N LEU C 117 -4.19 34.35 7.59
CA LEU C 117 -4.25 33.14 8.42
C LEU C 117 -4.14 31.83 7.66
N ALA C 118 -3.68 30.78 8.32
CA ALA C 118 -3.63 29.40 7.83
C ALA C 118 -4.91 28.72 8.34
N PRO C 119 -5.81 28.37 7.43
CA PRO C 119 -7.10 27.79 7.78
C PRO C 119 -7.14 26.28 7.97
N PHE C 120 -7.83 25.75 8.99
CA PHE C 120 -8.16 24.33 8.99
C PHE C 120 -9.29 24.06 7.98
N SER C 121 -10.05 25.07 7.56
CA SER C 121 -11.19 24.93 6.69
C SER C 121 -11.36 26.26 5.97
N TYR C 122 -11.33 26.31 4.64
CA TYR C 122 -11.43 27.53 3.89
C TYR C 122 -12.81 28.18 3.95
N PRO C 123 -13.89 27.41 3.82
CA PRO C 123 -15.22 27.96 4.00
C PRO C 123 -15.44 28.60 5.39
N PHE C 124 -14.88 28.06 6.46
CA PHE C 124 -15.09 28.60 7.78
C PHE C 124 -14.56 30.03 7.88
N TYR C 125 -13.43 30.38 7.28
CA TYR C 125 -12.90 31.71 7.37
C TYR C 125 -13.40 32.57 6.25
N ARG C 126 -13.87 32.03 5.14
CA ARG C 126 -14.39 32.84 4.05
C ARG C 126 -15.56 33.68 4.51
N GLN C 127 -16.39 33.19 5.41
CA GLN C 127 -17.57 33.93 5.92
C GLN C 127 -17.15 35.21 6.62
N TYR C 128 -15.92 35.33 7.12
CA TYR C 128 -15.43 36.57 7.72
C TYR C 128 -14.65 37.41 6.74
N GLY C 129 -14.65 37.14 5.43
CA GLY C 129 -14.02 38.03 4.41
C GLY C 129 -12.68 37.54 3.90
N TYR C 130 -12.10 36.51 4.51
CA TYR C 130 -10.83 35.96 4.06
C TYR C 130 -10.97 35.19 2.77
N GLU C 131 -9.93 35.10 1.96
CA GLU C 131 -9.96 34.30 0.76
C GLU C 131 -8.57 33.78 0.47
N GLN C 132 -8.43 32.57 -0.05
CA GLN C 132 -7.13 32.05 -0.46
C GLN C 132 -6.41 33.04 -1.38
N THR C 133 -5.19 33.45 -1.04
CA THR C 133 -4.36 34.32 -1.83
C THR C 133 -2.92 33.81 -1.85
N PHE C 134 -2.57 32.70 -1.20
CA PHE C 134 -1.22 32.16 -1.22
C PHE C 134 -1.22 30.69 -1.56
N GLU C 135 -0.18 30.20 -2.25
CA GLU C 135 0.00 28.78 -2.54
C GLU C 135 1.43 28.28 -2.18
N GLN C 136 1.67 26.99 -2.03
CA GLN C 136 3.00 26.44 -1.85
C GLN C 136 3.38 25.47 -2.94
N ALA C 137 4.64 25.42 -3.34
CA ALA C 137 5.17 24.39 -4.21
C ALA C 137 5.91 23.36 -3.35
N GLU C 138 5.49 22.11 -3.39
CA GLU C 138 6.16 21.01 -2.72
C GLU C 138 7.02 20.19 -3.71
N TYR C 139 8.34 20.15 -3.56
CA TYR C 139 9.25 19.39 -4.41
C TYR C 139 9.77 18.15 -3.70
N THR C 140 9.83 16.99 -4.36
CA THR C 140 10.37 15.75 -3.80
C THR C 140 11.21 15.15 -4.87
N ILE C 141 12.50 14.94 -4.69
CA ILE C 141 13.36 14.40 -5.73
C ILE C 141 14.19 13.24 -5.17
N LYS C 142 14.29 12.13 -5.87
CA LYS C 142 15.06 10.98 -5.43
C LYS C 142 16.54 11.33 -5.38
N THR C 143 17.30 10.70 -4.48
CA THR C 143 18.71 11.02 -4.27
C THR C 143 19.53 10.89 -5.59
N GLU C 144 19.25 9.90 -6.43
CA GLU C 144 20.00 9.70 -7.69
C GLU C 144 19.71 10.80 -8.69
N ASP C 145 18.62 11.55 -8.53
CA ASP C 145 18.13 12.51 -9.48
C ASP C 145 18.62 13.90 -9.14
N TRP C 146 19.17 14.12 -7.94
CA TRP C 146 19.72 15.39 -7.58
C TRP C 146 20.91 15.62 -8.52
N PRO C 147 20.94 16.75 -9.23
CA PRO C 147 21.93 16.97 -10.28
C PRO C 147 23.33 17.24 -9.76
N ARG C 148 24.37 16.76 -10.43
CA ARG C 148 25.73 17.13 -10.14
C ARG C 148 25.90 18.59 -10.55
N VAL C 149 26.61 19.39 -9.76
CA VAL C 149 26.74 20.83 -9.97
C VAL C 149 28.21 21.13 -9.87
N LYS C 150 28.86 21.73 -10.87
CA LYS C 150 30.31 21.97 -10.80
C LYS C 150 30.62 22.90 -9.63
N ARG C 151 31.76 22.76 -8.98
CA ARG C 151 32.19 23.67 -7.94
C ARG C 151 32.32 25.07 -8.51
N VAL C 152 32.05 26.08 -7.72
CA VAL C 152 31.95 27.45 -8.17
C VAL C 152 32.78 28.32 -7.18
N PRO C 153 33.12 29.55 -7.53
CA PRO C 153 33.86 30.44 -6.62
C PRO C 153 33.09 30.86 -5.34
N GLY C 154 33.78 31.19 -4.25
CA GLY C 154 33.16 31.57 -2.98
C GLY C 154 33.35 30.49 -1.94
N THR C 155 32.88 30.64 -0.70
CA THR C 155 33.03 29.59 0.31
C THR C 155 31.71 29.34 1.04
N ILE C 156 31.46 28.16 1.58
CA ILE C 156 30.31 27.88 2.42
C ILE C 156 30.79 27.55 3.82
N LYS C 157 30.20 28.11 4.87
CA LYS C 157 30.53 27.75 6.25
C LYS C 157 29.27 27.19 6.92
N ARG C 158 29.32 26.03 7.58
CA ARG C 158 28.23 25.58 8.43
C ARG C 158 28.24 26.43 9.70
N VAL C 159 27.13 26.95 10.20
CA VAL C 159 27.17 27.93 11.28
C VAL C 159 26.21 27.51 12.42
N SER C 160 26.48 27.90 13.65
CA SER C 160 25.54 27.76 14.73
C SER C 160 24.43 28.76 14.51
N TRP C 161 23.27 28.58 15.12
CA TRP C 161 22.24 29.58 15.07
C TRP C 161 22.74 30.93 15.58
N ALA C 162 23.42 31.02 16.74
CA ALA C 162 23.88 32.31 17.30
C ALA C 162 24.80 33.00 16.33
N ASP C 163 25.77 32.31 15.74
CA ASP C 163 26.67 32.90 14.76
C ASP C 163 26.01 33.15 13.42
N GLY C 164 24.87 32.55 13.08
CA GLY C 164 24.29 32.73 11.74
C GLY C 164 23.01 33.54 11.67
N LYS C 165 22.29 33.78 12.75
CA LYS C 165 20.92 34.29 12.70
C LYS C 165 20.81 35.65 12.05
N GLU C 166 21.73 36.58 12.30
CA GLU C 166 21.60 37.95 11.77
C GLU C 166 21.98 38.01 10.31
N VAL C 167 22.87 37.17 9.80
CA VAL C 167 23.17 37.10 8.36
C VAL C 167 21.98 36.43 7.63
N ILE C 168 21.39 35.36 8.16
CA ILE C 168 20.20 34.70 7.60
C ILE C 168 19.06 35.70 7.53
N LYS C 169 18.88 36.56 8.53
CA LYS C 169 17.89 37.64 8.47
C LYS C 169 18.17 38.63 7.34
N ASP C 170 19.38 39.14 7.20
CA ASP C 170 19.69 40.09 6.13
C ASP C 170 19.49 39.47 4.77
N VAL C 171 20.00 38.26 4.48
CA VAL C 171 19.84 37.66 3.14
C VAL C 171 18.37 37.39 2.89
N TYR C 172 17.60 36.98 3.89
CA TYR C 172 16.17 36.81 3.73
C TYR C 172 15.49 38.10 3.32
N LEU C 173 15.64 39.20 4.05
CA LEU C 173 14.98 40.51 3.78
C LEU C 173 15.45 41.12 2.45
N GLU C 174 16.68 40.90 2.04
CA GLU C 174 17.21 41.39 0.79
C GLU C 174 16.67 40.58 -0.41
N ASN C 175 16.13 39.38 -0.22
CA ASN C 175 15.80 38.46 -1.32
C ASN C 175 14.46 38.83 -1.96
N GLN C 176 14.37 38.82 -3.30
CA GLN C 176 13.22 39.32 -4.08
C GLN C 176 11.96 38.65 -3.66
N ARG C 177 12.02 37.35 -3.37
CA ARG C 177 10.86 36.56 -3.02
C ARG C 177 10.30 36.97 -1.67
N ALA C 178 10.96 37.88 -0.92
CA ALA C 178 10.43 38.46 0.31
C ALA C 178 9.70 39.77 0.02
N HIS C 179 9.60 40.20 -1.24
CA HIS C 179 9.08 41.51 -1.59
C HIS C 179 7.66 41.45 -2.21
N SER C 180 6.93 40.35 -2.15
CA SER C 180 5.54 40.27 -2.61
C SER C 180 4.57 39.91 -1.49
N GLY C 181 4.61 40.59 -0.35
CA GLY C 181 3.68 40.34 0.74
C GLY C 181 4.31 39.54 1.86
N GLY C 182 5.60 39.22 1.79
CA GLY C 182 6.24 38.41 2.80
C GLY C 182 6.55 39.15 4.09
N VAL C 183 6.65 38.45 5.21
CA VAL C 183 6.85 39.06 6.51
C VAL C 183 8.23 39.76 6.55
N ILE C 184 8.30 41.00 7.03
CA ILE C 184 9.52 41.64 7.41
C ILE C 184 9.82 41.02 8.77
N ARG C 185 10.61 39.95 8.80
CA ARG C 185 10.83 39.15 10.01
C ARG C 185 11.65 39.88 11.04
N GLU C 186 11.17 40.03 12.27
CA GLU C 186 11.94 40.53 13.40
C GLU C 186 12.81 39.43 13.97
N THR C 187 13.92 39.75 14.63
CA THR C 187 14.89 38.83 15.22
C THR C 187 14.23 37.82 16.17
N TRP C 188 13.26 38.21 16.99
CA TRP C 188 12.60 37.30 17.95
C TRP C 188 11.74 36.31 17.17
N TRP C 189 11.17 36.69 16.03
CA TRP C 189 10.31 35.79 15.26
C TRP C 189 11.17 34.79 14.54
N LEU C 190 12.32 35.19 14.03
CA LEU C 190 13.26 34.27 13.43
C LEU C 190 13.71 33.24 14.47
N ASP C 191 14.01 33.61 15.71
CA ASP C 191 14.40 32.67 16.76
C ASP C 191 13.22 31.79 17.09
N TYR C 192 12.02 32.35 17.17
CA TYR C 192 10.83 31.62 17.52
C TYR C 192 10.56 30.52 16.52
N THR C 193 10.70 30.77 15.23
CA THR C 193 10.32 29.79 14.23
C THR C 193 11.51 28.92 13.82
N LEU C 194 12.74 29.41 13.77
CA LEU C 194 13.83 28.67 13.15
C LEU C 194 14.88 28.19 14.16
N ASN C 195 14.75 28.46 15.46
CA ASN C 195 15.65 27.93 16.48
C ASN C 195 14.89 27.23 17.59
N ARG C 196 14.31 26.06 17.39
CA ARG C 196 13.55 25.38 18.43
C ARG C 196 14.26 24.11 18.87
N ALA C 197 14.48 23.90 20.17
CA ALA C 197 15.08 22.71 20.75
C ALA C 197 14.46 21.43 20.19
N SER C 198 13.14 21.36 20.06
CA SER C 198 12.45 20.14 19.73
C SER C 198 12.47 19.83 18.23
N LYS C 199 12.94 20.71 17.34
CA LYS C 199 13.04 20.39 15.91
C LYS C 199 14.28 21.04 15.33
N PRO C 200 15.45 20.56 15.75
CA PRO C 200 16.70 21.26 15.50
C PRO C 200 17.17 21.26 14.04
N ASN C 201 17.80 22.33 13.56
CA ASN C 201 18.18 22.47 12.19
C ASN C 201 19.68 22.58 12.05
N ASN C 202 20.24 22.40 10.87
CA ASN C 202 21.58 22.86 10.54
C ASN C 202 21.42 24.04 9.62
N GLN C 203 22.44 24.89 9.47
CA GLN C 203 22.41 26.04 8.59
C GLN C 203 23.77 26.19 7.96
N ALA C 204 23.85 26.63 6.72
CA ALA C 204 25.10 26.94 6.08
C ALA C 204 24.90 28.22 5.38
N ILE C 205 25.90 29.11 5.33
CA ILE C 205 25.85 30.34 4.59
C ILE C 205 26.84 30.31 3.45
N TYR C 206 26.49 30.82 2.27
CA TYR C 206 27.41 31.03 1.16
C TYR C 206 27.96 32.45 1.13
N TYR C 207 29.27 32.62 1.25
CA TYR C 207 29.95 33.88 1.05
C TYR C 207 30.56 33.94 -0.35
N SER C 208 30.39 35.05 -1.08
CA SER C 208 31.01 35.25 -2.39
C SER C 208 32.53 35.26 -2.31
N SER C 209 33.26 35.24 -3.43
CA SER C 209 34.71 35.29 -3.40
C SER C 209 35.20 36.60 -2.79
N GLU C 210 34.40 37.68 -2.74
CA GLU C 210 34.82 38.94 -2.09
C GLU C 210 34.28 39.06 -0.65
N GLY C 211 33.59 38.05 -0.10
CA GLY C 211 33.26 37.95 1.32
C GLY C 211 31.83 38.29 1.66
N LYS C 212 30.96 38.59 0.70
CA LYS C 212 29.59 38.99 0.98
C LYS C 212 28.73 37.73 1.15
N ALA C 213 27.95 37.61 2.22
CA ALA C 213 26.90 36.62 2.36
C ALA C 213 25.85 36.81 1.26
N GLU C 214 25.66 35.81 0.41
CA GLU C 214 24.80 35.88 -0.75
C GLU C 214 23.80 34.73 -0.76
N GLY C 215 23.77 33.87 0.27
CA GLY C 215 22.79 32.81 0.37
C GLY C 215 22.87 31.99 1.65
N TYR C 216 21.83 31.23 1.99
CA TYR C 216 21.89 30.25 3.07
C TYR C 216 20.99 29.08 2.77
N VAL C 217 21.22 27.93 3.40
CA VAL C 217 20.27 26.82 3.47
C VAL C 217 20.07 26.53 4.94
N ILE C 218 18.84 26.33 5.41
CA ILE C 218 18.52 25.75 6.71
C ILE C 218 17.99 24.36 6.42
N TYR C 219 18.50 23.30 7.04
CA TYR C 219 18.17 21.93 6.66
C TYR C 219 18.19 20.96 7.82
N ARG C 220 17.61 19.78 7.64
CA ARG C 220 17.78 18.64 8.55
C ARG C 220 17.65 17.33 7.78
N ILE C 221 18.16 16.23 8.30
CA ILE C 221 17.90 14.92 7.75
C ILE C 221 17.10 14.13 8.76
N ALA C 222 15.96 13.57 8.36
CA ALA C 222 15.11 12.75 9.19
C ALA C 222 14.54 11.64 8.31
N ALA C 223 14.45 10.41 8.82
CA ALA C 223 13.84 9.27 8.17
C ALA C 223 14.22 9.19 6.67
N GLY C 224 15.49 9.33 6.31
CA GLY C 224 16.00 9.11 4.96
C GLY C 224 15.82 10.26 4.00
N THR C 225 15.15 11.36 4.40
CA THR C 225 14.88 12.55 3.56
C THR C 225 15.71 13.73 4.04
N PHE C 226 16.48 14.35 3.14
CA PHE C 226 17.09 15.66 3.39
C PHE C 226 15.98 16.70 3.29
N GLU C 227 15.60 17.40 4.36
CA GLU C 227 14.59 18.45 4.33
C GLU C 227 15.24 19.81 4.14
N ILE C 228 15.03 20.48 3.02
CA ILE C 228 15.39 21.88 2.83
C ILE C 228 14.36 22.69 3.57
N VAL C 229 14.64 23.18 4.78
CA VAL C 229 13.67 23.92 5.57
C VAL C 229 13.54 25.27 4.92
N GLU C 230 14.63 25.90 4.53
CA GLU C 230 14.56 27.15 3.83
C GLU C 230 15.81 27.29 2.95
N TRP C 231 15.73 27.90 1.78
CA TRP C 231 16.85 28.08 0.89
C TRP C 231 16.66 29.39 0.14
N ASN C 232 17.45 30.41 0.41
CA ASN C 232 17.41 31.70 -0.27
C ASN C 232 18.76 32.06 -0.89
N TYR C 233 18.79 32.70 -2.04
CA TYR C 233 20.05 33.01 -2.71
C TYR C 233 19.96 34.32 -3.48
N LEU C 234 20.95 35.20 -3.40
CA LEU C 234 20.87 36.52 -4.02
C LEU C 234 21.55 36.48 -5.38
N THR C 235 22.38 35.49 -5.68
CA THR C 235 23.06 35.41 -6.97
C THR C 235 22.97 34.01 -7.56
N ASN C 236 23.18 33.85 -8.86
CA ASN C 236 23.17 32.54 -9.48
C ASN C 236 24.33 31.72 -8.98
N THR C 237 25.48 32.32 -8.79
CA THR C 237 26.63 31.64 -8.27
C THR C 237 26.32 31.22 -6.80
N ALA C 238 25.57 31.94 -5.99
CA ALA C 238 25.18 31.43 -4.64
C ALA C 238 24.27 30.20 -4.76
N PHE C 239 23.33 30.23 -5.69
CA PHE C 239 22.39 29.15 -5.97
C PHE C 239 23.12 27.86 -6.37
N LYS C 240 24.08 27.92 -7.27
CA LYS C 240 24.81 26.74 -7.69
C LYS C 240 25.72 26.24 -6.58
N ALA C 241 26.34 27.08 -5.78
CA ALA C 241 27.22 26.63 -4.71
C ALA C 241 26.43 25.90 -3.68
N LEU C 242 25.30 26.43 -3.23
CA LEU C 242 24.44 25.80 -2.24
C LEU C 242 23.77 24.56 -2.82
N ALA C 243 23.48 24.50 -4.12
CA ALA C 243 22.86 23.33 -4.74
C ALA C 243 23.88 22.19 -4.72
N GLY C 244 25.13 22.43 -5.07
CA GLY C 244 26.20 21.45 -4.91
C GLY C 244 26.45 21.04 -3.48
N PHE C 245 26.23 21.91 -2.49
CA PHE C 245 26.35 21.60 -1.06
C PHE C 245 25.19 20.70 -0.65
N ILE C 246 23.94 20.98 -1.00
CA ILE C 246 22.84 20.08 -0.67
C ILE C 246 23.14 18.75 -1.33
N GLY C 247 23.63 18.75 -2.58
CA GLY C 247 23.95 17.55 -3.36
C GLY C 247 24.99 16.64 -2.74
N SER C 248 26.04 17.16 -2.09
CA SER C 248 27.02 16.41 -1.30
C SER C 248 26.44 15.46 -0.26
N HIS C 249 25.20 15.64 0.19
CA HIS C 249 24.61 14.77 1.18
C HIS C 249 23.82 13.65 0.52
N SER C 250 23.88 13.50 -0.79
CA SER C 250 23.05 12.56 -1.49
C SER C 250 23.44 11.12 -1.15
N GLY C 251 24.66 10.81 -0.70
CA GLY C 251 25.08 9.46 -0.38
C GLY C 251 24.55 9.02 0.97
N SER C 252 23.94 9.89 1.77
CA SER C 252 23.44 9.51 3.08
C SER C 252 21.93 9.66 3.15
N VAL C 253 21.22 9.72 2.04
CA VAL C 253 19.83 10.16 2.04
C VAL C 253 19.10 9.47 0.87
N GLN C 254 17.80 9.16 0.95
CA GLN C 254 17.11 8.48 -0.18
C GLN C 254 16.31 9.50 -0.98
N SER C 255 15.85 10.61 -0.40
CA SER C 255 15.24 11.65 -1.16
C SER C 255 15.54 13.05 -0.62
N PHE C 256 15.22 14.11 -1.38
CA PHE C 256 15.31 15.51 -0.96
C PHE C 256 13.95 16.14 -1.07
N HIS C 257 13.55 16.97 -0.11
CA HIS C 257 12.21 17.47 -0.05
C HIS C 257 12.18 18.95 0.26
N TRP C 258 11.36 19.76 -0.40
CA TRP C 258 11.36 21.20 -0.20
C TRP C 258 9.96 21.76 -0.41
N ILE C 259 9.36 22.40 0.59
CA ILE C 259 8.15 23.20 0.41
C ILE C 259 8.48 24.69 0.44
N ASN C 260 8.24 25.46 -0.62
CA ASN C 260 8.36 26.91 -0.53
C ASN C 260 7.15 27.61 -1.14
N GLY C 261 7.08 28.94 -1.13
CA GLY C 261 5.96 29.72 -1.66
C GLY C 261 5.96 29.64 -3.17
N PHE C 262 4.80 29.53 -3.79
CA PHE C 262 4.69 29.34 -5.20
C PHE C 262 4.24 30.62 -5.88
N ALA C 263 4.90 31.06 -6.94
CA ALA C 263 4.62 32.35 -7.57
C ALA C 263 4.27 32.15 -9.04
N GLY C 264 3.98 30.95 -9.51
CA GLY C 264 3.50 30.74 -10.87
C GLY C 264 4.45 29.91 -11.68
N LYS C 265 5.66 29.64 -11.21
CA LYS C 265 6.63 28.93 -11.99
C LYS C 265 7.51 28.06 -11.10
N ASP C 266 7.55 26.75 -11.30
CA ASP C 266 8.35 25.86 -10.46
C ASP C 266 9.79 25.78 -10.94
N LEU C 267 10.67 25.22 -10.13
CA LEU C 267 12.10 25.19 -10.37
C LEU C 267 12.48 23.94 -11.18
N ASN C 268 11.56 23.04 -11.47
CA ASN C 268 11.92 21.73 -12.01
C ASN C 268 12.72 21.88 -13.27
N ASP C 269 12.55 22.93 -14.08
CA ASP C 269 13.24 23.05 -15.38
C ASP C 269 14.66 23.59 -15.22
N LEU C 270 15.03 24.16 -14.08
CA LEU C 270 16.43 24.52 -13.82
C LEU C 270 17.35 23.29 -13.75
N PRO C 272 18.74 19.72 -15.84
CA PRO C 272 18.76 19.07 -17.15
C PRO C 272 17.69 18.00 -17.28
N THR C 273 17.36 17.27 -16.21
CA THR C 273 16.23 16.35 -16.16
C THR C 273 15.24 16.89 -15.12
N PRO C 274 14.06 17.29 -15.55
CA PRO C 274 13.08 17.83 -14.64
C PRO C 274 12.47 16.68 -13.82
N ALA C 275 13.26 16.04 -12.97
CA ALA C 275 12.91 14.82 -12.28
C ALA C 275 12.24 15.09 -10.92
N ALA C 276 12.01 16.33 -10.48
CA ALA C 276 11.34 16.59 -9.21
C ALA C 276 9.87 16.33 -9.39
N SER C 277 9.24 15.64 -8.45
CA SER C 277 7.81 15.61 -8.34
C SER C 277 7.39 16.96 -7.76
N VAL C 278 6.52 17.74 -8.44
CA VAL C 278 6.07 19.08 -7.99
C VAL C 278 4.56 19.11 -7.73
N LYS C 279 4.11 19.39 -6.53
CA LYS C 279 2.71 19.43 -6.14
C LYS C 279 2.37 20.85 -5.69
N ILE C 280 1.26 21.45 -6.11
CA ILE C 280 0.88 22.80 -5.69
C ILE C 280 -0.11 22.72 -4.53
N LEU C 281 0.21 23.31 -3.38
CA LEU C 281 -0.61 23.19 -2.19
C LEU C 281 -1.34 24.49 -1.89
N PRO C 282 -2.63 24.41 -1.57
CA PRO C 282 -3.36 25.56 -1.04
C PRO C 282 -2.66 26.08 0.20
N TYR C 283 -2.49 27.37 0.37
CA TYR C 283 -1.82 27.91 1.54
C TYR C 283 -2.67 29.04 2.15
N ALA C 286 -6.17 35.55 3.15
CA ALA C 286 -5.87 36.97 3.46
C ALA C 286 -7.13 37.80 3.32
N ARG C 287 -7.26 38.92 4.05
CA ARG C 287 -8.20 39.96 3.71
C ARG C 287 -7.60 41.35 3.92
N ILE C 288 -7.92 42.29 3.05
CA ILE C 288 -7.82 43.70 3.33
C ILE C 288 -8.72 44.00 4.56
N VAL C 289 -8.19 44.70 5.55
CA VAL C 289 -8.89 45.05 6.76
C VAL C 289 -9.38 46.49 6.61
N GLU C 290 -8.51 47.48 6.56
CA GLU C 290 -8.92 48.87 6.43
C GLU C 290 -8.63 49.26 4.98
N LEU C 291 -9.65 49.30 4.14
CA LEU C 291 -9.49 49.46 2.70
C LEU C 291 -8.81 50.76 2.34
N GLN C 292 -9.13 51.86 3.00
CA GLN C 292 -8.67 53.16 2.62
C GLN C 292 -7.18 53.28 2.88
N THR C 293 -6.70 52.93 4.07
CA THR C 293 -5.26 52.82 4.37
C THR C 293 -4.57 51.97 3.32
N PHE C 294 -5.11 50.80 3.01
CA PHE C 294 -4.55 49.89 2.03
C PHE C 294 -4.40 50.58 0.69
N LEU C 295 -5.43 51.20 0.11
CA LEU C 295 -5.36 51.71 -1.26
C LEU C 295 -4.55 53.00 -1.33
N GLU C 296 -4.55 53.84 -0.30
CA GLU C 296 -3.76 55.05 -0.29
C GLU C 296 -2.27 54.75 -0.31
N LYS C 297 -1.81 53.68 0.31
CA LYS C 297 -0.41 53.24 0.21
C LYS C 297 -0.12 52.31 -0.98
N TYR C 298 -1.08 51.75 -1.70
CA TYR C 298 -0.82 50.76 -2.74
C TYR C 298 0.09 51.28 -3.87
N PRO C 299 1.13 50.54 -4.23
CA PRO C 299 2.08 50.96 -5.29
C PRO C 299 1.56 50.66 -6.68
N PHE C 300 0.68 51.51 -7.23
CA PHE C 300 0.14 51.30 -8.55
C PHE C 300 1.21 51.60 -9.60
N GLN C 301 1.12 51.00 -10.80
CA GLN C 301 2.04 51.26 -11.90
C GLN C 301 1.88 52.71 -12.26
N SER C 302 2.92 53.44 -12.63
CA SER C 302 2.73 54.76 -13.23
C SER C 302 2.03 54.64 -14.59
N GLY C 303 1.42 55.71 -15.09
CA GLY C 303 0.65 55.71 -16.31
C GLY C 303 -0.02 57.06 -16.40
N GLU C 304 -1.28 57.17 -16.77
CA GLU C 304 -1.99 58.44 -16.80
C GLU C 304 -3.00 58.47 -15.68
N LYS C 305 -3.42 59.63 -15.17
CA LYS C 305 -4.41 59.68 -14.12
C LYS C 305 -5.66 58.93 -14.57
N GLU C 306 -6.27 58.12 -13.72
CA GLU C 306 -7.53 57.44 -14.01
C GLU C 306 -8.37 57.45 -12.76
N THR C 307 -9.69 57.37 -12.86
CA THR C 307 -10.54 57.26 -11.72
C THR C 307 -11.42 56.06 -11.88
N TYR C 308 -11.59 55.24 -10.86
CA TYR C 308 -12.46 54.09 -10.89
C TYR C 308 -13.43 54.25 -9.74
N SER C 309 -14.71 54.01 -9.92
CA SER C 309 -15.59 53.87 -8.77
C SER C 309 -15.70 52.38 -8.49
N LEU C 310 -15.56 51.96 -7.24
CA LEU C 310 -15.51 50.57 -6.85
C LEU C 310 -16.57 50.30 -5.81
N GLU C 311 -17.36 49.24 -5.94
CA GLU C 311 -18.36 48.90 -4.96
C GLU C 311 -17.91 47.64 -4.21
N ILE C 312 -17.91 47.65 -2.88
CA ILE C 312 -17.37 46.61 -2.05
C ILE C 312 -18.50 45.98 -1.22
N GLU C 313 -18.73 44.66 -1.27
CA GLU C 313 -19.53 43.95 -0.27
C GLU C 313 -18.58 43.37 0.78
N ASP C 314 -18.84 43.56 2.06
CA ASP C 314 -17.95 43.15 3.13
C ASP C 314 -18.70 43.06 4.47
N SER C 315 -19.33 41.93 4.76
CA SER C 315 -20.22 41.76 5.90
C SER C 315 -19.51 41.99 7.23
N TYR C 316 -18.31 41.47 7.44
CA TYR C 316 -17.62 41.62 8.71
C TYR C 316 -16.68 42.81 8.69
N GLY C 317 -16.61 43.58 7.59
CA GLY C 317 -15.90 44.86 7.53
C GLY C 317 -16.80 45.98 6.97
N PRO C 318 -17.85 46.35 7.71
CA PRO C 318 -18.86 47.26 7.17
C PRO C 318 -18.31 48.65 6.87
N TRP C 319 -17.21 49.09 7.51
CA TRP C 319 -16.51 50.33 7.19
C TRP C 319 -15.88 50.27 5.80
N ASN C 320 -15.69 49.10 5.19
CA ASN C 320 -15.14 48.99 3.81
C ASN C 320 -16.24 49.06 2.79
N GLU C 321 -17.49 48.84 3.16
CA GLU C 321 -18.62 48.69 2.25
C GLU C 321 -19.15 49.99 1.62
N GLY C 322 -19.71 49.89 0.42
CA GLY C 322 -20.23 51.01 -0.30
C GLY C 322 -19.38 51.31 -1.50
N ILE C 323 -19.60 52.48 -2.12
CA ILE C 323 -18.97 52.87 -3.36
C ILE C 323 -17.79 53.75 -3.01
N TRP C 324 -16.62 53.49 -3.57
CA TRP C 324 -15.44 54.29 -3.34
C TRP C 324 -15.04 54.83 -4.67
N THR C 325 -14.55 56.05 -4.73
CA THR C 325 -13.98 56.60 -5.91
C THR C 325 -12.49 56.54 -5.70
N ILE C 326 -11.73 56.08 -6.67
CA ILE C 326 -10.31 55.90 -6.51
C ILE C 326 -9.71 56.62 -7.68
N THR C 327 -8.86 57.61 -7.49
CA THR C 327 -8.25 58.26 -8.62
C THR C 327 -6.77 58.02 -8.46
N ILE C 328 -6.14 57.41 -9.46
CA ILE C 328 -4.76 56.92 -9.42
C ILE C 328 -3.97 57.88 -10.25
N ASP C 329 -3.01 58.63 -9.71
CA ASP C 329 -2.36 59.67 -10.47
C ASP C 329 -1.25 59.11 -11.35
N GLU C 330 -0.46 59.95 -12.03
CA GLU C 330 0.45 59.50 -13.07
C GLU C 330 1.60 58.73 -12.42
N GLN C 331 1.92 58.98 -11.16
CA GLN C 331 2.87 58.18 -10.41
C GLN C 331 2.13 56.98 -9.78
N GLY C 332 2.63 56.36 -8.75
CA GLY C 332 1.80 55.36 -8.07
C GLY C 332 0.53 55.85 -7.37
N LYS C 333 0.38 57.10 -6.94
CA LYS C 333 -0.45 57.44 -5.77
C LYS C 333 -1.93 57.47 -6.02
N ALA C 334 -2.70 56.76 -5.21
CA ALA C 334 -4.15 56.83 -5.25
C ALA C 334 -4.70 57.78 -4.17
N THR C 335 -5.73 58.57 -4.48
CA THR C 335 -6.53 59.21 -3.45
C THR C 335 -7.86 58.48 -3.46
N VAL C 336 -8.44 58.24 -2.30
CA VAL C 336 -9.52 57.30 -2.09
C VAL C 336 -10.65 58.06 -1.37
N THR C 337 -11.87 58.05 -1.88
CA THR C 337 -13.00 58.80 -1.32
C THR C 337 -14.22 57.90 -1.25
N LYS C 338 -15.07 58.04 -0.24
CA LYS C 338 -16.27 57.21 -0.12
C LYS C 338 -17.50 57.95 -0.62
N GLY C 339 -18.46 57.30 -1.27
CA GLY C 339 -19.82 57.85 -1.45
C GLY C 339 -20.14 58.47 -2.81
N ALA C 340 -19.79 57.84 -3.95
CA ALA C 340 -20.25 58.32 -5.30
C ALA C 340 -21.72 57.87 -5.57
N ALA C 347 -21.22 52.41 -9.51
CA ALA C 347 -19.80 52.00 -9.59
C ALA C 347 -19.59 51.21 -10.86
N ALA C 348 -18.46 51.39 -11.53
CA ALA C 348 -18.11 50.64 -12.71
C ALA C 348 -17.79 49.22 -12.30
N LEU C 349 -17.05 48.98 -11.23
CA LEU C 349 -16.67 47.63 -10.82
C LEU C 349 -17.28 47.25 -9.44
N LYS C 350 -17.81 46.03 -9.29
CA LYS C 350 -18.42 45.57 -8.04
C LYS C 350 -17.85 44.21 -7.61
N ALA C 351 -17.48 44.00 -6.36
CA ALA C 351 -16.96 42.71 -5.86
C ALA C 351 -17.12 42.63 -4.38
N ASP C 352 -16.98 41.44 -3.80
CA ASP C 352 -16.94 41.27 -2.36
C ASP C 352 -15.50 41.43 -1.87
N ILE C 353 -15.25 41.70 -0.60
CA ILE C 353 -13.88 41.95 -0.13
C ILE C 353 -12.95 40.76 -0.46
N GLN C 354 -13.44 39.52 -0.52
CA GLN C 354 -12.63 38.37 -0.92
C GLN C 354 -11.96 38.59 -2.29
N THR C 355 -12.73 38.94 -3.29
CA THR C 355 -12.25 39.15 -4.64
C THR C 355 -11.38 40.37 -4.74
N TRP C 356 -11.64 41.45 -3.99
CA TRP C 356 -10.81 42.66 -4.11
C TRP C 356 -9.45 42.35 -3.53
N THR C 357 -9.38 41.49 -2.52
CA THR C 357 -8.13 41.10 -1.87
C THR C 357 -7.32 40.27 -2.82
N GLN C 358 -7.90 39.29 -3.49
CA GLN C 358 -7.20 38.52 -4.51
C GLN C 358 -6.71 39.40 -5.64
N LEU C 359 -7.52 40.35 -6.08
CA LEU C 359 -7.20 41.25 -7.19
C LEU C 359 -6.02 42.11 -6.83
N PHE C 360 -6.07 42.85 -5.71
CA PHE C 360 -5.05 43.84 -5.39
C PHE C 360 -3.75 43.20 -4.92
N LEU C 361 -3.77 42.05 -4.23
CA LEU C 361 -2.52 41.40 -3.82
C LEU C 361 -1.88 40.70 -5.01
N GLY C 362 -2.55 40.58 -6.15
CA GLY C 362 -1.96 39.95 -7.34
C GLY C 362 -2.25 38.47 -7.43
N TYR C 363 -3.09 37.86 -6.59
CA TYR C 363 -3.35 36.42 -6.65
C TYR C 363 -3.95 36.01 -8.00
N ARG C 364 -5.04 36.62 -8.47
CA ARG C 364 -5.57 36.37 -9.82
C ARG C 364 -5.57 37.68 -10.58
N SER C 365 -5.77 37.66 -11.89
CA SER C 365 -5.74 38.85 -12.72
C SER C 365 -7.12 39.48 -12.78
N ALA C 366 -7.26 40.73 -13.20
CA ALA C 366 -8.54 41.35 -13.47
C ALA C 366 -9.27 40.51 -14.48
N GLU C 367 -8.60 40.04 -15.53
CA GLU C 367 -9.20 39.29 -16.62
C GLU C 367 -9.84 38.01 -16.09
N THR C 368 -9.13 37.21 -15.32
CA THR C 368 -9.61 35.98 -14.77
C THR C 368 -10.81 36.20 -13.86
N LEU C 369 -10.78 37.17 -12.96
CA LEU C 369 -11.85 37.39 -11.99
C LEU C 369 -13.04 38.01 -12.67
N SER C 370 -12.83 38.76 -13.76
CA SER C 370 -13.90 39.24 -14.60
C SER C 370 -14.58 38.08 -15.34
N PHE C 371 -13.83 37.16 -15.94
CA PHE C 371 -14.36 36.05 -16.71
C PHE C 371 -15.22 35.15 -15.84
N TYR C 372 -14.75 34.74 -14.68
CA TYR C 372 -15.49 33.91 -13.75
C TYR C 372 -16.51 34.74 -12.97
N GLU C 373 -16.79 35.99 -13.37
CA GLU C 373 -17.87 36.86 -12.88
C GLU C 373 -17.79 37.16 -11.37
N ARG C 374 -16.60 37.20 -10.77
CA ARG C 374 -16.41 37.67 -9.39
C ARG C 374 -16.17 39.16 -9.34
N LEU C 375 -15.43 39.72 -10.29
CA LEU C 375 -15.30 41.14 -10.51
C LEU C 375 -16.36 41.49 -11.54
N GLN C 376 -17.44 42.17 -11.16
CA GLN C 376 -18.52 42.51 -12.06
C GLN C 376 -18.40 43.94 -12.56
N GLY C 377 -18.78 44.18 -13.81
CA GLY C 377 -18.74 45.46 -14.45
C GLY C 377 -18.12 45.27 -15.82
N ASP C 378 -18.11 46.29 -16.66
CA ASP C 378 -17.46 46.28 -17.95
C ASP C 378 -16.11 45.57 -17.87
N ALA C 379 -15.89 44.54 -18.69
CA ALA C 379 -14.62 43.84 -18.81
C ALA C 379 -13.49 44.79 -19.24
N THR C 380 -13.75 45.79 -20.08
CA THR C 380 -12.72 46.74 -20.50
C THR C 380 -12.26 47.67 -19.37
N ILE C 381 -13.14 48.14 -18.48
CA ILE C 381 -12.74 48.91 -17.31
C ILE C 381 -11.90 48.00 -16.40
N ALA C 382 -12.35 46.78 -16.11
CA ALA C 382 -11.58 45.79 -15.37
C ALA C 382 -10.21 45.59 -15.99
N GLN C 383 -10.10 45.43 -17.32
CA GLN C 383 -8.82 45.36 -18.04
C GLN C 383 -7.93 46.51 -17.65
N ARG C 384 -8.40 47.76 -17.77
CA ARG C 384 -7.59 48.94 -17.51
C ARG C 384 -7.17 49.05 -16.05
N LEU C 385 -7.99 48.71 -15.06
CA LEU C 385 -7.56 48.72 -13.66
C LEU C 385 -6.52 47.65 -13.47
N GLY C 386 -6.63 46.49 -14.10
CA GLY C 386 -5.63 45.42 -14.02
C GLY C 386 -4.27 45.89 -14.49
N GLN C 387 -4.19 46.80 -15.45
CA GLN C 387 -2.93 47.33 -15.93
C GLN C 387 -2.24 48.22 -14.88
N ARG C 388 -2.92 48.78 -13.90
CA ARG C 388 -2.30 49.62 -12.88
C ARG C 388 -1.84 48.77 -11.71
N LEU C 389 -2.21 47.50 -11.63
CA LEU C 389 -1.94 46.69 -10.47
C LEU C 389 -0.53 46.11 -10.45
N VAL C 390 -0.11 45.62 -9.29
CA VAL C 390 1.17 45.01 -9.03
C VAL C 390 1.34 43.75 -9.90
N LYS C 391 2.54 43.35 -10.32
CA LYS C 391 2.72 42.20 -11.21
C LYS C 391 3.19 40.97 -10.46
N GLY C 392 2.59 39.81 -10.65
CA GLY C 392 3.05 38.58 -10.05
C GLY C 392 2.30 38.25 -8.79
N PRO C 394 1.52 37.00 -4.91
CA PRO C 394 2.13 37.23 -3.62
C PRO C 394 2.81 35.98 -3.06
N ILE C 395 3.89 36.12 -2.30
CA ILE C 395 4.64 35.00 -1.74
C ILE C 395 4.75 35.15 -0.21
N LEU C 396 4.32 34.16 0.56
CA LEU C 396 4.49 34.11 2.01
C LEU C 396 5.33 32.90 2.37
N GLU C 397 6.46 33.06 3.05
CA GLU C 397 7.30 31.95 3.49
C GLU C 397 7.41 31.98 5.01
N ASP C 398 6.32 32.26 5.72
CA ASP C 398 6.24 32.15 7.17
C ASP C 398 4.96 31.44 7.57
N TYR C 399 4.97 30.68 8.67
CA TYR C 399 3.79 29.99 9.15
C TYR C 399 3.34 30.51 10.51
N PHE C 400 2.06 30.64 10.79
CA PHE C 400 1.56 31.00 12.09
C PHE C 400 0.08 30.65 12.24
N THR D 5 28.17 -1.14 -44.08
CA THR D 5 28.87 -0.29 -45.10
C THR D 5 28.10 1.01 -45.33
N THR D 6 27.06 1.04 -46.16
CA THR D 6 26.48 2.31 -46.65
C THR D 6 25.39 2.86 -45.71
N LYS D 7 25.56 4.08 -45.20
CA LYS D 7 24.63 4.76 -44.31
C LYS D 7 24.11 6.01 -45.00
N ARG D 8 22.84 6.35 -44.90
CA ARG D 8 22.29 7.56 -45.53
C ARG D 8 20.94 7.90 -44.94
N VAL D 9 20.59 9.18 -44.85
CA VAL D 9 19.27 9.62 -44.39
C VAL D 9 18.36 9.70 -45.61
N LYS D 10 17.14 9.15 -45.56
CA LYS D 10 16.26 9.13 -46.72
C LYS D 10 14.89 9.67 -46.36
N LYS D 11 14.27 10.50 -47.20
CA LYS D 11 12.90 10.93 -47.06
C LYS D 11 11.99 9.77 -47.42
N GLY D 13 8.37 7.78 -48.17
CA GLY D 13 7.00 7.94 -48.63
C GLY D 13 6.12 6.82 -48.12
N LYS D 14 4.95 6.59 -48.70
CA LYS D 14 4.03 5.53 -48.26
C LYS D 14 4.38 4.23 -48.96
N GLU D 15 5.37 4.24 -49.86
CA GLU D 15 6.01 3.03 -50.39
C GLU D 15 6.84 2.37 -49.29
N GLU D 16 7.30 3.10 -48.26
CA GLU D 16 8.07 2.56 -47.15
C GLU D 16 7.18 2.34 -45.93
N LYS D 18 5.33 -0.16 -44.63
CA LYS D 18 5.44 -1.38 -43.86
C LYS D 18 6.75 -1.42 -43.07
N GLU D 19 7.85 -0.89 -43.57
CA GLU D 19 9.12 -0.81 -42.84
C GLU D 19 8.96 0.08 -41.62
N PHE D 21 6.06 1.10 -40.03
CA PHE D 21 5.06 0.63 -39.11
C PHE D 21 5.65 -0.47 -38.25
N ASP D 22 6.51 -1.34 -38.79
CA ASP D 22 7.19 -2.37 -38.03
C ASP D 22 8.21 -1.78 -37.06
N LEU D 23 8.86 -0.66 -37.37
CA LEU D 23 9.76 0.01 -36.45
C LEU D 23 8.97 0.67 -35.34
N VAL D 24 7.89 1.38 -35.66
CA VAL D 24 7.06 2.04 -34.68
C VAL D 24 6.37 1.00 -33.81
N ILE D 25 5.92 -0.15 -34.31
CA ILE D 25 5.29 -1.16 -33.48
C ILE D 25 6.30 -1.69 -32.52
N TYR D 26 7.53 -1.93 -32.96
CA TYR D 26 8.59 -2.44 -32.10
C TYR D 26 9.01 -1.42 -31.05
N ALA D 27 9.43 -0.22 -31.47
CA ALA D 27 9.92 0.83 -30.57
C ALA D 27 8.89 1.26 -29.57
N PHE D 28 7.60 1.33 -29.90
CA PHE D 28 6.61 1.82 -28.96
C PHE D 28 5.84 0.68 -28.36
N ASN D 29 6.14 -0.56 -28.74
CA ASN D 29 5.60 -1.76 -28.12
C ASN D 29 4.09 -1.75 -28.17
N GLN D 30 3.49 -1.67 -29.35
CA GLN D 30 2.05 -1.53 -29.49
C GLN D 30 1.54 -2.71 -30.31
N GLU D 31 0.35 -3.25 -30.05
CA GLU D 31 -0.16 -4.40 -30.82
C GLU D 31 -0.68 -3.91 -32.19
N PRO D 32 -0.18 -4.50 -33.27
CA PRO D 32 -0.44 -4.00 -34.63
C PRO D 32 -1.84 -4.33 -35.17
N THR D 33 -2.93 -3.86 -34.56
CA THR D 33 -4.31 -4.17 -35.01
C THR D 33 -4.64 -3.47 -36.31
N ALA D 34 -5.69 -3.89 -37.03
CA ALA D 34 -6.13 -3.25 -38.26
C ALA D 34 -6.47 -1.78 -38.04
N GLU D 35 -7.09 -1.39 -36.91
CA GLU D 35 -7.39 0.00 -36.55
C GLU D 35 -6.11 0.82 -36.38
N ARG D 36 -5.14 0.34 -35.62
CA ARG D 36 -3.87 1.01 -35.41
C ARG D 36 -3.10 1.11 -36.70
N GLN D 37 -3.20 0.16 -37.62
CA GLN D 37 -2.55 0.28 -38.91
C GLN D 37 -3.16 1.41 -39.74
N GLU D 38 -4.49 1.61 -39.77
CA GLU D 38 -5.09 2.65 -40.63
C GLU D 38 -4.95 4.04 -40.02
N ARG D 39 -4.85 4.20 -38.70
CA ARG D 39 -4.43 5.45 -38.08
C ARG D 39 -3.01 5.80 -38.49
N PHE D 40 -2.09 4.85 -38.53
CA PHE D 40 -0.72 5.10 -38.97
C PHE D 40 -0.70 5.49 -40.44
N GLU D 41 -1.47 4.84 -41.31
CA GLU D 41 -1.59 5.23 -42.72
C GLU D 41 -2.13 6.64 -42.83
N LYS D 42 -3.12 7.02 -42.02
CA LYS D 42 -3.68 8.38 -42.01
C LYS D 42 -2.60 9.38 -41.60
N LEU D 43 -1.87 9.15 -40.51
CA LEU D 43 -0.82 10.06 -40.07
C LEU D 43 0.23 10.12 -41.16
N LEU D 44 0.73 9.00 -41.69
CA LEU D 44 1.77 9.01 -42.76
C LEU D 44 1.35 9.89 -43.92
N SER D 45 0.08 9.91 -44.31
CA SER D 45 -0.39 10.72 -45.43
C SER D 45 -0.27 12.23 -45.15
N HIS D 46 -0.19 12.66 -43.88
CA HIS D 46 -0.01 14.06 -43.52
C HIS D 46 1.39 14.42 -43.04
N THR D 47 2.33 13.49 -42.88
CA THR D 47 3.61 13.78 -42.22
C THR D 47 4.79 13.69 -43.19
N GLN D 48 5.94 14.30 -42.89
CA GLN D 48 7.17 13.92 -43.53
C GLN D 48 8.00 13.01 -42.63
N SER D 49 8.16 11.74 -43.02
CA SER D 49 9.05 10.79 -42.38
C SER D 49 10.49 10.88 -42.96
N TYR D 50 11.49 10.87 -42.09
CA TYR D 50 12.89 10.80 -42.39
C TYR D 50 13.44 9.49 -41.84
N GLY D 51 14.17 8.71 -42.63
CA GLY D 51 14.66 7.40 -42.20
C GLY D 51 16.15 7.34 -42.23
N PHE D 52 16.77 6.43 -41.48
CA PHE D 52 18.19 6.21 -41.54
C PHE D 52 18.44 4.80 -42.02
N LEU D 53 18.99 4.62 -43.21
CA LEU D 53 19.24 3.30 -43.76
C LEU D 53 20.69 2.90 -43.50
N ILE D 54 20.96 1.74 -42.90
CA ILE D 54 22.29 1.14 -42.92
C ILE D 54 22.23 -0.06 -43.86
N ASP D 55 23.07 -0.15 -44.89
CA ASP D 55 22.96 -1.15 -45.95
C ASP D 55 21.53 -1.28 -46.52
N GLU D 56 20.84 -0.16 -46.76
CA GLU D 56 19.45 -0.17 -47.28
C GLU D 56 18.40 -0.68 -46.29
N GLN D 57 18.74 -1.09 -45.07
CA GLN D 57 17.77 -1.50 -44.06
C GLN D 57 17.36 -0.30 -43.24
N LEU D 58 16.08 0.04 -43.12
CA LEU D 58 15.64 1.15 -42.24
C LEU D 58 15.93 0.78 -40.78
N THR D 59 16.78 1.52 -40.08
CA THR D 59 17.18 1.23 -38.70
C THR D 59 16.74 2.31 -37.71
N SER D 60 16.48 3.54 -38.15
CA SER D 60 15.96 4.64 -37.31
C SER D 60 14.97 5.50 -38.08
N GLN D 61 14.24 6.39 -37.45
CA GLN D 61 13.17 7.12 -38.09
C GLN D 61 12.71 8.28 -37.21
N VAL D 62 12.48 9.45 -37.77
CA VAL D 62 11.85 10.58 -37.10
C VAL D 62 10.75 11.09 -38.03
N ALA D 64 8.06 14.28 -38.95
CA ALA D 64 7.73 15.68 -38.76
C ALA D 64 6.32 15.93 -39.33
N THR D 65 5.32 16.17 -38.48
CA THR D 65 3.96 16.50 -38.92
C THR D 65 3.80 18.02 -39.00
N PRO D 66 3.28 18.51 -40.10
CA PRO D 66 3.06 19.93 -40.27
C PRO D 66 1.83 20.43 -39.56
N PHE D 67 1.96 21.39 -38.66
CA PHE D 67 0.86 22.02 -37.99
C PHE D 67 0.90 23.52 -38.22
N GLN D 68 -0.21 24.20 -37.95
CA GLN D 68 -0.24 25.63 -37.75
C GLN D 68 -0.48 25.84 -36.25
N VAL D 69 0.22 26.77 -35.64
CA VAL D 69 0.16 27.11 -34.23
C VAL D 69 -0.40 28.54 -34.16
N ASN D 70 -1.29 28.88 -33.21
CA ASN D 70 -1.75 30.27 -32.99
C ASN D 70 -0.98 30.92 -31.84
N PHE D 71 -0.03 31.82 -32.12
CA PHE D 71 0.81 32.44 -31.10
C PHE D 71 0.38 33.88 -30.85
N HIS D 72 -0.54 34.11 -29.91
CA HIS D 72 -1.02 35.44 -29.57
C HIS D 72 -1.48 36.16 -30.82
N GLY D 73 -2.26 35.49 -31.67
CA GLY D 73 -2.86 36.07 -32.85
C GLY D 73 -2.04 35.88 -34.12
N VAL D 74 -0.81 35.38 -34.08
CA VAL D 74 0.02 35.19 -35.29
C VAL D 74 0.06 33.70 -35.69
N ARG D 75 -0.24 33.36 -36.95
CA ARG D 75 -0.17 31.98 -37.45
C ARG D 75 1.30 31.61 -37.67
N TYR D 76 1.83 30.59 -37.02
CA TYR D 76 3.18 30.09 -37.29
C TYR D 76 3.06 28.67 -37.83
N PRO D 77 3.77 28.40 -38.94
CA PRO D 77 4.07 27.02 -39.36
C PRO D 77 4.86 26.25 -38.30
N ALA D 79 6.46 22.29 -36.86
CA ALA D 79 6.71 20.88 -37.18
C ALA D 79 6.56 20.07 -35.91
N GLY D 80 5.59 19.17 -35.84
CA GLY D 80 5.34 18.33 -34.66
C GLY D 80 6.15 17.06 -34.80
N ILE D 81 7.23 16.90 -34.05
CA ILE D 81 8.12 15.76 -34.15
C ILE D 81 7.61 14.62 -33.30
N GLY D 82 7.52 13.41 -33.85
CA GLY D 82 6.94 12.25 -33.17
C GLY D 82 7.44 10.95 -33.77
N TYR D 83 7.16 9.83 -33.10
CA TYR D 83 7.61 8.49 -33.49
C TYR D 83 9.11 8.46 -33.75
N VAL D 84 9.93 8.98 -32.83
CA VAL D 84 11.36 8.81 -32.91
C VAL D 84 11.63 7.38 -32.44
N ALA D 85 12.22 6.54 -33.28
CA ALA D 85 12.32 5.10 -33.07
C ALA D 85 13.57 4.59 -33.72
N SER D 86 14.25 3.62 -33.12
CA SER D 86 15.32 2.92 -33.80
C SER D 86 15.41 1.53 -33.23
N TYR D 87 15.93 0.57 -33.98
CA TYR D 87 16.01 -0.80 -33.52
C TYR D 87 17.20 -0.94 -32.60
N PRO D 88 17.11 -1.85 -31.63
CA PRO D 88 18.14 -1.95 -30.59
C PRO D 88 19.49 -2.44 -31.06
N GLU D 89 19.59 -3.24 -32.13
CA GLU D 89 20.87 -3.81 -32.57
C GLU D 89 21.70 -2.75 -33.25
N TYR D 90 21.19 -1.56 -33.51
CA TYR D 90 21.97 -0.51 -34.14
C TYR D 90 22.22 0.57 -33.09
N ARG D 91 22.96 0.24 -32.03
CA ARG D 91 23.43 1.23 -31.04
C ARG D 91 24.63 1.96 -31.64
N GLY D 92 24.72 3.28 -31.48
CA GLY D 92 25.95 4.04 -31.75
C GLY D 92 26.18 4.34 -33.22
N GLU D 93 25.28 3.98 -34.13
CA GLU D 93 25.47 4.23 -35.57
C GLU D 93 25.18 5.70 -35.90
N GLY D 94 24.72 6.51 -34.94
CA GLY D 94 24.49 7.95 -35.12
C GLY D 94 23.24 8.25 -35.94
N GLY D 95 22.22 7.40 -35.90
CA GLY D 95 21.06 7.49 -36.79
C GLY D 95 20.15 8.65 -36.45
N ILE D 96 19.71 8.84 -35.21
CA ILE D 96 18.83 9.97 -34.87
C ILE D 96 19.56 11.26 -35.17
N SER D 97 20.82 11.41 -34.75
CA SER D 97 21.60 12.63 -34.92
C SER D 97 21.76 12.99 -36.39
N ALA D 98 21.88 12.01 -37.29
CA ALA D 98 21.99 12.25 -38.73
C ALA D 98 20.64 12.69 -39.29
N ILE D 99 19.55 12.03 -38.92
CA ILE D 99 18.20 12.43 -39.30
C ILE D 99 17.94 13.85 -38.81
N LYS D 101 19.87 16.29 -38.10
CA LYS D 101 20.68 17.24 -38.83
C LYS D 101 20.05 17.55 -40.17
N GLU D 102 19.72 16.57 -41.03
CA GLU D 102 19.07 16.88 -42.31
C GLU D 102 17.68 17.44 -42.10
N LEU D 104 16.16 19.20 -39.62
CA LEU D 104 16.10 20.58 -39.17
C LEU D 104 16.47 21.46 -40.34
N ALA D 105 17.56 21.15 -41.07
CA ALA D 105 17.99 21.87 -42.27
C ALA D 105 16.87 21.95 -43.28
N ASP D 106 16.21 20.85 -43.56
CA ASP D 106 15.04 20.78 -44.43
C ASP D 106 13.88 21.70 -43.96
N LEU D 107 13.47 21.62 -42.70
CA LEU D 107 12.38 22.42 -42.17
C LEU D 107 12.73 23.90 -42.26
N ALA D 108 13.95 24.32 -41.96
CA ALA D 108 14.40 25.67 -42.25
C ALA D 108 14.26 25.97 -43.75
N LYS D 109 14.79 25.16 -44.67
CA LYS D 109 14.61 25.39 -46.11
C LYS D 109 13.12 25.68 -46.38
N GLN D 110 12.17 24.96 -45.76
CA GLN D 110 10.74 25.20 -45.92
C GLN D 110 10.23 26.46 -45.17
N LYS D 111 11.05 27.14 -44.38
CA LYS D 111 10.64 28.31 -43.58
C LYS D 111 9.66 27.87 -42.50
N VAL D 112 9.89 26.76 -41.81
CA VAL D 112 9.11 26.40 -40.65
C VAL D 112 9.69 27.23 -39.50
N ALA D 113 8.87 27.83 -38.62
CA ALA D 113 9.34 28.80 -37.64
C ALA D 113 9.56 28.15 -36.28
N LEU D 114 8.83 27.10 -35.95
CA LEU D 114 8.85 26.46 -34.64
C LEU D 114 8.79 24.95 -34.77
N SER D 115 9.11 24.21 -33.71
CA SER D 115 9.04 22.76 -33.72
C SER D 115 8.82 22.30 -32.29
N TYR D 116 7.88 21.39 -32.03
CA TYR D 116 7.59 20.87 -30.68
C TYR D 116 7.78 19.38 -30.66
N LEU D 117 8.12 18.78 -29.51
CA LEU D 117 8.16 17.33 -29.36
C LEU D 117 7.99 16.91 -27.90
N ALA D 118 7.49 15.71 -27.64
CA ALA D 118 7.36 15.13 -26.31
C ALA D 118 8.56 14.20 -26.06
N PRO D 119 9.47 14.57 -25.16
CA PRO D 119 10.72 13.83 -25.03
C PRO D 119 10.63 12.58 -24.15
N PHE D 120 11.23 11.45 -24.52
CA PHE D 120 11.42 10.35 -23.56
C PHE D 120 12.49 10.80 -22.57
N SER D 121 13.46 11.60 -23.01
CA SER D 121 14.54 12.13 -22.20
C SER D 121 14.83 13.56 -22.61
N TYR D 122 14.87 14.50 -21.68
CA TYR D 122 15.08 15.92 -21.97
C TYR D 122 16.48 16.20 -22.50
N PRO D 123 17.53 15.71 -21.83
CA PRO D 123 18.89 15.90 -22.35
C PRO D 123 19.08 15.32 -23.76
N PHE D 124 18.45 14.22 -24.11
CA PHE D 124 18.61 13.65 -25.41
C PHE D 124 18.24 14.65 -26.49
N TYR D 125 17.13 15.39 -26.37
CA TYR D 125 16.72 16.33 -27.43
C TYR D 125 17.29 17.72 -27.24
N ARG D 126 17.57 18.15 -26.02
CA ARG D 126 18.28 19.40 -25.80
C ARG D 126 19.59 19.44 -26.61
N GLN D 127 20.27 18.32 -26.88
CA GLN D 127 21.50 18.33 -27.72
C GLN D 127 21.21 18.81 -29.15
N TYR D 128 19.97 18.74 -29.62
CA TYR D 128 19.59 19.17 -30.98
C TYR D 128 19.00 20.58 -31.01
N GLY D 129 18.86 21.30 -29.89
CA GLY D 129 18.38 22.70 -29.86
C GLY D 129 17.10 22.86 -29.05
N TYR D 130 16.47 21.79 -28.60
CA TYR D 130 15.16 21.87 -27.95
C TYR D 130 15.30 22.18 -26.48
N GLU D 131 14.23 22.67 -25.88
CA GLU D 131 14.18 23.05 -24.50
C GLU D 131 12.76 22.96 -24.05
N GLN D 132 12.53 22.58 -22.79
CA GLN D 132 11.24 22.60 -22.20
C GLN D 132 10.70 24.00 -22.34
N THR D 133 9.50 24.16 -22.92
CA THR D 133 8.77 25.41 -22.96
C THR D 133 7.31 25.18 -22.56
N PHE D 134 6.87 23.98 -22.19
CA PHE D 134 5.46 23.67 -21.87
C PHE D 134 5.32 22.85 -20.62
N GLU D 135 4.25 23.04 -19.84
CA GLU D 135 4.01 22.30 -18.58
C GLU D 135 2.55 21.83 -18.56
N GLN D 136 2.18 20.79 -17.83
CA GLN D 136 0.81 20.36 -17.71
C GLN D 136 0.35 20.36 -16.24
N ALA D 137 -0.92 20.62 -15.92
CA ALA D 137 -1.45 20.49 -14.55
C ALA D 137 -2.24 19.19 -14.43
N GLU D 138 -1.95 18.31 -13.47
CA GLU D 138 -2.71 17.08 -13.30
C GLU D 138 -3.59 17.23 -12.07
N TYR D 139 -4.91 17.24 -12.24
CA TYR D 139 -5.85 17.39 -11.13
C TYR D 139 -6.45 16.04 -10.80
N THR D 140 -6.55 15.67 -9.52
CA THR D 140 -7.24 14.49 -9.09
C THR D 140 -8.10 14.90 -7.93
N ILE D 141 -9.37 14.56 -7.93
CA ILE D 141 -10.24 14.91 -6.85
C ILE D 141 -11.10 13.69 -6.52
N LYS D 142 -11.32 13.41 -5.23
CA LYS D 142 -12.19 12.34 -4.79
C LYS D 142 -13.62 12.68 -5.13
N THR D 143 -14.47 11.70 -5.44
CA THR D 143 -15.84 11.92 -5.90
C THR D 143 -16.66 12.69 -4.86
N GLU D 144 -16.44 12.48 -3.58
CA GLU D 144 -17.17 13.20 -2.53
C GLU D 144 -16.73 14.67 -2.45
N ASP D 145 -15.59 15.04 -3.05
CA ASP D 145 -15.05 16.37 -2.96
C ASP D 145 -15.43 17.18 -4.19
N TRP D 146 -16.03 16.62 -5.25
CA TRP D 146 -16.47 17.43 -6.39
C TRP D 146 -17.55 18.39 -5.85
N PRO D 147 -17.44 19.70 -6.15
CA PRO D 147 -18.32 20.66 -5.51
C PRO D 147 -19.70 20.67 -6.09
N ARG D 148 -20.70 21.09 -5.31
CA ARG D 148 -22.07 21.26 -5.76
C ARG D 148 -22.21 22.59 -6.50
N VAL D 149 -22.76 22.61 -7.71
CA VAL D 149 -22.85 23.79 -8.55
C VAL D 149 -24.31 24.06 -8.77
N LYS D 150 -24.85 25.24 -8.46
CA LYS D 150 -26.24 25.56 -8.75
C LYS D 150 -26.55 25.45 -10.25
N ARG D 151 -27.77 25.09 -10.64
CA ARG D 151 -28.16 25.01 -12.04
C ARG D 151 -28.17 26.39 -12.68
N VAL D 152 -27.99 26.49 -14.01
CA VAL D 152 -27.63 27.75 -14.66
C VAL D 152 -28.38 27.82 -16.01
N PRO D 153 -28.62 29.00 -16.54
CA PRO D 153 -29.31 29.11 -17.84
C PRO D 153 -28.62 28.34 -18.97
N GLY D 154 -29.32 27.94 -20.02
CA GLY D 154 -28.70 27.30 -21.19
C GLY D 154 -29.02 25.83 -21.21
N THR D 155 -28.47 25.03 -22.12
CA THR D 155 -28.72 23.59 -22.18
C THR D 155 -27.45 22.80 -22.54
N ILE D 156 -27.35 21.54 -22.16
CA ILE D 156 -26.26 20.67 -22.57
C ILE D 156 -26.86 19.53 -23.35
N LYS D 157 -26.28 19.12 -24.47
CA LYS D 157 -26.72 17.94 -25.20
C LYS D 157 -25.56 16.97 -25.23
N ARG D 158 -25.72 15.70 -24.85
CA ARG D 158 -24.77 14.66 -25.23
C ARG D 158 -24.88 14.46 -26.73
N VAL D 159 -23.83 14.03 -27.42
CA VAL D 159 -23.66 14.33 -28.84
C VAL D 159 -22.77 13.26 -29.49
N SER D 160 -23.09 12.76 -30.68
CA SER D 160 -22.21 11.85 -31.41
C SER D 160 -20.97 12.60 -31.84
N TRP D 161 -19.86 11.94 -32.12
CA TRP D 161 -18.74 12.63 -32.69
C TRP D 161 -19.15 13.20 -34.05
N ALA D 162 -19.83 12.43 -34.91
CA ALA D 162 -20.32 12.90 -36.19
C ALA D 162 -21.04 14.22 -36.03
N ASP D 163 -21.95 14.35 -35.05
CA ASP D 163 -22.78 15.56 -34.90
C ASP D 163 -22.09 16.68 -34.09
N GLY D 164 -21.07 16.40 -33.29
CA GLY D 164 -20.48 17.40 -32.41
C GLY D 164 -19.13 17.88 -32.87
N LYS D 165 -18.44 17.19 -33.78
CA LYS D 165 -17.06 17.50 -34.12
C LYS D 165 -16.84 18.93 -34.63
N GLU D 166 -17.79 19.57 -35.30
CA GLU D 166 -17.59 20.86 -35.97
C GLU D 166 -17.78 21.99 -34.95
N VAL D 167 -18.73 21.86 -34.03
CA VAL D 167 -18.93 22.78 -32.93
C VAL D 167 -17.78 22.65 -31.93
N ILE D 168 -17.29 21.46 -31.63
CA ILE D 168 -16.12 21.28 -30.77
C ILE D 168 -14.90 21.94 -31.36
N LYS D 169 -14.64 21.84 -32.67
CA LYS D 169 -13.51 22.51 -33.30
C LYS D 169 -13.64 24.03 -33.21
N ASP D 170 -14.77 24.65 -33.50
CA ASP D 170 -14.89 26.13 -33.44
C ASP D 170 -14.77 26.68 -32.03
N VAL D 171 -15.40 26.06 -31.03
CA VAL D 171 -15.30 26.48 -29.62
C VAL D 171 -13.83 26.44 -29.19
N TYR D 172 -13.10 25.39 -29.54
CA TYR D 172 -11.71 25.22 -29.18
C TYR D 172 -10.87 26.34 -29.76
N LEU D 173 -10.97 26.64 -31.04
CA LEU D 173 -10.15 27.64 -31.70
C LEU D 173 -10.47 29.05 -31.19
N GLU D 174 -11.74 29.34 -30.88
CA GLU D 174 -12.17 30.62 -30.33
C GLU D 174 -11.70 30.80 -28.87
N ASN D 175 -11.45 29.74 -28.13
CA ASN D 175 -11.00 29.83 -26.74
C ASN D 175 -9.65 30.53 -26.61
N GLN D 176 -9.41 31.29 -25.56
CA GLN D 176 -8.20 32.14 -25.45
C GLN D 176 -6.99 31.29 -25.06
N ARG D 177 -7.19 30.16 -24.38
CA ARG D 177 -6.16 29.16 -24.09
C ARG D 177 -5.58 28.56 -25.36
N ALA D 178 -6.31 28.54 -26.48
CA ALA D 178 -5.80 28.02 -27.73
C ALA D 178 -4.96 29.07 -28.44
N HIS D 179 -4.69 30.24 -27.84
CA HIS D 179 -4.04 31.34 -28.54
C HIS D 179 -2.63 31.63 -28.02
N SER D 180 -1.97 30.70 -27.34
CA SER D 180 -0.64 30.93 -26.79
C SER D 180 0.34 29.89 -27.31
N GLY D 181 0.36 29.61 -28.60
CA GLY D 181 1.17 28.57 -29.18
C GLY D 181 0.40 27.27 -29.27
N GLY D 182 -0.91 27.27 -29.22
CA GLY D 182 -1.70 26.07 -29.35
C GLY D 182 -1.83 25.69 -30.81
N VAL D 183 -2.13 24.43 -31.09
CA VAL D 183 -2.33 23.95 -32.43
C VAL D 183 -3.62 24.54 -33.00
N ILE D 184 -3.59 25.15 -34.19
CA ILE D 184 -4.77 25.45 -34.98
C ILE D 184 -5.24 24.13 -35.59
N ARG D 185 -6.25 23.46 -35.02
CA ARG D 185 -6.53 22.06 -35.30
C ARG D 185 -7.34 21.83 -36.58
N GLU D 186 -6.95 20.87 -37.41
CA GLU D 186 -7.65 20.61 -38.65
C GLU D 186 -8.66 19.55 -38.40
N THR D 187 -9.70 19.43 -39.20
CA THR D 187 -10.73 18.40 -39.04
C THR D 187 -10.12 17.02 -38.99
N TRP D 188 -9.19 16.67 -39.89
CA TRP D 188 -8.54 15.35 -39.91
C TRP D 188 -7.83 15.14 -38.59
N TRP D 189 -7.13 16.12 -38.04
CA TRP D 189 -6.32 15.91 -36.84
C TRP D 189 -7.19 15.68 -35.62
N LEU D 190 -8.31 16.37 -35.51
CA LEU D 190 -9.27 16.21 -34.45
C LEU D 190 -9.90 14.80 -34.48
N ASP D 191 -10.24 14.28 -35.65
CA ASP D 191 -10.78 12.93 -35.80
C ASP D 191 -9.73 11.90 -35.43
N TYR D 192 -8.49 12.08 -35.87
CA TYR D 192 -7.39 11.20 -35.53
C TYR D 192 -7.15 11.18 -34.01
N THR D 193 -7.18 12.31 -33.30
CA THR D 193 -6.87 12.29 -31.87
C THR D 193 -8.08 11.96 -31.04
N LEU D 194 -9.28 12.44 -31.34
CA LEU D 194 -10.38 12.33 -30.38
C LEU D 194 -11.46 11.34 -30.84
N ASN D 195 -11.35 10.72 -32.02
CA ASN D 195 -12.30 9.71 -32.46
C ASN D 195 -11.66 8.33 -32.66
N ARG D 196 -11.42 7.56 -31.60
CA ARG D 196 -10.77 6.26 -31.67
C ARG D 196 -11.67 5.16 -31.12
N ALA D 197 -12.06 4.17 -31.91
CA ALA D 197 -12.90 3.08 -31.42
C ALA D 197 -12.12 2.22 -30.41
N SER D 198 -10.80 2.16 -30.47
CA SER D 198 -9.99 1.45 -29.49
C SER D 198 -10.19 2.07 -28.11
N LYS D 199 -10.41 3.38 -28.01
CA LYS D 199 -10.56 4.06 -26.73
C LYS D 199 -11.56 5.20 -26.89
N PRO D 200 -12.84 4.86 -26.81
CA PRO D 200 -13.91 5.78 -27.16
C PRO D 200 -14.32 6.78 -26.07
N ASN D 201 -14.56 8.04 -26.43
CA ASN D 201 -14.98 9.09 -25.50
C ASN D 201 -16.46 9.38 -25.64
N ASN D 202 -17.10 9.96 -24.64
CA ASN D 202 -18.35 10.68 -24.82
C ASN D 202 -18.11 12.18 -25.02
N GLN D 203 -19.06 12.93 -25.53
CA GLN D 203 -18.94 14.38 -25.78
C GLN D 203 -20.25 15.05 -25.38
N ALA D 204 -20.24 16.22 -24.75
CA ALA D 204 -21.48 16.96 -24.46
C ALA D 204 -21.19 18.43 -24.75
N ILE D 205 -22.15 19.20 -25.25
CA ILE D 205 -21.93 20.61 -25.64
C ILE D 205 -22.82 21.51 -24.81
N TYR D 206 -22.33 22.67 -24.35
CA TYR D 206 -23.15 23.66 -23.71
C TYR D 206 -23.64 24.67 -24.74
N TYR D 207 -24.94 25.00 -24.73
CA TYR D 207 -25.56 25.98 -25.57
C TYR D 207 -26.14 27.06 -24.68
N SER D 208 -25.86 28.34 -24.94
CA SER D 208 -26.46 29.44 -24.17
C SER D 208 -27.98 29.44 -24.25
N SER D 209 -28.68 30.13 -23.35
CA SER D 209 -30.11 30.35 -23.50
C SER D 209 -30.44 30.97 -24.87
N GLU D 210 -29.55 31.75 -25.50
CA GLU D 210 -29.76 32.30 -26.83
C GLU D 210 -29.45 31.28 -27.95
N GLY D 211 -28.98 30.08 -27.66
CA GLY D 211 -28.75 29.03 -28.66
C GLY D 211 -27.31 28.87 -29.06
N LYS D 212 -26.36 29.66 -28.55
CA LYS D 212 -24.96 29.64 -29.00
C LYS D 212 -24.08 28.65 -28.25
N ALA D 213 -23.29 27.84 -28.93
CA ALA D 213 -22.41 26.87 -28.31
C ALA D 213 -21.30 27.60 -27.58
N GLU D 214 -21.22 27.54 -26.25
CA GLU D 214 -20.22 28.27 -25.47
C GLU D 214 -19.27 27.31 -24.78
N GLY D 215 -19.38 25.99 -24.92
CA GLY D 215 -18.47 25.09 -24.29
C GLY D 215 -18.69 23.62 -24.61
N TYR D 216 -17.81 22.72 -24.17
CA TYR D 216 -17.95 21.28 -24.35
C TYR D 216 -17.07 20.49 -23.40
N VAL D 217 -17.44 19.24 -23.08
CA VAL D 217 -16.60 18.29 -22.34
C VAL D 217 -16.42 17.07 -23.22
N ILE D 218 -15.21 16.53 -23.34
CA ILE D 218 -14.99 15.18 -23.83
C ILE D 218 -14.56 14.35 -22.63
N TYR D 219 -15.12 13.16 -22.43
CA TYR D 219 -14.94 12.46 -21.19
C TYR D 219 -15.16 10.96 -21.33
N ARG D 220 -14.50 10.14 -20.51
CA ARG D 220 -14.78 8.72 -20.41
C ARG D 220 -14.78 8.29 -18.96
N ILE D 221 -15.45 7.19 -18.63
CA ILE D 221 -15.28 6.54 -17.35
C ILE D 221 -14.49 5.24 -17.53
N ALA D 222 -13.29 5.14 -16.95
CA ALA D 222 -12.46 3.93 -16.99
C ALA D 222 -11.92 3.65 -15.58
N ALA D 223 -12.09 2.41 -15.07
CA ALA D 223 -11.39 1.91 -13.89
C ALA D 223 -11.79 2.72 -12.66
N GLY D 224 -13.01 3.22 -12.56
CA GLY D 224 -13.48 4.02 -11.41
C GLY D 224 -13.06 5.47 -11.46
N THR D 225 -12.48 5.95 -12.55
CA THR D 225 -12.11 7.37 -12.68
C THR D 225 -12.95 8.03 -13.76
N PHE D 226 -13.58 9.18 -13.49
CA PHE D 226 -14.13 10.04 -14.55
C PHE D 226 -12.97 10.76 -15.22
N GLU D 227 -12.60 10.47 -16.46
CA GLU D 227 -11.51 11.13 -17.13
C GLU D 227 -12.06 12.33 -17.86
N ILE D 228 -11.66 13.54 -17.49
CA ILE D 228 -12.03 14.73 -18.23
C ILE D 228 -11.01 14.75 -19.37
N VAL D 229 -11.34 14.29 -20.57
CA VAL D 229 -10.36 14.16 -21.65
C VAL D 229 -10.09 15.58 -22.13
N GLU D 230 -11.10 16.40 -22.38
CA GLU D 230 -10.89 17.79 -22.68
C GLU D 230 -12.07 18.57 -22.15
N TRP D 231 -11.86 19.80 -21.69
CA TRP D 231 -12.93 20.63 -21.15
C TRP D 231 -12.65 22.08 -21.52
N ASN D 232 -13.40 22.66 -22.46
CA ASN D 232 -13.24 24.03 -22.87
C ASN D 232 -14.52 24.85 -22.65
N TYR D 233 -14.39 26.11 -22.25
CA TYR D 233 -15.54 26.94 -22.05
C TYR D 233 -15.20 28.40 -22.42
N LEU D 234 -16.14 29.12 -23.05
CA LEU D 234 -15.98 30.50 -23.51
C LEU D 234 -16.65 31.48 -22.55
N THR D 235 -17.52 31.04 -21.62
CA THR D 235 -18.16 31.93 -20.67
C THR D 235 -18.22 31.30 -19.31
N ASN D 236 -18.40 32.06 -18.25
CA ASN D 236 -18.59 31.52 -16.92
C ASN D 236 -19.83 30.65 -16.80
N THR D 237 -20.96 30.93 -17.47
CA THR D 237 -22.13 30.08 -17.26
C THR D 237 -21.96 28.72 -18.03
N ALA D 238 -21.21 28.64 -19.15
CA ALA D 238 -20.77 27.36 -19.73
C ALA D 238 -19.90 26.56 -18.75
N PHE D 239 -18.92 27.17 -18.10
CA PHE D 239 -18.11 26.58 -17.04
C PHE D 239 -18.95 25.97 -15.92
N LYS D 240 -19.89 26.70 -15.32
CA LYS D 240 -20.76 26.22 -14.25
C LYS D 240 -21.73 25.12 -14.72
N ALA D 241 -22.32 25.25 -15.91
CA ALA D 241 -23.23 24.25 -16.48
C ALA D 241 -22.49 22.94 -16.62
N LEU D 242 -21.31 22.95 -17.23
CA LEU D 242 -20.59 21.72 -17.52
C LEU D 242 -19.99 21.17 -16.22
N ALA D 243 -19.57 22.00 -15.27
CA ALA D 243 -19.06 21.57 -13.98
C ALA D 243 -20.16 20.78 -13.29
N GLY D 244 -21.42 21.20 -13.33
CA GLY D 244 -22.54 20.45 -12.76
C GLY D 244 -22.82 19.18 -13.53
N PHE D 245 -22.68 19.18 -14.86
CA PHE D 245 -22.86 18.01 -15.71
C PHE D 245 -21.84 16.95 -15.35
N ILE D 246 -20.55 17.28 -15.27
CA ILE D 246 -19.49 16.40 -14.79
C ILE D 246 -19.82 15.90 -13.39
N GLY D 247 -20.14 16.81 -12.47
CA GLY D 247 -20.41 16.50 -11.07
C GLY D 247 -21.51 15.51 -10.96
N SER D 248 -22.50 15.52 -11.84
CA SER D 248 -23.61 14.54 -11.87
C SER D 248 -23.18 13.11 -12.07
N HIS D 249 -21.99 12.81 -12.56
CA HIS D 249 -21.53 11.45 -12.69
C HIS D 249 -20.93 10.97 -11.37
N SER D 250 -20.95 11.75 -10.28
CA SER D 250 -20.14 11.43 -9.11
C SER D 250 -20.55 10.10 -8.51
N GLY D 251 -21.80 9.67 -8.64
CA GLY D 251 -22.28 8.41 -8.06
C GLY D 251 -21.69 7.19 -8.72
N SER D 252 -21.21 7.24 -9.96
CA SER D 252 -20.73 6.05 -10.64
C SER D 252 -19.21 6.01 -10.63
N VAL D 253 -18.55 6.83 -9.83
CA VAL D 253 -17.12 7.09 -9.94
C VAL D 253 -16.54 7.31 -8.53
N GLN D 254 -15.30 6.91 -8.26
CA GLN D 254 -14.58 7.17 -7.01
C GLN D 254 -13.66 8.40 -7.11
N SER D 255 -13.34 8.90 -8.31
CA SER D 255 -12.58 10.11 -8.43
C SER D 255 -12.66 10.72 -9.83
N PHE D 256 -12.24 11.97 -9.98
CA PHE D 256 -12.25 12.69 -11.22
C PHE D 256 -10.82 13.02 -11.55
N HIS D 257 -10.43 13.02 -12.80
CA HIS D 257 -9.07 13.23 -13.15
C HIS D 257 -9.00 14.11 -14.39
N TRP D 258 -8.11 15.08 -14.46
CA TRP D 258 -8.01 15.97 -15.59
C TRP D 258 -6.56 16.44 -15.79
N ILE D 259 -5.97 16.26 -16.98
CA ILE D 259 -4.67 16.82 -17.28
C ILE D 259 -4.83 17.86 -18.34
N ASN D 260 -4.41 19.09 -18.15
CA ASN D 260 -4.51 20.11 -19.17
C ASN D 260 -3.29 21.04 -19.18
N GLY D 261 -3.20 22.01 -20.08
CA GLY D 261 -2.06 22.90 -20.16
C GLY D 261 -1.94 23.82 -18.96
N PHE D 262 -0.78 23.91 -18.31
CA PHE D 262 -0.58 24.78 -17.15
C PHE D 262 0.05 26.08 -17.58
N ALA D 263 -0.57 27.23 -17.29
CA ALA D 263 -0.01 28.55 -17.59
C ALA D 263 0.20 29.38 -16.30
N GLY D 264 0.49 28.77 -15.16
CA GLY D 264 1.00 29.49 -13.99
C GLY D 264 -0.04 29.66 -12.90
N LYS D 265 -1.31 29.36 -13.14
CA LYS D 265 -2.33 29.49 -12.13
C LYS D 265 -3.25 28.30 -12.25
N ASP D 266 -3.40 27.47 -11.24
CA ASP D 266 -4.29 26.31 -11.28
C ASP D 266 -5.71 26.69 -10.80
N LEU D 267 -6.70 25.84 -11.04
CA LEU D 267 -8.12 26.10 -10.82
C LEU D 267 -8.61 25.64 -9.45
N ASN D 268 -7.75 25.17 -8.57
CA ASN D 268 -8.15 24.63 -7.27
C ASN D 268 -8.91 25.67 -6.46
N ASP D 269 -8.57 26.94 -6.56
CA ASP D 269 -9.16 28.00 -5.74
C ASP D 269 -10.56 28.43 -6.22
N LEU D 270 -11.03 28.07 -7.42
CA LEU D 270 -12.41 28.32 -7.82
C LEU D 270 -13.39 27.50 -6.97
N PRO D 272 -15.04 26.18 -3.34
CA PRO D 272 -15.14 26.59 -1.94
C PRO D 272 -14.11 25.92 -1.04
N THR D 273 -13.83 24.62 -1.25
CA THR D 273 -12.75 23.89 -0.64
C THR D 273 -11.74 23.50 -1.74
N PRO D 274 -10.49 23.97 -1.66
CA PRO D 274 -9.50 23.58 -2.68
C PRO D 274 -9.05 22.10 -2.49
N ALA D 275 -9.87 21.12 -2.87
CA ALA D 275 -9.66 19.70 -2.51
C ALA D 275 -9.00 18.92 -3.64
N ALA D 276 -8.77 19.49 -4.82
CA ALA D 276 -8.06 18.80 -5.89
C ALA D 276 -6.61 18.62 -5.48
N SER D 277 -6.01 17.44 -5.64
CA SER D 277 -4.57 17.28 -5.62
C SER D 277 -3.98 17.80 -6.97
N VAL D 278 -2.98 18.69 -6.99
CA VAL D 278 -2.51 19.31 -8.23
C VAL D 278 -1.02 19.05 -8.49
N LYS D 279 -0.62 18.36 -9.55
CA LYS D 279 0.77 18.16 -9.86
C LYS D 279 1.14 18.92 -11.12
N ILE D 280 2.35 19.44 -11.24
CA ILE D 280 2.79 20.07 -12.47
C ILE D 280 3.78 19.15 -13.16
N LEU D 281 3.47 18.76 -14.38
CA LEU D 281 4.23 17.80 -15.14
C LEU D 281 5.03 18.56 -16.20
N PRO D 282 6.30 18.28 -16.33
CA PRO D 282 7.03 18.77 -17.49
C PRO D 282 6.32 18.28 -18.73
N TYR D 283 6.17 19.08 -19.77
CA TYR D 283 5.54 18.64 -21.00
C TYR D 283 6.48 18.92 -22.14
N ALA D 286 10.46 22.70 -27.17
CA ALA D 286 10.26 23.48 -28.38
C ALA D 286 11.59 24.03 -28.86
N ARG D 287 11.72 24.40 -30.14
CA ARG D 287 12.81 25.25 -30.58
C ARG D 287 12.42 26.12 -31.76
N ILE D 288 12.92 27.34 -31.82
CA ILE D 288 12.81 28.19 -32.99
C ILE D 288 13.57 27.47 -34.13
N VAL D 289 12.96 27.20 -35.27
CA VAL D 289 13.60 26.49 -36.37
C VAL D 289 14.20 27.52 -37.30
N GLU D 290 13.41 28.30 -38.04
CA GLU D 290 13.92 29.39 -38.88
C GLU D 290 13.79 30.70 -38.08
N LEU D 291 14.83 31.16 -37.40
CA LEU D 291 14.75 32.31 -36.49
C LEU D 291 14.35 33.60 -37.20
N GLN D 292 14.76 33.84 -38.43
CA GLN D 292 14.41 35.08 -39.12
C GLN D 292 12.92 35.13 -39.39
N THR D 293 12.30 34.04 -39.85
CA THR D 293 10.86 33.96 -40.08
C THR D 293 10.11 34.17 -38.78
N PHE D 294 10.52 33.52 -37.71
CA PHE D 294 9.91 33.68 -36.40
C PHE D 294 9.90 35.16 -35.93
N LEU D 295 11.01 35.90 -35.99
CA LEU D 295 11.09 37.25 -35.40
C LEU D 295 10.45 38.31 -36.30
N GLU D 296 10.48 38.14 -37.63
CA GLU D 296 9.82 39.02 -38.58
C GLU D 296 8.29 39.04 -38.33
N LYS D 297 7.63 37.92 -38.04
CA LYS D 297 6.19 37.92 -37.73
C LYS D 297 5.87 38.19 -36.27
N TYR D 298 6.83 38.14 -35.34
CA TYR D 298 6.56 38.11 -33.89
C TYR D 298 5.73 39.29 -33.47
N PRO D 299 4.71 39.05 -32.64
CA PRO D 299 3.82 40.11 -32.13
C PRO D 299 4.35 40.87 -30.91
N PHE D 300 5.38 41.70 -31.05
CA PHE D 300 5.95 42.45 -29.94
C PHE D 300 4.92 43.45 -29.40
N GLN D 301 4.96 43.82 -28.12
CA GLN D 301 4.08 44.85 -27.58
C GLN D 301 4.37 46.18 -28.28
N SER D 302 3.45 47.12 -28.38
CA SER D 302 3.73 48.40 -29.02
C SER D 302 4.48 49.28 -28.04
N GLY D 303 5.33 50.18 -28.52
CA GLY D 303 6.15 51.01 -27.65
C GLY D 303 7.01 51.94 -28.48
N GLU D 304 8.22 52.27 -28.04
CA GLU D 304 9.12 53.16 -28.78
C GLU D 304 9.99 52.35 -29.70
N LYS D 305 10.42 52.86 -30.84
CA LYS D 305 11.38 52.18 -31.67
C LYS D 305 12.56 51.80 -30.79
N GLU D 306 12.94 50.53 -30.74
CA GLU D 306 14.12 50.07 -30.01
C GLU D 306 14.94 49.21 -30.96
N THR D 307 16.27 49.14 -30.82
CA THR D 307 17.11 48.23 -31.59
C THR D 307 17.88 47.35 -30.63
N TYR D 308 18.07 46.07 -30.95
CA TYR D 308 18.80 45.15 -30.09
C TYR D 308 19.82 44.35 -30.88
N SER D 309 20.88 43.88 -30.24
CA SER D 309 21.87 43.03 -30.85
C SER D 309 21.82 41.68 -30.14
N LEU D 310 21.51 40.59 -30.83
CA LEU D 310 21.39 39.26 -30.22
C LEU D 310 22.44 38.30 -30.78
N GLU D 311 23.23 37.62 -29.95
CA GLU D 311 24.17 36.59 -30.40
C GLU D 311 23.54 35.24 -30.15
N ILE D 312 23.36 34.38 -31.15
CA ILE D 312 22.77 33.04 -31.00
C ILE D 312 23.85 31.94 -31.14
N GLU D 313 23.87 30.94 -30.24
CA GLU D 313 24.59 29.66 -30.45
C GLU D 313 23.58 28.55 -30.81
N ASP D 314 23.84 27.75 -31.83
CA ASP D 314 22.86 26.81 -32.39
C ASP D 314 23.61 25.77 -33.24
N SER D 315 24.13 24.70 -32.66
CA SER D 315 25.04 23.80 -33.36
C SER D 315 24.32 22.95 -34.42
N TYR D 316 23.03 22.61 -34.24
CA TYR D 316 22.24 21.92 -35.25
C TYR D 316 21.44 22.91 -36.10
N GLY D 317 21.52 24.22 -35.87
CA GLY D 317 20.91 25.20 -36.75
C GLY D 317 21.88 26.30 -37.12
N PRO D 318 23.01 25.95 -37.73
CA PRO D 318 23.98 26.94 -38.22
C PRO D 318 23.35 28.14 -38.93
N TRP D 319 22.33 28.02 -39.76
CA TRP D 319 21.66 29.18 -40.35
C TRP D 319 21.14 30.17 -39.27
N ASN D 320 20.85 29.77 -38.02
CA ASN D 320 20.51 30.70 -36.94
C ASN D 320 21.75 31.32 -36.26
N GLU D 321 22.94 30.73 -36.33
CA GLU D 321 24.10 31.13 -35.52
C GLU D 321 24.67 32.48 -35.92
N GLY D 322 25.17 33.29 -34.98
CA GLY D 322 25.85 34.55 -35.29
C GLY D 322 25.16 35.74 -34.64
N ILE D 323 25.45 36.98 -35.07
CA ILE D 323 24.88 38.17 -34.44
C ILE D 323 23.79 38.81 -35.30
N TRP D 324 22.61 39.12 -34.74
CA TRP D 324 21.52 39.76 -35.46
C TRP D 324 21.22 41.14 -34.91
N THR D 325 20.77 42.05 -35.77
CA THR D 325 20.21 43.32 -35.37
C THR D 325 18.72 43.19 -35.55
N ILE D 326 17.94 43.43 -34.51
CA ILE D 326 16.50 43.43 -34.62
C ILE D 326 16.03 44.81 -34.21
N THR D 327 15.33 45.57 -35.05
CA THR D 327 14.82 46.86 -34.63
C THR D 327 13.31 46.71 -34.56
N ILE D 328 12.67 47.00 -33.42
CA ILE D 328 11.24 46.79 -33.19
C ILE D 328 10.58 48.15 -33.27
N ASP D 329 9.77 48.44 -34.28
CA ASP D 329 9.18 49.77 -34.46
C ASP D 329 8.08 50.01 -33.44
N GLU D 330 7.50 51.19 -33.36
CA GLU D 330 6.51 51.56 -32.35
C GLU D 330 5.27 50.63 -32.32
N GLN D 331 4.97 49.85 -33.36
CA GLN D 331 3.88 48.87 -33.35
C GLN D 331 4.43 47.50 -32.96
N GLY D 332 3.80 46.38 -33.29
CA GLY D 332 4.43 45.07 -33.06
C GLY D 332 5.53 44.69 -34.07
N LYS D 333 5.93 45.51 -35.06
CA LYS D 333 6.73 44.98 -36.16
C LYS D 333 8.24 45.06 -35.95
N ALA D 334 8.99 43.98 -36.13
CA ALA D 334 10.45 43.98 -36.10
C ALA D 334 11.03 43.76 -37.48
N THR D 335 12.12 44.42 -37.82
CA THR D 335 12.92 44.12 -38.99
C THR D 335 14.12 43.33 -38.46
N VAL D 336 14.46 42.19 -39.04
CA VAL D 336 15.54 41.33 -38.56
C VAL D 336 16.65 41.31 -39.60
N THR D 337 17.92 41.31 -39.21
CA THR D 337 19.05 41.46 -40.14
C THR D 337 20.29 40.76 -39.60
N LYS D 338 21.00 39.93 -40.38
CA LYS D 338 22.21 39.28 -39.89
C LYS D 338 23.41 40.25 -40.00
N GLY D 339 24.44 40.11 -39.17
CA GLY D 339 25.49 41.10 -38.98
C GLY D 339 25.16 41.96 -37.76
N ALA D 340 26.12 42.66 -37.16
CA ALA D 340 25.87 43.64 -36.09
C ALA D 340 26.34 45.03 -36.52
N ALA D 347 23.76 47.30 -27.88
CA ALA D 347 23.23 46.70 -26.65
C ALA D 347 23.19 45.17 -26.75
N ALA D 348 24.35 44.50 -26.86
CA ALA D 348 24.45 43.08 -27.15
C ALA D 348 23.83 42.20 -26.05
N LEU D 349 23.10 41.15 -26.43
CA LEU D 349 22.60 40.10 -25.54
C LEU D 349 23.04 38.74 -26.12
N LYS D 350 23.35 37.73 -25.31
CA LYS D 350 23.90 36.47 -25.79
C LYS D 350 23.25 35.28 -25.10
N ALA D 351 22.94 34.21 -25.82
CA ALA D 351 22.18 33.06 -25.33
C ALA D 351 22.15 31.93 -26.37
N ASP D 352 21.94 30.69 -25.97
CA ASP D 352 21.80 29.58 -26.89
C ASP D 352 20.36 29.43 -27.38
N ILE D 353 20.13 28.72 -28.48
CA ILE D 353 18.84 28.66 -29.12
C ILE D 353 17.81 28.18 -28.13
N GLN D 354 18.17 27.36 -27.16
CA GLN D 354 17.28 26.93 -26.08
C GLN D 354 16.73 28.09 -25.27
N THR D 355 17.56 29.04 -24.83
CA THR D 355 17.16 30.14 -23.96
C THR D 355 16.32 31.14 -24.74
N TRP D 356 16.73 31.51 -25.96
CA TRP D 356 15.97 32.40 -26.82
C TRP D 356 14.58 31.82 -27.05
N THR D 357 14.43 30.52 -27.19
CA THR D 357 13.13 29.92 -27.41
C THR D 357 12.26 30.05 -26.15
N GLN D 358 12.77 29.76 -24.96
CA GLN D 358 12.02 29.99 -23.74
C GLN D 358 11.71 31.47 -23.60
N LEU D 359 12.62 32.39 -23.93
CA LEU D 359 12.39 33.83 -23.77
C LEU D 359 11.29 34.29 -24.72
N PHE D 360 11.36 34.00 -26.00
CA PHE D 360 10.39 34.51 -26.96
C PHE D 360 9.06 33.82 -26.87
N LEU D 361 8.95 32.52 -26.65
CA LEU D 361 7.64 31.91 -26.45
C LEU D 361 7.02 32.31 -25.10
N GLY D 362 7.74 32.96 -24.18
CA GLY D 362 7.17 33.47 -22.95
C GLY D 362 7.17 32.47 -21.80
N TYR D 363 7.95 31.38 -21.85
CA TYR D 363 7.97 30.36 -20.81
C TYR D 363 8.72 30.86 -19.58
N ARG D 364 9.88 31.53 -19.72
CA ARG D 364 10.54 32.18 -18.59
C ARG D 364 10.77 33.62 -18.96
N SER D 365 10.89 34.51 -17.98
CA SER D 365 11.02 35.94 -18.21
C SER D 365 12.47 36.29 -18.46
N ALA D 366 12.77 37.41 -19.11
CA ALA D 366 14.13 37.87 -19.38
C ALA D 366 14.84 38.14 -18.06
N GLU D 367 14.13 38.63 -17.07
CA GLU D 367 14.65 38.90 -15.75
C GLU D 367 15.14 37.59 -15.15
N THR D 368 14.37 36.52 -15.19
CA THR D 368 14.77 35.23 -14.65
C THR D 368 15.92 34.63 -15.44
N LEU D 369 15.80 34.53 -16.75
CA LEU D 369 16.87 34.02 -17.61
C LEU D 369 18.14 34.85 -17.48
N SER D 370 18.09 36.16 -17.20
CA SER D 370 19.26 36.98 -16.85
C SER D 370 19.83 36.63 -15.47
N PHE D 371 19.01 36.42 -14.44
CA PHE D 371 19.48 36.04 -13.10
C PHE D 371 20.27 34.74 -13.15
N TYR D 372 19.75 33.69 -13.79
CA TYR D 372 20.39 32.36 -13.82
C TYR D 372 21.43 32.31 -14.91
N GLU D 373 21.81 33.45 -15.49
CA GLU D 373 22.98 33.63 -16.33
C GLU D 373 22.87 32.81 -17.62
N ARG D 374 21.68 32.45 -18.07
CA ARG D 374 21.51 31.82 -19.38
C ARG D 374 21.36 32.90 -20.43
N LEU D 375 20.81 34.06 -20.09
CA LEU D 375 20.73 35.21 -20.97
C LEU D 375 21.82 36.19 -20.56
N GLN D 376 23.00 36.16 -21.19
CA GLN D 376 24.12 36.98 -20.80
C GLN D 376 24.01 38.36 -21.41
N GLY D 377 24.39 39.42 -20.71
CA GLY D 377 24.27 40.80 -21.17
C GLY D 377 23.88 41.72 -20.03
N ASP D 378 23.77 43.03 -20.22
CA ASP D 378 23.33 43.96 -19.19
C ASP D 378 21.87 43.67 -18.85
N ALA D 379 21.58 43.28 -17.60
CA ALA D 379 20.22 42.93 -17.15
C ALA D 379 19.21 44.03 -17.47
N THR D 380 19.60 45.30 -17.48
CA THR D 380 18.71 46.39 -17.84
C THR D 380 18.29 46.33 -19.31
N ILE D 381 19.13 45.80 -20.21
CA ILE D 381 18.82 45.65 -21.62
C ILE D 381 17.95 44.42 -21.79
N ALA D 382 18.23 43.32 -21.09
CA ALA D 382 17.33 42.18 -21.00
C ALA D 382 15.97 42.67 -20.56
N GLN D 383 15.86 43.57 -19.57
CA GLN D 383 14.57 44.05 -19.10
C GLN D 383 13.78 44.86 -20.13
N ARG D 384 14.38 45.75 -20.89
CA ARG D 384 13.66 46.52 -21.91
C ARG D 384 13.15 45.56 -22.98
N LEU D 385 13.93 44.55 -23.36
CA LEU D 385 13.54 43.57 -24.36
C LEU D 385 12.38 42.78 -23.82
N GLY D 386 12.39 42.41 -22.53
CA GLY D 386 11.33 41.65 -21.90
C GLY D 386 10.01 42.39 -21.91
N GLN D 387 10.00 43.71 -21.77
CA GLN D 387 8.76 44.47 -21.81
C GLN D 387 8.20 44.53 -23.22
N ARG D 388 8.94 44.22 -24.28
CA ARG D 388 8.37 44.18 -25.63
C ARG D 388 7.81 42.81 -25.94
N LEU D 389 8.03 41.81 -25.12
CA LEU D 389 7.67 40.43 -25.45
C LEU D 389 6.25 40.12 -25.09
N VAL D 390 5.73 39.04 -25.64
CA VAL D 390 4.44 38.48 -25.33
C VAL D 390 4.36 38.20 -23.84
N LYS D 391 3.20 38.39 -23.21
CA LYS D 391 3.07 38.20 -21.78
C LYS D 391 2.29 36.93 -21.49
N GLY D 392 2.76 36.08 -20.58
CA GLY D 392 2.06 34.85 -20.20
C GLY D 392 2.62 33.60 -20.88
N PRO D 394 3.20 29.90 -22.70
CA PRO D 394 2.57 29.25 -23.81
C PRO D 394 1.81 27.99 -23.37
N ILE D 395 0.69 27.65 -24.03
CA ILE D 395 -0.18 26.54 -23.64
C ILE D 395 -0.32 25.58 -24.82
N LEU D 396 -0.15 24.27 -24.60
CA LEU D 396 -0.25 23.26 -25.63
C LEU D 396 -1.20 22.20 -25.16
N GLU D 397 -2.30 21.94 -25.85
CA GLU D 397 -3.24 20.90 -25.44
C GLU D 397 -3.38 19.89 -26.55
N ASP D 398 -2.29 19.47 -27.16
CA ASP D 398 -2.30 18.42 -28.15
C ASP D 398 -1.09 17.55 -27.89
N TYR D 399 -1.17 16.26 -28.18
CA TYR D 399 -0.10 15.32 -27.98
C TYR D 399 0.33 14.76 -29.33
N PHE D 400 1.62 14.49 -29.54
CA PHE D 400 2.11 13.79 -30.74
C PHE D 400 3.54 13.28 -30.51
N THR E 5 13.32 -33.88 39.33
CA THR E 5 12.85 -32.52 39.09
C THR E 5 11.50 -32.32 39.79
N THR E 6 11.37 -31.37 40.73
CA THR E 6 10.09 -31.17 41.44
C THR E 6 9.19 -30.22 40.64
N LYS E 7 7.87 -30.37 40.73
CA LYS E 7 6.88 -29.59 40.00
C LYS E 7 5.68 -29.31 40.90
N ARG E 8 5.17 -28.09 40.99
CA ARG E 8 3.99 -27.84 41.83
C ARG E 8 3.27 -26.58 41.41
N VAL E 9 1.96 -26.53 41.59
CA VAL E 9 1.16 -25.34 41.45
C VAL E 9 1.14 -24.66 42.82
N LYS E 10 1.37 -23.36 42.89
CA LYS E 10 1.42 -22.63 44.14
C LYS E 10 0.58 -21.36 44.00
N LYS E 11 -0.32 -21.08 44.92
CA LYS E 11 -0.91 -19.76 45.05
C LYS E 11 0.16 -18.77 45.43
N GLY E 13 2.19 -15.36 46.70
CA GLY E 13 1.97 -14.19 47.53
C GLY E 13 2.70 -12.98 46.98
N LYS E 14 2.55 -11.83 47.63
CA LYS E 14 3.18 -10.61 47.20
C LYS E 14 4.70 -10.60 47.48
N GLU E 15 5.26 -11.51 48.29
CA GLU E 15 6.73 -11.69 48.40
C GLU E 15 7.34 -12.17 47.09
N GLU E 16 6.54 -12.73 46.20
CA GLU E 16 6.96 -13.27 44.93
C GLU E 16 6.64 -12.28 43.79
N LYS E 18 8.29 -9.85 42.35
CA LYS E 18 9.35 -9.60 41.37
C LYS E 18 9.38 -10.69 40.28
N GLU E 19 9.31 -11.97 40.66
CA GLU E 19 9.31 -13.11 39.75
C GLU E 19 8.11 -13.08 38.84
N PHE E 21 6.27 -10.39 38.05
CA PHE E 21 6.44 -9.21 37.21
C PHE E 21 7.45 -9.49 36.10
N ASP E 22 8.60 -10.10 36.37
CA ASP E 22 9.60 -10.38 35.36
C ASP E 22 9.03 -11.29 34.28
N LEU E 23 8.14 -12.23 34.63
CA LEU E 23 7.53 -13.18 33.71
C LEU E 23 6.48 -12.50 32.87
N VAL E 24 5.65 -11.67 33.46
CA VAL E 24 4.61 -10.99 32.73
C VAL E 24 5.26 -10.01 31.72
N ILE E 25 6.30 -9.27 32.12
CA ILE E 25 6.97 -8.32 31.25
C ILE E 25 7.60 -9.07 30.09
N TYR E 26 8.16 -10.27 30.31
CA TYR E 26 8.66 -11.14 29.26
C TYR E 26 7.51 -11.60 28.36
N ALA E 27 6.54 -12.35 28.85
CA ALA E 27 5.49 -12.94 28.04
C ALA E 27 4.74 -11.87 27.25
N PHE E 28 4.47 -10.69 27.78
CA PHE E 28 3.72 -9.67 27.07
C PHE E 28 4.62 -8.59 26.48
N ASN E 29 5.93 -8.76 26.48
CA ASN E 29 6.89 -7.85 25.85
C ASN E 29 6.60 -6.40 26.22
N GLN E 30 6.55 -6.05 27.49
CA GLN E 30 6.30 -4.67 27.91
C GLN E 30 7.52 -4.15 28.63
N GLU E 31 7.85 -2.86 28.54
CA GLU E 31 9.02 -2.38 29.29
C GLU E 31 8.64 -2.16 30.75
N PRO E 32 9.51 -2.61 31.65
CA PRO E 32 9.22 -2.57 33.08
C PRO E 32 9.40 -1.17 33.66
N THR E 33 8.55 -0.20 33.39
CA THR E 33 8.71 1.15 33.91
C THR E 33 8.20 1.23 35.36
N ALA E 34 8.45 2.31 36.09
CA ALA E 34 7.91 2.49 37.43
C ALA E 34 6.39 2.50 37.38
N GLU E 35 5.76 3.12 36.39
CA GLU E 35 4.30 3.20 36.35
C GLU E 35 3.74 1.81 36.16
N ARG E 36 4.31 1.01 35.27
CA ARG E 36 3.81 -0.34 34.98
C ARG E 36 4.02 -1.26 36.17
N GLN E 37 5.10 -1.14 36.94
CA GLN E 37 5.24 -1.87 38.18
C GLN E 37 4.28 -1.38 39.25
N GLU E 38 3.97 -0.09 39.38
CA GLU E 38 2.98 0.39 40.32
C GLU E 38 1.64 -0.22 39.96
N ARG E 39 1.26 -0.28 38.69
CA ARG E 39 0.00 -0.92 38.27
C ARG E 39 -0.01 -2.39 38.65
N PHE E 40 1.06 -3.14 38.40
CA PHE E 40 1.13 -4.55 38.73
C PHE E 40 0.92 -4.77 40.23
N GLU E 41 1.52 -3.96 41.09
CA GLU E 41 1.40 -4.09 42.53
C GLU E 41 -0.04 -3.73 42.96
N LYS E 42 -0.74 -2.82 42.30
CA LYS E 42 -2.16 -2.56 42.61
C LYS E 42 -2.95 -3.82 42.27
N LEU E 43 -2.82 -4.37 41.08
CA LEU E 43 -3.54 -5.56 40.65
C LEU E 43 -3.37 -6.68 41.64
N LEU E 44 -2.15 -6.93 42.14
CA LEU E 44 -1.84 -8.05 43.03
C LEU E 44 -2.59 -7.93 44.33
N SER E 45 -2.95 -6.75 44.80
CA SER E 45 -3.77 -6.65 46.01
C SER E 45 -5.23 -6.91 45.70
N HIS E 46 -5.61 -7.20 44.44
CA HIS E 46 -6.97 -7.58 44.07
C HIS E 46 -7.03 -8.83 43.20
N THR E 47 -6.01 -9.67 43.10
CA THR E 47 -6.04 -10.86 42.27
C THR E 47 -5.51 -12.02 43.08
N GLN E 48 -5.71 -13.25 42.63
CA GLN E 48 -4.91 -14.36 43.04
C GLN E 48 -4.08 -14.87 41.87
N SER E 49 -2.77 -14.88 41.98
CA SER E 49 -1.93 -15.57 41.03
C SER E 49 -1.75 -17.04 41.45
N TYR E 50 -1.75 -17.95 40.48
CA TYR E 50 -1.38 -19.33 40.66
C TYR E 50 -0.16 -19.52 39.80
N GLY E 51 0.97 -20.01 40.31
CA GLY E 51 2.16 -20.23 39.54
C GLY E 51 2.51 -21.70 39.49
N PHE E 52 3.21 -22.13 38.46
CA PHE E 52 3.74 -23.45 38.36
C PHE E 52 5.26 -23.34 38.54
N LEU E 53 5.84 -24.02 39.54
CA LEU E 53 7.24 -24.02 39.86
C LEU E 53 7.84 -25.32 39.36
N ILE E 54 8.95 -25.27 38.65
CA ILE E 54 9.74 -26.44 38.31
C ILE E 54 11.07 -26.26 39.02
N ASP E 55 11.38 -27.10 40.00
CA ASP E 55 12.54 -26.97 40.89
C ASP E 55 12.52 -25.59 41.55
N GLU E 56 11.35 -25.20 42.07
CA GLU E 56 11.13 -23.97 42.84
C GLU E 56 11.37 -22.69 42.04
N GLN E 57 11.44 -22.75 40.71
CA GLN E 57 11.46 -21.59 39.82
C GLN E 57 10.08 -21.42 39.23
N LEU E 58 9.52 -20.22 39.19
CA LEU E 58 8.27 -19.89 38.51
C LEU E 58 8.44 -20.05 37.01
N THR E 59 7.72 -20.94 36.35
CA THR E 59 7.83 -21.16 34.91
C THR E 59 6.58 -20.62 34.18
N SER E 60 5.43 -20.62 34.84
CA SER E 60 4.13 -20.28 34.27
C SER E 60 3.32 -19.59 35.34
N GLN E 61 2.32 -18.80 34.96
CA GLN E 61 1.51 -17.98 35.85
C GLN E 61 0.11 -17.83 35.24
N VAL E 62 -0.98 -17.91 36.02
CA VAL E 62 -2.31 -17.43 35.64
C VAL E 62 -2.87 -16.60 36.79
N ALA E 64 -6.46 -14.97 38.52
CA ALA E 64 -7.92 -14.89 38.59
C ALA E 64 -8.29 -13.62 39.35
N THR E 65 -8.87 -12.61 38.73
CA THR E 65 -9.30 -11.41 39.44
C THR E 65 -10.77 -11.56 39.76
N PRO E 66 -11.15 -11.41 41.02
CA PRO E 66 -12.56 -11.52 41.41
C PRO E 66 -13.43 -10.34 40.95
N PHE E 67 -14.49 -10.54 40.18
CA PHE E 67 -15.39 -9.48 39.77
C PHE E 67 -16.79 -9.89 40.16
N GLN E 68 -17.76 -8.97 40.16
CA GLN E 68 -19.16 -9.33 40.23
C GLN E 68 -19.73 -8.95 38.89
N VAL E 69 -20.74 -9.62 38.37
CA VAL E 69 -21.35 -9.19 37.14
C VAL E 69 -22.83 -9.05 37.36
N ASN E 70 -23.49 -8.13 36.66
CA ASN E 70 -24.93 -7.98 36.66
C ASN E 70 -25.54 -8.77 35.50
N PHE E 71 -26.11 -9.94 35.75
CA PHE E 71 -26.70 -10.76 34.72
C PHE E 71 -28.23 -10.67 34.82
N HIS E 72 -28.84 -9.74 34.11
CA HIS E 72 -30.27 -9.54 34.11
C HIS E 72 -30.83 -9.44 35.53
N GLY E 73 -30.15 -8.68 36.41
CA GLY E 73 -30.61 -8.39 37.77
C GLY E 73 -29.96 -9.28 38.80
N VAL E 74 -29.32 -10.37 38.40
CA VAL E 74 -28.68 -11.25 39.33
C VAL E 74 -27.22 -10.92 39.37
N ARG E 75 -26.67 -10.56 40.55
CA ARG E 75 -25.23 -10.45 40.84
C ARG E 75 -24.58 -11.82 40.87
N TYR E 76 -23.62 -12.12 40.00
CA TYR E 76 -22.88 -13.37 40.04
C TYR E 76 -21.42 -13.05 40.34
N PRO E 77 -20.76 -13.87 41.16
CA PRO E 77 -19.30 -13.78 41.31
C PRO E 77 -18.63 -14.30 40.07
N ALA E 79 -14.72 -14.83 37.85
CA ALA E 79 -13.25 -14.84 37.92
C ALA E 79 -12.70 -14.39 36.59
N GLY E 80 -12.05 -13.24 36.52
CA GLY E 80 -11.49 -12.72 35.29
C GLY E 80 -10.10 -13.26 35.10
N ILE E 81 -9.83 -14.09 34.11
CA ILE E 81 -8.54 -14.72 33.97
C ILE E 81 -7.68 -13.85 33.09
N GLY E 82 -6.46 -13.51 33.49
CA GLY E 82 -5.56 -12.73 32.68
C GLY E 82 -4.11 -12.97 32.98
N TYR E 83 -3.21 -12.30 32.26
CA TYR E 83 -1.77 -12.51 32.35
C TYR E 83 -1.47 -13.99 32.37
N VAL E 84 -1.99 -14.77 31.44
CA VAL E 84 -1.63 -16.16 31.30
C VAL E 84 -0.24 -16.19 30.62
N ALA E 85 0.81 -16.64 31.28
CA ALA E 85 2.18 -16.38 30.87
C ALA E 85 3.02 -17.58 31.17
N SER E 86 3.94 -17.93 30.28
CA SER E 86 4.87 -19.05 30.40
C SER E 86 6.21 -18.66 29.83
N TYR E 87 7.31 -19.04 30.45
CA TYR E 87 8.59 -18.87 29.86
C TYR E 87 8.77 -19.91 28.76
N PRO E 88 9.44 -19.49 27.68
CA PRO E 88 9.60 -20.33 26.49
C PRO E 88 10.36 -21.63 26.72
N GLU E 89 11.35 -21.71 27.61
CA GLU E 89 12.17 -22.94 27.80
C GLU E 89 11.46 -24.05 28.55
N TYR E 90 10.22 -23.90 28.98
CA TYR E 90 9.51 -24.98 29.66
C TYR E 90 8.29 -25.38 28.84
N ARG E 91 8.24 -25.11 27.55
CA ARG E 91 7.11 -25.56 26.73
C ARG E 91 6.94 -27.08 26.88
N GLY E 92 5.72 -27.63 26.84
CA GLY E 92 5.48 -29.07 27.02
C GLY E 92 5.67 -29.61 28.43
N GLU E 93 5.87 -28.81 29.47
CA GLU E 93 5.93 -29.34 30.84
C GLU E 93 4.52 -29.41 31.46
N GLY E 94 3.49 -28.87 30.82
CA GLY E 94 2.10 -28.95 31.28
C GLY E 94 1.78 -27.94 32.37
N GLY E 95 2.45 -26.80 32.46
CA GLY E 95 2.25 -25.85 33.56
C GLY E 95 0.90 -25.15 33.56
N ILE E 96 0.44 -24.60 32.43
CA ILE E 96 -0.86 -23.94 32.34
C ILE E 96 -2.00 -24.96 32.54
N SER E 97 -1.92 -26.16 32.01
CA SER E 97 -2.94 -27.18 32.25
C SER E 97 -3.00 -27.55 33.73
N ALA E 98 -1.84 -27.72 34.37
CA ALA E 98 -1.77 -27.96 35.79
C ALA E 98 -2.33 -26.75 36.55
N ILE E 99 -2.05 -25.50 36.18
CA ILE E 99 -2.61 -24.31 36.87
C ILE E 99 -4.12 -24.26 36.62
N LYS E 101 -6.32 -26.62 35.99
CA LYS E 101 -6.94 -27.63 36.81
C LYS E 101 -7.04 -27.20 38.27
N GLU E 102 -5.95 -26.80 38.92
CA GLU E 102 -5.95 -26.44 40.33
C GLU E 102 -6.84 -25.21 40.58
N LEU E 104 -9.50 -23.74 38.65
CA LEU E 104 -10.94 -23.93 38.44
C LEU E 104 -11.52 -24.68 39.64
N ALA E 105 -10.84 -25.71 40.14
CA ALA E 105 -11.23 -26.46 41.33
C ALA E 105 -11.30 -25.53 42.53
N ASP E 106 -10.33 -24.64 42.67
CA ASP E 106 -10.29 -23.69 43.75
C ASP E 106 -11.39 -22.64 43.68
N LEU E 107 -11.73 -22.11 42.50
CA LEU E 107 -12.81 -21.15 42.33
C LEU E 107 -14.18 -21.85 42.49
N ALA E 108 -14.33 -23.12 42.08
CA ALA E 108 -15.55 -23.90 42.30
C ALA E 108 -15.77 -24.06 43.79
N LYS E 109 -14.69 -24.32 44.53
CA LYS E 109 -14.71 -24.46 45.99
C LYS E 109 -15.15 -23.13 46.62
N GLN E 110 -14.84 -21.97 46.02
CA GLN E 110 -15.32 -20.67 46.51
C GLN E 110 -16.73 -20.32 46.02
N LYS E 111 -17.44 -21.16 45.26
CA LYS E 111 -18.79 -20.87 44.72
C LYS E 111 -18.76 -19.73 43.67
N VAL E 112 -17.69 -19.58 42.90
CA VAL E 112 -17.65 -18.67 41.77
C VAL E 112 -18.54 -19.27 40.66
N ALA E 113 -19.54 -18.57 40.13
CA ALA E 113 -20.46 -19.13 39.14
C ALA E 113 -19.93 -19.00 37.71
N LEU E 114 -19.10 -18.01 37.40
CA LEU E 114 -18.67 -17.71 36.03
C LEU E 114 -17.17 -17.37 35.96
N SER E 115 -16.56 -17.50 34.79
CA SER E 115 -15.19 -17.13 34.54
C SER E 115 -15.15 -16.49 33.15
N TYR E 116 -14.62 -15.27 32.97
CA TYR E 116 -14.38 -14.72 31.63
C TYR E 116 -12.88 -14.70 31.37
N LEU E 117 -12.42 -14.85 30.11
CA LEU E 117 -11.03 -14.58 29.73
C LEU E 117 -10.88 -14.13 28.28
N ALA E 118 -9.80 -13.42 27.91
CA ALA E 118 -9.57 -12.90 26.56
C ALA E 118 -8.42 -13.69 25.95
N PRO E 119 -8.73 -14.57 25.02
CA PRO E 119 -7.77 -15.56 24.55
C PRO E 119 -6.88 -15.09 23.43
N PHE E 120 -5.61 -15.47 23.42
CA PHE E 120 -4.74 -15.33 22.26
C PHE E 120 -5.09 -16.41 21.26
N SER E 121 -5.66 -17.54 21.69
CA SER E 121 -6.06 -18.64 20.82
C SER E 121 -7.31 -19.22 21.41
N TYR E 122 -8.41 -19.31 20.66
CA TYR E 122 -9.69 -19.87 21.15
C TYR E 122 -9.67 -21.41 21.38
N PRO E 123 -9.07 -22.20 20.49
CA PRO E 123 -8.93 -23.63 20.75
C PRO E 123 -8.12 -23.92 22.01
N PHE E 124 -7.09 -23.14 22.29
CA PHE E 124 -6.25 -23.27 23.48
C PHE E 124 -7.12 -23.28 24.74
N TYR E 125 -7.92 -22.27 25.03
CA TYR E 125 -8.74 -22.30 26.24
C TYR E 125 -10.02 -23.12 26.10
N ARG E 126 -10.54 -23.38 24.90
CA ARG E 126 -11.69 -24.23 24.76
C ARG E 126 -11.39 -25.58 25.42
N GLN E 127 -10.15 -26.08 25.37
CA GLN E 127 -9.79 -27.37 26.00
C GLN E 127 -10.03 -27.32 27.52
N TYR E 128 -10.09 -26.14 28.14
CA TYR E 128 -10.34 -25.99 29.59
C TYR E 128 -11.82 -25.69 29.90
N GLY E 129 -12.71 -25.70 28.92
CA GLY E 129 -14.16 -25.55 29.12
C GLY E 129 -14.69 -24.21 28.71
N TYR E 130 -13.86 -23.28 28.29
CA TYR E 130 -14.26 -21.94 27.91
C TYR E 130 -14.84 -21.92 26.53
N GLU E 131 -15.73 -21.01 26.21
CA GLU E 131 -16.26 -20.87 24.87
C GLU E 131 -16.53 -19.40 24.52
N GLN E 132 -16.50 -19.02 23.26
CA GLN E 132 -16.77 -17.63 22.87
C GLN E 132 -18.21 -17.27 23.24
N THR E 133 -18.44 -16.21 24.01
CA THR E 133 -19.78 -15.76 24.34
C THR E 133 -19.91 -14.24 24.24
N PHE E 134 -18.92 -13.53 23.72
CA PHE E 134 -18.93 -12.08 23.63
C PHE E 134 -18.37 -11.68 22.28
N GLU E 135 -18.88 -10.61 21.66
CA GLU E 135 -18.36 -10.04 20.42
C GLU E 135 -18.25 -8.53 20.66
N GLN E 136 -17.44 -7.82 19.89
CA GLN E 136 -17.41 -6.38 19.86
C GLN E 136 -17.74 -5.87 18.48
N ALA E 137 -18.34 -4.70 18.38
CA ALA E 137 -18.52 -4.01 17.14
C ALA E 137 -17.43 -2.92 17.06
N GLU E 138 -16.71 -2.85 15.96
CA GLU E 138 -15.77 -1.81 15.71
C GLU E 138 -16.29 -0.83 14.65
N TYR E 139 -16.49 0.45 15.01
CA TYR E 139 -16.98 1.51 14.12
C TYR E 139 -15.85 2.46 13.71
N THR E 140 -15.65 2.69 12.43
CA THR E 140 -14.75 3.70 11.90
C THR E 140 -15.52 4.62 10.95
N ILE E 141 -15.45 5.95 11.10
CA ILE E 141 -16.20 6.88 10.27
C ILE E 141 -15.31 8.06 9.89
N LYS E 142 -15.17 8.40 8.60
CA LYS E 142 -14.42 9.57 8.17
C LYS E 142 -15.02 10.80 8.83
N THR E 143 -14.21 11.80 9.17
CA THR E 143 -14.66 13.03 9.86
C THR E 143 -15.81 13.75 9.14
N GLU E 144 -15.85 13.77 7.79
CA GLU E 144 -16.91 14.42 6.99
C GLU E 144 -18.25 13.78 7.14
N ASP E 145 -18.32 12.49 7.48
CA ASP E 145 -19.55 11.73 7.58
C ASP E 145 -20.05 11.75 9.00
N TRP E 146 -19.36 12.29 9.98
CA TRP E 146 -19.98 12.44 11.30
C TRP E 146 -21.19 13.37 11.10
N PRO E 147 -22.37 12.91 11.53
CA PRO E 147 -23.60 13.68 11.27
C PRO E 147 -23.71 15.04 11.97
N ARG E 148 -24.46 16.00 11.43
CA ARG E 148 -24.85 17.23 12.12
C ARG E 148 -25.92 16.91 13.15
N VAL E 149 -25.78 17.30 14.40
CA VAL E 149 -26.75 17.01 15.43
C VAL E 149 -27.24 18.32 16.02
N LYS E 150 -28.52 18.66 15.96
CA LYS E 150 -29.07 19.84 16.65
C LYS E 150 -28.65 19.90 18.10
N ARG E 151 -28.44 21.09 18.65
CA ARG E 151 -28.27 21.29 20.08
C ARG E 151 -29.57 20.93 20.74
N VAL E 152 -29.53 20.54 22.01
CA VAL E 152 -30.60 19.91 22.74
C VAL E 152 -30.53 20.46 24.18
N PRO E 153 -31.60 20.43 24.96
CA PRO E 153 -31.54 20.92 26.35
C PRO E 153 -30.54 20.20 27.26
N GLY E 154 -30.18 20.79 28.38
CA GLY E 154 -29.25 20.23 29.34
C GLY E 154 -27.85 20.78 29.11
N THR E 155 -26.85 20.33 29.85
CA THR E 155 -25.48 20.82 29.71
C THR E 155 -24.45 19.68 29.70
N ILE E 156 -23.31 19.87 29.05
CA ILE E 156 -22.19 18.95 29.06
C ILE E 156 -21.07 19.63 29.83
N LYS E 157 -20.32 18.95 30.69
CA LYS E 157 -19.17 19.53 31.33
C LYS E 157 -17.96 18.66 31.07
N ARG E 158 -16.84 19.19 30.59
CA ARG E 158 -15.56 18.46 30.62
C ARG E 158 -15.12 18.36 32.07
N VAL E 159 -14.76 17.19 32.60
CA VAL E 159 -14.45 17.03 34.04
C VAL E 159 -13.09 16.41 34.24
N SER E 160 -12.41 16.69 35.36
CA SER E 160 -11.21 15.94 35.73
C SER E 160 -11.64 14.54 36.10
N TRP E 161 -10.74 13.56 36.14
CA TRP E 161 -11.05 12.26 36.60
C TRP E 161 -11.47 12.32 38.07
N ALA E 162 -10.72 13.00 38.93
CA ALA E 162 -11.00 13.09 40.36
C ALA E 162 -12.47 13.41 40.57
N ASP E 163 -13.07 14.40 39.91
CA ASP E 163 -14.40 14.74 40.31
C ASP E 163 -15.44 14.34 39.24
N GLY E 164 -15.10 13.53 38.24
CA GLY E 164 -16.11 12.86 37.41
C GLY E 164 -16.21 11.35 37.62
N LYS E 165 -15.26 10.69 38.28
CA LYS E 165 -15.22 9.21 38.38
C LYS E 165 -16.43 8.61 39.09
N GLU E 166 -17.03 9.24 40.10
CA GLU E 166 -18.14 8.64 40.82
C GLU E 166 -19.46 8.83 40.05
N VAL E 167 -19.69 9.96 39.39
CA VAL E 167 -20.83 10.11 38.47
C VAL E 167 -20.64 9.18 37.28
N ILE E 168 -19.44 9.04 36.72
CA ILE E 168 -19.22 8.13 35.59
C ILE E 168 -19.56 6.71 36.04
N LYS E 169 -19.11 6.26 37.19
CA LYS E 169 -19.43 4.93 37.67
C LYS E 169 -20.94 4.72 37.73
N ASP E 170 -21.74 5.68 38.16
CA ASP E 170 -23.13 5.42 38.46
C ASP E 170 -24.01 5.52 37.24
N VAL E 171 -23.64 6.32 36.25
CA VAL E 171 -24.26 6.29 34.91
C VAL E 171 -24.02 4.93 34.25
N TYR E 172 -22.79 4.42 34.24
CA TYR E 172 -22.45 3.11 33.69
C TYR E 172 -23.24 1.98 34.37
N LEU E 173 -23.28 1.92 35.69
CA LEU E 173 -24.01 0.87 36.42
C LEU E 173 -25.51 0.93 36.09
N GLU E 174 -26.11 2.12 35.99
CA GLU E 174 -27.56 2.24 35.73
C GLU E 174 -27.93 1.85 34.30
N ASN E 175 -27.03 1.97 33.34
CA ASN E 175 -27.36 1.80 31.94
C ASN E 175 -27.56 0.32 31.58
N GLN E 176 -28.52 -0.01 30.71
CA GLN E 176 -29.01 -1.38 30.46
C GLN E 176 -28.01 -2.27 29.77
N ARG E 177 -27.03 -1.72 29.05
CA ARG E 177 -25.92 -2.48 28.46
C ARG E 177 -24.99 -3.02 29.52
N ALA E 178 -25.01 -2.51 30.74
CA ALA E 178 -24.23 -3.04 31.85
C ALA E 178 -24.97 -4.22 32.50
N HIS E 179 -26.18 -4.58 32.06
CA HIS E 179 -27.03 -5.54 32.78
C HIS E 179 -27.08 -6.91 32.08
N SER E 180 -26.21 -7.21 31.11
CA SER E 180 -26.22 -8.51 30.43
C SER E 180 -24.92 -9.28 30.62
N GLY E 181 -24.42 -9.43 31.84
CA GLY E 181 -23.17 -10.14 32.12
C GLY E 181 -22.04 -9.14 32.24
N GLY E 182 -22.34 -7.85 32.38
CA GLY E 182 -21.35 -6.80 32.53
C GLY E 182 -20.73 -6.74 33.92
N VAL E 183 -19.48 -6.30 34.02
CA VAL E 183 -18.79 -6.09 35.29
C VAL E 183 -19.52 -5.00 36.11
N ILE E 184 -19.91 -5.28 37.36
CA ILE E 184 -20.33 -4.29 38.33
C ILE E 184 -19.03 -3.66 38.80
N ARG E 185 -18.59 -2.58 38.15
CA ARG E 185 -17.25 -2.07 38.30
C ARG E 185 -17.05 -1.43 39.63
N GLU E 186 -15.89 -1.61 40.26
CA GLU E 186 -15.54 -0.99 41.52
C GLU E 186 -14.68 0.23 41.28
N THR E 187 -14.54 1.10 42.26
CA THR E 187 -13.78 2.32 42.16
C THR E 187 -12.35 2.05 41.84
N TRP E 188 -11.69 1.10 42.50
CA TRP E 188 -10.28 0.85 42.21
C TRP E 188 -10.10 0.41 40.77
N TRP E 189 -11.05 -0.36 40.20
CA TRP E 189 -10.96 -0.98 38.89
C TRP E 189 -11.13 0.08 37.81
N LEU E 190 -12.09 0.97 37.94
CA LEU E 190 -12.27 2.11 37.08
C LEU E 190 -11.06 3.03 37.10
N ASP E 191 -10.43 3.30 38.25
CA ASP E 191 -9.13 4.00 38.27
C ASP E 191 -8.09 3.20 37.53
N TYR E 192 -7.98 1.92 37.79
CA TYR E 192 -6.99 1.05 37.20
C TYR E 192 -7.11 1.09 35.71
N THR E 193 -8.30 0.98 35.13
CA THR E 193 -8.49 0.88 33.67
C THR E 193 -8.55 2.24 32.98
N LEU E 194 -9.20 3.25 33.56
CA LEU E 194 -9.55 4.47 32.84
C LEU E 194 -8.78 5.70 33.30
N ASN E 195 -7.86 5.61 34.27
CA ASN E 195 -7.06 6.74 34.71
C ASN E 195 -5.57 6.40 34.68
N ARG E 196 -4.93 6.39 33.53
CA ARG E 196 -3.52 6.04 33.39
C ARG E 196 -2.72 7.22 32.91
N ALA E 197 -1.70 7.68 33.61
CA ALA E 197 -0.94 8.87 33.22
C ALA E 197 -0.24 8.66 31.88
N SER E 198 0.20 7.44 31.56
CA SER E 198 0.91 7.12 30.32
C SER E 198 0.01 7.20 29.10
N LYS E 199 -1.30 6.95 29.23
CA LYS E 199 -2.25 7.02 28.11
C LYS E 199 -3.52 7.74 28.57
N PRO E 200 -3.41 9.06 28.73
CA PRO E 200 -4.45 9.85 29.41
C PRO E 200 -5.70 10.13 28.56
N ASN E 201 -6.88 10.13 29.17
CA ASN E 201 -8.15 10.32 28.50
C ASN E 201 -8.74 11.66 28.85
N ASN E 202 -9.73 12.14 28.11
CA ASN E 202 -10.54 13.24 28.56
C ASN E 202 -11.94 12.69 28.82
N GLN E 203 -12.76 13.38 29.61
CA GLN E 203 -14.08 12.96 30.09
C GLN E 203 -15.03 14.13 29.97
N ALA E 204 -16.26 13.93 29.48
CA ALA E 204 -17.32 14.93 29.53
C ALA E 204 -18.61 14.24 30.04
N ILE E 205 -19.36 14.87 30.93
CA ILE E 205 -20.60 14.35 31.43
C ILE E 205 -21.75 15.18 30.91
N TYR E 206 -22.83 14.59 30.42
CA TYR E 206 -24.07 15.29 30.12
C TYR E 206 -25.02 15.30 31.32
N TYR E 207 -25.58 16.45 31.70
CA TYR E 207 -26.59 16.61 32.73
C TYR E 207 -27.91 17.06 32.10
N SER E 208 -29.04 16.43 32.46
CA SER E 208 -30.38 16.83 32.01
C SER E 208 -30.71 18.26 32.39
N SER E 209 -31.72 18.86 31.78
CA SER E 209 -32.20 20.14 32.20
C SER E 209 -32.64 20.07 33.67
N GLU E 210 -32.99 18.92 34.26
CA GLU E 210 -33.25 18.86 35.71
C GLU E 210 -31.94 18.98 36.49
N GLY E 211 -30.78 18.64 35.94
CA GLY E 211 -29.52 18.57 36.69
C GLY E 211 -29.07 17.15 36.91
N LYS E 212 -29.75 16.12 36.40
CA LYS E 212 -29.41 14.70 36.61
C LYS E 212 -28.36 14.22 35.59
N ALA E 213 -27.24 13.63 36.02
CA ALA E 213 -26.24 13.09 35.10
C ALA E 213 -26.87 11.95 34.29
N GLU E 214 -26.85 11.97 32.96
CA GLU E 214 -27.51 10.95 32.15
C GLU E 214 -26.61 10.42 31.04
N GLY E 215 -25.36 10.81 30.98
CA GLY E 215 -24.50 10.35 29.91
C GLY E 215 -23.09 10.82 30.12
N TYR E 216 -22.09 10.07 29.67
CA TYR E 216 -20.73 10.55 29.58
C TYR E 216 -20.07 10.00 28.33
N VAL E 217 -18.98 10.62 27.88
CA VAL E 217 -18.11 10.05 26.87
C VAL E 217 -16.71 10.15 27.43
N ILE E 218 -15.90 9.11 27.37
CA ILE E 218 -14.46 9.18 27.65
C ILE E 218 -13.76 9.11 26.28
N TYR E 219 -12.70 9.85 26.05
CA TYR E 219 -12.17 10.01 24.73
C TYR E 219 -10.73 10.48 24.71
N ARG E 220 -10.05 10.33 23.59
CA ARG E 220 -8.74 10.90 23.40
C ARG E 220 -8.51 11.05 21.91
N ILE E 221 -7.67 11.97 21.45
CA ILE E 221 -7.35 12.12 20.04
C ILE E 221 -5.91 11.67 19.88
N ALA E 222 -5.57 10.82 18.92
CA ALA E 222 -4.19 10.42 18.68
C ALA E 222 -4.01 10.07 17.23
N ALA E 223 -2.86 10.30 16.61
CA ALA E 223 -2.63 9.93 15.21
C ALA E 223 -3.79 10.36 14.27
N GLY E 224 -4.45 11.50 14.48
CA GLY E 224 -5.52 11.98 13.61
C GLY E 224 -6.89 11.35 13.79
N THR E 225 -7.12 10.53 14.82
CA THR E 225 -8.38 9.88 15.10
C THR E 225 -8.95 10.29 16.45
N PHE E 226 -10.22 10.65 16.53
CA PHE E 226 -10.92 10.81 17.77
C PHE E 226 -11.28 9.37 18.22
N GLU E 227 -10.72 8.89 19.30
CA GLU E 227 -11.02 7.59 19.86
C GLU E 227 -12.13 7.70 20.90
N ILE E 228 -13.31 7.14 20.66
CA ILE E 228 -14.37 7.02 21.70
C ILE E 228 -13.99 5.84 22.57
N VAL E 229 -13.36 6.06 23.70
CA VAL E 229 -12.92 5.00 24.60
C VAL E 229 -14.15 4.39 25.22
N GLU E 230 -15.12 5.20 25.58
CA GLU E 230 -16.35 4.73 26.22
C GLU E 230 -17.40 5.78 26.04
N TRP E 231 -18.61 5.43 25.61
CA TRP E 231 -19.69 6.38 25.47
C TRP E 231 -20.97 5.70 25.93
N ASN E 232 -21.54 6.13 27.05
CA ASN E 232 -22.78 5.60 27.66
C ASN E 232 -23.85 6.65 27.83
N TYR E 233 -25.13 6.36 27.59
CA TYR E 233 -26.19 7.36 27.71
C TYR E 233 -27.53 6.77 28.16
N LEU E 234 -28.23 7.38 29.13
CA LEU E 234 -29.45 6.82 29.70
C LEU E 234 -30.69 7.36 29.00
N THR E 235 -30.61 8.45 28.24
CA THR E 235 -31.74 9.04 27.53
C THR E 235 -31.35 9.38 26.10
N ASN E 236 -32.32 9.51 25.20
CA ASN E 236 -32.09 9.96 23.83
C ASN E 236 -31.53 11.38 23.83
N THR E 237 -31.97 12.26 24.73
CA THR E 237 -31.50 13.64 24.72
C THR E 237 -30.03 13.66 25.17
N ALA E 238 -29.54 12.76 26.03
CA ALA E 238 -28.08 12.64 26.32
C ALA E 238 -27.30 12.15 25.10
N PHE E 239 -27.77 11.11 24.43
CA PHE E 239 -27.22 10.58 23.21
C PHE E 239 -27.01 11.70 22.18
N LYS E 240 -28.04 12.45 21.80
CA LYS E 240 -27.92 13.56 20.87
C LYS E 240 -26.98 14.67 21.38
N ALA E 241 -26.98 14.99 22.66
CA ALA E 241 -26.13 16.02 23.23
C ALA E 241 -24.67 15.59 23.09
N LEU E 242 -24.33 14.35 23.46
CA LEU E 242 -22.96 13.89 23.47
C LEU E 242 -22.47 13.62 22.05
N ALA E 243 -23.33 13.23 21.12
CA ALA E 243 -22.97 12.97 19.73
C ALA E 243 -22.60 14.28 19.06
N GLY E 244 -23.28 15.37 19.37
CA GLY E 244 -22.94 16.71 18.90
C GLY E 244 -21.68 17.24 19.56
N PHE E 245 -21.43 16.94 20.83
CA PHE E 245 -20.15 17.22 21.51
C PHE E 245 -19.00 16.49 20.81
N ILE E 246 -19.13 15.19 20.49
CA ILE E 246 -18.09 14.45 19.79
C ILE E 246 -17.85 15.06 18.42
N GLY E 247 -18.90 15.38 17.68
CA GLY E 247 -18.81 15.85 16.30
C GLY E 247 -18.23 17.22 16.22
N SER E 248 -18.29 18.02 17.28
CA SER E 248 -17.60 19.31 17.41
C SER E 248 -16.14 19.24 17.19
N HIS E 249 -15.51 18.08 17.36
CA HIS E 249 -14.07 17.94 17.21
C HIS E 249 -13.73 17.55 15.79
N SER E 250 -14.69 17.47 14.89
CA SER E 250 -14.45 16.99 13.55
C SER E 250 -13.45 17.89 12.81
N GLY E 251 -13.34 19.18 13.06
CA GLY E 251 -12.34 20.04 12.38
C GLY E 251 -10.90 19.75 12.78
N SER E 252 -10.64 18.92 13.79
CA SER E 252 -9.31 18.67 14.26
C SER E 252 -8.91 17.22 14.08
N VAL E 253 -9.63 16.43 13.31
CA VAL E 253 -9.52 14.98 13.34
C VAL E 253 -9.86 14.47 11.93
N GLN E 254 -9.27 13.37 11.43
CA GLN E 254 -9.61 12.77 10.11
C GLN E 254 -10.67 11.69 10.23
N SER E 255 -10.91 11.12 11.41
CA SER E 255 -11.83 10.02 11.54
C SER E 255 -12.20 9.78 12.99
N PHE E 256 -13.28 9.04 13.26
CA PHE E 256 -13.76 8.75 14.59
C PHE E 256 -13.77 7.25 14.69
N HIS E 257 -13.44 6.68 15.84
CA HIS E 257 -13.24 5.27 15.98
C HIS E 257 -13.81 4.82 17.31
N TRP E 258 -14.54 3.70 17.37
CA TRP E 258 -15.24 3.29 18.58
C TRP E 258 -15.35 1.80 18.56
N ILE E 259 -14.86 1.09 19.59
CA ILE E 259 -15.13 -0.32 19.79
C ILE E 259 -15.98 -0.52 21.02
N ASN E 260 -17.12 -1.19 20.92
CA ASN E 260 -17.93 -1.51 22.09
C ASN E 260 -18.52 -2.89 21.98
N GLY E 261 -19.37 -3.30 22.93
CA GLY E 261 -19.95 -4.62 22.97
C GLY E 261 -21.04 -4.80 21.94
N PHE E 262 -21.07 -5.90 21.20
CA PHE E 262 -22.05 -6.10 20.18
C PHE E 262 -23.09 -7.06 20.66
N ALA E 263 -24.36 -6.67 20.65
CA ALA E 263 -25.44 -7.49 21.12
C ALA E 263 -26.39 -7.73 19.95
N GLY E 264 -25.91 -7.74 18.71
CA GLY E 264 -26.67 -8.18 17.56
C GLY E 264 -27.23 -7.08 16.69
N LYS E 265 -27.10 -5.80 17.01
CA LYS E 265 -27.63 -4.76 16.15
C LYS E 265 -26.69 -3.57 16.19
N ASP E 266 -26.21 -3.06 15.06
CA ASP E 266 -25.23 -1.98 15.08
C ASP E 266 -25.92 -0.59 15.08
N LEU E 267 -25.18 0.48 15.39
CA LEU E 267 -25.75 1.83 15.48
C LEU E 267 -25.69 2.55 14.15
N ASN E 268 -25.11 1.99 13.10
CA ASN E 268 -24.90 2.68 11.81
C ASN E 268 -26.21 3.20 11.19
N ASP E 269 -27.37 2.62 11.50
CA ASP E 269 -28.63 3.13 10.98
C ASP E 269 -29.22 4.29 11.82
N LEU E 270 -28.75 4.60 13.02
CA LEU E 270 -29.24 5.77 13.74
C LEU E 270 -28.80 7.05 13.02
N PRO E 272 -28.58 9.38 9.48
CA PRO E 272 -29.25 9.54 8.20
C PRO E 272 -28.48 8.86 7.07
N THR E 273 -27.14 8.91 7.07
CA THR E 273 -26.31 8.11 6.15
C THR E 273 -25.56 7.03 6.94
N PRO E 274 -25.69 5.77 6.55
CA PRO E 274 -25.02 4.69 7.26
C PRO E 274 -23.54 4.59 6.79
N ALA E 275 -22.72 5.59 7.13
CA ALA E 275 -21.37 5.75 6.58
C ALA E 275 -20.29 5.17 7.48
N ALA E 276 -20.59 4.61 8.66
CA ALA E 276 -19.59 3.99 9.49
C ALA E 276 -19.21 2.70 8.80
N SER E 277 -17.95 2.29 8.83
CA SER E 277 -17.59 0.96 8.40
C SER E 277 -17.63 0.13 9.69
N VAL E 278 -18.32 -1.00 9.70
CA VAL E 278 -18.64 -1.78 10.92
C VAL E 278 -18.02 -3.18 10.78
N LYS E 279 -17.08 -3.55 11.65
CA LYS E 279 -16.47 -4.88 11.73
C LYS E 279 -16.97 -5.54 12.99
N ILE E 280 -17.39 -6.82 12.99
CA ILE E 280 -17.68 -7.58 14.24
C ILE E 280 -16.45 -8.39 14.65
N LEU E 281 -15.88 -8.14 15.81
CA LEU E 281 -14.70 -8.86 16.29
C LEU E 281 -15.09 -9.90 17.36
N PRO E 282 -14.52 -11.10 17.28
CA PRO E 282 -14.71 -12.08 18.33
C PRO E 282 -14.14 -11.53 19.63
N TYR E 283 -14.74 -11.75 20.78
CA TYR E 283 -14.21 -11.21 22.03
C TYR E 283 -14.10 -12.31 23.06
N ALA E 286 -16.24 -17.40 27.94
CA ALA E 286 -16.73 -17.56 29.32
C ALA E 286 -16.83 -19.04 29.63
N ARG E 287 -16.85 -19.45 30.89
CA ARG E 287 -17.46 -20.70 31.25
C ARG E 287 -18.24 -20.62 32.58
N ILE E 288 -19.28 -21.44 32.71
CA ILE E 288 -19.86 -21.72 34.00
C ILE E 288 -18.79 -22.45 34.82
N VAL E 289 -18.48 -22.00 36.02
CA VAL E 289 -17.49 -22.65 36.88
C VAL E 289 -18.21 -23.60 37.81
N GLU E 290 -19.09 -23.15 38.67
CA GLU E 290 -19.90 -24.02 39.53
C GLU E 290 -21.38 -24.03 39.06
N LEU E 291 -21.82 -25.08 38.37
CA LEU E 291 -23.14 -25.13 37.74
C LEU E 291 -24.31 -25.08 38.72
N GLN E 292 -24.25 -25.71 39.89
CA GLN E 292 -25.34 -25.62 40.86
C GLN E 292 -25.53 -24.18 41.29
N THR E 293 -24.51 -23.47 41.75
CA THR E 293 -24.62 -22.07 42.15
C THR E 293 -25.17 -21.23 41.02
N PHE E 294 -24.74 -21.42 39.78
CA PHE E 294 -25.15 -20.60 38.66
C PHE E 294 -26.63 -20.82 38.33
N LEU E 295 -27.09 -22.06 38.17
CA LEU E 295 -28.47 -22.35 37.83
C LEU E 295 -29.45 -21.98 38.94
N GLU E 296 -29.11 -22.18 40.21
CA GLU E 296 -29.98 -21.82 41.34
C GLU E 296 -30.35 -20.35 41.36
N LYS E 297 -29.42 -19.42 41.10
CA LYS E 297 -29.70 -17.98 41.07
C LYS E 297 -30.25 -17.50 39.71
N TYR E 298 -30.32 -18.35 38.68
CA TYR E 298 -30.52 -17.89 37.29
C TYR E 298 -31.91 -17.33 37.12
N PRO E 299 -32.04 -16.17 36.48
CA PRO E 299 -33.33 -15.50 36.34
C PRO E 299 -34.18 -16.07 35.20
N PHE E 300 -34.76 -17.27 35.35
CA PHE E 300 -35.59 -17.88 34.32
C PHE E 300 -36.85 -17.06 34.15
N GLN E 301 -37.45 -17.04 32.96
CA GLN E 301 -38.70 -16.33 32.70
C GLN E 301 -39.75 -17.02 33.52
N SER E 302 -40.80 -16.31 33.93
CA SER E 302 -41.99 -16.92 34.54
C SER E 302 -42.73 -17.73 33.47
N GLY E 303 -43.62 -18.62 33.86
CA GLY E 303 -44.29 -19.54 32.94
C GLY E 303 -44.94 -20.62 33.76
N GLU E 304 -45.00 -21.87 33.29
CA GLU E 304 -45.53 -23.00 34.05
C GLU E 304 -44.44 -23.64 34.88
N LYS E 305 -44.74 -24.64 35.70
CA LYS E 305 -43.75 -25.36 36.49
C LYS E 305 -43.14 -26.45 35.62
N GLU E 306 -41.97 -26.26 35.04
CA GLU E 306 -41.37 -27.23 34.11
C GLU E 306 -40.25 -27.99 34.83
N THR E 307 -39.94 -29.24 34.47
CA THR E 307 -38.74 -29.95 34.97
C THR E 307 -37.89 -30.40 33.78
N TYR E 308 -36.56 -30.44 33.91
CA TYR E 308 -35.65 -30.86 32.85
C TYR E 308 -34.52 -31.73 33.41
N SER E 309 -34.00 -32.68 32.64
CA SER E 309 -32.76 -33.37 32.95
C SER E 309 -31.68 -32.89 31.97
N LEU E 310 -30.51 -32.49 32.45
CA LEU E 310 -29.45 -31.96 31.64
C LEU E 310 -28.17 -32.75 31.89
N GLU E 311 -27.51 -33.32 30.87
CA GLU E 311 -26.27 -34.09 31.08
C GLU E 311 -25.12 -33.20 30.70
N ILE E 312 -24.06 -33.07 31.51
CA ILE E 312 -22.96 -32.17 31.20
C ILE E 312 -21.66 -32.94 30.99
N GLU E 313 -20.92 -32.72 29.90
CA GLU E 313 -19.51 -33.10 29.79
C GLU E 313 -18.68 -31.89 30.19
N ASP E 314 -17.62 -32.04 30.98
CA ASP E 314 -16.82 -30.95 31.50
C ASP E 314 -15.54 -31.54 32.09
N SER E 315 -14.51 -31.80 31.30
CA SER E 315 -13.37 -32.59 31.78
C SER E 315 -12.56 -31.84 32.86
N TYR E 316 -12.36 -30.53 32.76
CA TYR E 316 -11.65 -29.76 33.79
C TYR E 316 -12.55 -29.24 34.91
N GLY E 317 -13.88 -29.49 34.89
CA GLY E 317 -14.82 -29.18 35.98
C GLY E 317 -15.66 -30.41 36.34
N PRO E 318 -15.01 -31.44 36.88
CA PRO E 318 -15.64 -32.73 37.15
C PRO E 318 -16.81 -32.68 38.14
N TRP E 319 -16.83 -31.77 39.10
CA TRP E 319 -18.01 -31.46 39.93
C TRP E 319 -19.24 -31.04 39.11
N ASN E 320 -19.11 -30.62 37.86
CA ASN E 320 -20.25 -30.25 37.01
C ASN E 320 -20.73 -31.43 36.15
N GLU E 321 -19.93 -32.48 35.97
CA GLU E 321 -20.28 -33.56 35.08
C GLU E 321 -21.38 -34.40 35.66
N GLY E 322 -22.18 -35.05 34.83
CA GLY E 322 -23.23 -35.94 35.27
C GLY E 322 -24.57 -35.43 34.82
N ILE E 323 -25.65 -36.06 35.26
CA ILE E 323 -27.00 -35.67 34.94
C ILE E 323 -27.45 -34.77 36.08
N TRP E 324 -28.24 -33.73 35.83
CA TRP E 324 -28.72 -32.83 36.85
C TRP E 324 -30.20 -32.64 36.62
N THR E 325 -31.05 -32.64 37.63
CA THR E 325 -32.47 -32.37 37.44
C THR E 325 -32.68 -30.96 37.89
N ILE E 326 -33.36 -30.13 37.13
CA ILE E 326 -33.72 -28.79 37.59
C ILE E 326 -35.22 -28.65 37.42
N THR E 327 -35.98 -28.23 38.44
CA THR E 327 -37.38 -27.91 38.24
C THR E 327 -37.53 -26.39 38.40
N ILE E 328 -37.98 -25.68 37.36
CA ILE E 328 -38.17 -24.23 37.34
C ILE E 328 -39.60 -23.91 37.77
N ASP E 329 -39.87 -23.28 38.91
CA ASP E 329 -41.24 -23.01 39.35
C ASP E 329 -41.88 -21.92 38.45
N GLU E 330 -43.14 -21.53 38.67
CA GLU E 330 -43.87 -20.61 37.77
C GLU E 330 -43.33 -19.18 37.85
N GLN E 331 -42.62 -18.81 38.91
CA GLN E 331 -41.87 -17.57 38.96
C GLN E 331 -40.57 -17.86 38.18
N GLY E 332 -39.45 -17.24 38.46
CA GLY E 332 -38.23 -17.67 37.80
C GLY E 332 -37.48 -18.76 38.55
N LYS E 333 -37.87 -19.18 39.76
CA LYS E 333 -36.94 -19.89 40.66
C LYS E 333 -36.66 -21.34 40.25
N ALA E 334 -35.41 -21.79 40.30
CA ALA E 334 -35.04 -23.15 39.93
C ALA E 334 -34.49 -23.85 41.15
N THR E 335 -34.94 -25.06 41.47
CA THR E 335 -34.28 -25.90 42.47
C THR E 335 -33.47 -26.94 41.68
N VAL E 336 -32.23 -27.25 42.05
CA VAL E 336 -31.28 -27.94 41.17
C VAL E 336 -30.68 -29.13 41.88
N THR E 337 -31.04 -30.36 41.52
CA THR E 337 -30.63 -31.57 42.20
C THR E 337 -29.60 -32.31 41.36
N LYS E 338 -28.53 -32.84 41.96
CA LYS E 338 -27.49 -33.57 41.22
C LYS E 338 -27.92 -35.01 41.05
N GLY E 339 -27.78 -35.61 39.86
CA GLY E 339 -28.21 -36.98 39.60
C GLY E 339 -29.57 -37.09 38.93
N ALA E 340 -29.96 -38.30 38.50
CA ALA E 340 -31.26 -38.57 37.87
C ALA E 340 -32.23 -39.11 38.93
N ALA E 347 -36.50 -36.12 31.00
CA ALA E 347 -36.47 -35.05 30.00
C ALA E 347 -35.03 -34.68 29.59
N ALA E 348 -34.25 -35.54 28.94
CA ALA E 348 -32.79 -35.32 28.82
C ALA E 348 -32.39 -34.45 27.61
N LEU E 349 -31.79 -33.29 27.85
CA LEU E 349 -30.96 -32.58 26.90
C LEU E 349 -29.49 -32.84 27.26
N LYS E 350 -28.56 -32.86 26.30
CA LYS E 350 -27.17 -33.23 26.55
C LYS E 350 -26.21 -32.29 25.85
N ALA E 351 -25.17 -31.80 26.53
CA ALA E 351 -24.18 -30.91 25.89
C ALA E 351 -22.91 -30.84 26.72
N ASP E 352 -21.79 -30.39 26.16
CA ASP E 352 -20.61 -30.08 26.94
C ASP E 352 -20.78 -28.74 27.62
N ILE E 353 -19.92 -28.41 28.58
CA ILE E 353 -20.02 -27.17 29.35
C ILE E 353 -19.89 -25.94 28.44
N GLN E 354 -19.13 -26.01 27.34
CA GLN E 354 -19.02 -24.91 26.39
C GLN E 354 -20.39 -24.49 25.85
N THR E 355 -21.18 -25.41 25.31
CA THR E 355 -22.50 -25.17 24.76
C THR E 355 -23.50 -24.69 25.82
N TRP E 356 -23.51 -25.26 27.03
CA TRP E 356 -24.39 -24.81 28.11
C TRP E 356 -24.08 -23.38 28.48
N THR E 357 -22.82 -22.97 28.54
CA THR E 357 -22.45 -21.57 28.77
C THR E 357 -23.05 -20.66 27.70
N GLN E 358 -22.90 -20.95 26.41
CA GLN E 358 -23.48 -20.13 25.35
C GLN E 358 -25.00 -20.13 25.45
N LEU E 359 -25.62 -21.26 25.79
CA LEU E 359 -27.08 -21.33 25.90
C LEU E 359 -27.56 -20.46 27.05
N PHE E 360 -27.15 -20.70 28.29
CA PHE E 360 -27.62 -19.95 29.45
C PHE E 360 -27.17 -18.47 29.46
N LEU E 361 -26.04 -18.09 28.91
CA LEU E 361 -25.65 -16.70 28.88
C LEU E 361 -26.45 -15.94 27.78
N GLY E 362 -27.13 -16.62 26.86
CA GLY E 362 -27.89 -15.97 25.82
C GLY E 362 -27.08 -15.70 24.55
N TYR E 363 -25.90 -16.28 24.38
CA TYR E 363 -25.07 -16.04 23.19
C TYR E 363 -25.68 -16.73 21.92
N ARG E 364 -26.09 -18.00 21.97
CA ARG E 364 -26.87 -18.62 20.88
C ARG E 364 -28.18 -19.17 21.42
N SER E 365 -29.24 -19.18 20.61
CA SER E 365 -30.55 -19.73 20.96
C SER E 365 -30.51 -21.23 21.09
N ALA E 366 -31.39 -21.83 21.89
CA ALA E 366 -31.49 -23.28 21.99
C ALA E 366 -31.80 -23.85 20.60
N GLU E 367 -32.52 -23.15 19.75
CA GLU E 367 -32.80 -23.56 18.37
C GLU E 367 -31.53 -23.61 17.49
N THR E 368 -30.66 -22.61 17.53
CA THR E 368 -29.38 -22.68 16.81
C THR E 368 -28.48 -23.84 17.28
N LEU E 369 -28.38 -24.10 18.57
CA LEU E 369 -27.46 -25.08 19.10
C LEU E 369 -27.98 -26.47 18.82
N SER E 370 -29.30 -26.66 18.87
CA SER E 370 -29.94 -27.89 18.52
C SER E 370 -29.76 -28.14 17.02
N PHE E 371 -29.84 -27.14 16.15
CA PHE E 371 -29.68 -27.34 14.70
C PHE E 371 -28.29 -27.87 14.41
N TYR E 372 -27.26 -27.28 15.00
CA TYR E 372 -25.88 -27.62 14.72
C TYR E 372 -25.45 -28.73 15.61
N GLU E 373 -26.38 -29.34 16.35
CA GLU E 373 -26.18 -30.61 17.04
C GLU E 373 -25.21 -30.47 18.23
N ARG E 374 -24.92 -29.27 18.72
CA ARG E 374 -24.15 -29.08 19.93
C ARG E 374 -25.04 -29.40 21.12
N LEU E 375 -26.33 -29.13 21.07
CA LEU E 375 -27.25 -29.46 22.14
C LEU E 375 -28.04 -30.69 21.71
N GLN E 376 -27.82 -31.87 22.31
CA GLN E 376 -28.49 -33.12 21.87
C GLN E 376 -29.71 -33.43 22.72
N GLY E 377 -30.75 -34.03 22.15
CA GLY E 377 -32.04 -34.23 22.81
C GLY E 377 -33.11 -33.78 21.84
N ASP E 378 -34.40 -33.81 22.19
CA ASP E 378 -35.43 -33.49 21.23
C ASP E 378 -35.55 -31.98 21.11
N ALA E 379 -35.57 -31.46 19.88
CA ALA E 379 -35.83 -30.07 19.59
C ALA E 379 -36.95 -29.56 20.46
N THR E 380 -38.03 -30.29 20.66
CA THR E 380 -39.20 -29.79 21.38
C THR E 380 -38.85 -29.48 22.85
N ILE E 381 -37.99 -30.26 23.50
CA ILE E 381 -37.54 -29.99 24.86
C ILE E 381 -36.51 -28.83 24.84
N ALA E 382 -35.66 -28.71 23.82
CA ALA E 382 -34.76 -27.57 23.67
C ALA E 382 -35.58 -26.28 23.56
N GLN E 383 -36.50 -26.16 22.59
CA GLN E 383 -37.38 -24.99 22.45
C GLN E 383 -38.02 -24.61 23.77
N ARG E 384 -38.59 -25.56 24.52
CA ARG E 384 -39.30 -25.29 25.77
C ARG E 384 -38.37 -24.65 26.79
N LEU E 385 -37.17 -25.17 26.97
CA LEU E 385 -36.15 -24.60 27.87
C LEU E 385 -35.74 -23.24 27.35
N GLY E 386 -35.47 -23.09 26.04
CA GLY E 386 -35.11 -21.82 25.42
C GLY E 386 -36.11 -20.74 25.73
N GLN E 387 -37.40 -21.05 25.88
CA GLN E 387 -38.39 -20.05 26.24
C GLN E 387 -38.28 -19.63 27.73
N ARG E 388 -37.58 -20.36 28.60
CA ARG E 388 -37.33 -19.95 30.00
C ARG E 388 -36.02 -19.18 30.16
N LEU E 389 -35.20 -19.07 29.13
CA LEU E 389 -33.89 -18.50 29.28
C LEU E 389 -33.95 -17.01 29.09
N VAL E 390 -32.94 -16.33 29.55
CA VAL E 390 -32.80 -14.89 29.48
C VAL E 390 -32.81 -14.49 28.03
N LYS E 391 -33.35 -13.34 27.64
CA LYS E 391 -33.34 -12.90 26.24
C LYS E 391 -32.31 -11.80 26.04
N GLY E 392 -31.61 -11.78 24.90
CA GLY E 392 -30.60 -10.80 24.61
C GLY E 392 -29.23 -11.42 24.69
N PRO E 394 -25.30 -11.52 25.71
CA PRO E 394 -24.54 -10.92 26.80
C PRO E 394 -23.62 -9.78 26.33
N ILE E 395 -23.32 -8.78 27.16
CA ILE E 395 -22.44 -7.67 26.79
C ILE E 395 -21.37 -7.46 27.84
N LEU E 396 -20.11 -7.35 27.42
CA LEU E 396 -18.95 -7.16 28.29
C LEU E 396 -18.20 -5.97 27.76
N GLU E 397 -18.10 -4.91 28.51
CA GLU E 397 -17.40 -3.72 28.08
C GLU E 397 -16.23 -3.47 29.01
N ASP E 398 -15.62 -4.52 29.58
CA ASP E 398 -14.34 -4.41 30.28
C ASP E 398 -13.32 -5.33 29.65
N TYR E 399 -12.03 -5.03 29.80
CA TYR E 399 -10.94 -5.84 29.29
C TYR E 399 -10.00 -6.24 30.41
N PHE E 400 -9.57 -7.50 30.48
CA PHE E 400 -8.56 -7.97 31.44
C PHE E 400 -7.81 -9.18 30.87
N THR F 5 -40.95 24.61 -21.08
CA THR F 5 -40.53 23.21 -21.19
C THR F 5 -41.69 22.27 -20.85
N THR F 6 -41.96 21.22 -21.62
CA THR F 6 -43.01 20.26 -21.30
C THR F 6 -42.42 19.19 -20.39
N LYS F 7 -43.13 18.69 -19.38
CA LYS F 7 -42.64 17.66 -18.47
C LYS F 7 -43.77 16.75 -18.04
N ARG F 8 -43.61 15.44 -18.07
CA ARG F 8 -44.68 14.51 -17.74
C ARG F 8 -44.10 13.17 -17.35
N VAL F 9 -44.72 12.47 -16.41
CA VAL F 9 -44.50 11.05 -16.14
C VAL F 9 -45.25 10.25 -17.19
N LYS F 10 -44.67 9.21 -17.76
CA LYS F 10 -45.31 8.35 -18.73
C LYS F 10 -45.06 6.87 -18.35
N LYS F 11 -46.08 6.01 -18.30
CA LYS F 11 -45.88 4.55 -18.17
C LYS F 11 -45.26 4.00 -19.44
N GLY F 13 -43.31 0.78 -22.00
CA GLY F 13 -43.50 -0.61 -22.40
C GLY F 13 -42.53 -1.01 -23.50
N LYS F 14 -42.83 -2.08 -24.23
CA LYS F 14 -41.95 -2.68 -25.24
C LYS F 14 -41.52 -1.68 -26.32
N GLU F 15 -42.32 -0.69 -26.64
CA GLU F 15 -42.02 0.23 -27.71
C GLU F 15 -40.92 1.15 -27.23
N GLU F 16 -40.81 1.42 -25.92
CA GLU F 16 -39.81 2.31 -25.33
C GLU F 16 -38.52 1.56 -25.01
N LYS F 18 -35.47 0.48 -26.32
CA LYS F 18 -34.10 0.96 -26.55
C LYS F 18 -33.85 2.35 -25.97
N GLU F 19 -34.85 3.22 -25.86
CA GLU F 19 -34.69 4.49 -25.21
C GLU F 19 -34.35 4.18 -23.76
N PHE F 21 -33.07 1.21 -22.51
CA PHE F 21 -31.82 0.50 -22.47
C PHE F 21 -30.67 1.47 -22.60
N ASP F 22 -30.75 2.48 -23.46
CA ASP F 22 -29.68 3.47 -23.61
C ASP F 22 -29.52 4.30 -22.38
N LEU F 23 -30.59 4.62 -21.65
CA LEU F 23 -30.49 5.33 -20.38
C LEU F 23 -29.82 4.45 -19.33
N VAL F 24 -30.18 3.17 -19.22
CA VAL F 24 -29.65 2.26 -18.22
C VAL F 24 -28.17 1.96 -18.48
N ILE F 25 -27.75 1.83 -19.74
CA ILE F 25 -26.35 1.63 -20.16
C ILE F 25 -25.52 2.85 -19.80
N TYR F 26 -26.03 4.06 -19.99
CA TYR F 26 -25.34 5.28 -19.62
C TYR F 26 -25.29 5.39 -18.10
N ALA F 27 -26.39 5.38 -17.37
CA ALA F 27 -26.39 5.65 -15.94
C ALA F 27 -25.53 4.67 -15.18
N PHE F 28 -25.49 3.39 -15.57
CA PHE F 28 -24.81 2.37 -14.82
C PHE F 28 -23.52 2.00 -15.53
N ASN F 29 -23.12 2.70 -16.59
CA ASN F 29 -21.82 2.50 -17.21
C ASN F 29 -21.54 1.02 -17.50
N GLN F 30 -22.36 0.36 -18.30
CA GLN F 30 -22.13 -1.04 -18.65
C GLN F 30 -21.95 -1.12 -20.16
N GLU F 31 -21.27 -2.12 -20.70
CA GLU F 31 -21.10 -2.20 -22.14
C GLU F 31 -22.39 -2.84 -22.65
N PRO F 32 -22.96 -2.28 -23.71
CA PRO F 32 -24.24 -2.76 -24.23
C PRO F 32 -24.10 -4.02 -25.10
N THR F 33 -23.72 -5.17 -24.55
CA THR F 33 -23.60 -6.40 -25.31
C THR F 33 -24.97 -6.93 -25.69
N ALA F 34 -25.04 -7.86 -26.65
CA ALA F 34 -26.27 -8.56 -27.00
C ALA F 34 -26.82 -9.34 -25.81
N GLU F 35 -25.99 -10.00 -25.02
CA GLU F 35 -26.45 -10.71 -23.80
C GLU F 35 -27.09 -9.73 -22.83
N ARG F 36 -26.46 -8.59 -22.56
CA ARG F 36 -26.97 -7.59 -21.65
C ARG F 36 -28.31 -7.06 -22.17
N GLN F 37 -28.46 -6.83 -23.48
CA GLN F 37 -29.71 -6.36 -24.02
C GLN F 37 -30.79 -7.43 -23.93
N GLU F 38 -30.49 -8.71 -24.14
CA GLU F 38 -31.51 -9.74 -24.04
C GLU F 38 -32.02 -9.84 -22.61
N ARG F 39 -31.17 -9.71 -21.61
CA ARG F 39 -31.59 -9.86 -20.22
C ARG F 39 -32.42 -8.67 -19.82
N PHE F 40 -32.12 -7.47 -20.32
CA PHE F 40 -32.92 -6.30 -20.07
C PHE F 40 -34.28 -6.44 -20.77
N GLU F 41 -34.33 -6.87 -22.03
CA GLU F 41 -35.60 -7.23 -22.68
C GLU F 41 -36.39 -8.22 -21.81
N LYS F 42 -35.76 -9.23 -21.19
CA LYS F 42 -36.46 -10.18 -20.34
C LYS F 42 -37.04 -9.47 -19.13
N LEU F 43 -36.28 -8.65 -18.41
CA LEU F 43 -36.74 -8.02 -17.18
C LEU F 43 -37.87 -7.04 -17.48
N LEU F 44 -37.74 -6.25 -18.55
CA LEU F 44 -38.74 -5.30 -19.03
C LEU F 44 -40.09 -5.99 -19.22
N SER F 45 -40.18 -7.23 -19.72
CA SER F 45 -41.45 -7.94 -19.91
C SER F 45 -42.07 -8.43 -18.58
N HIS F 46 -41.41 -8.31 -17.43
CA HIS F 46 -41.98 -8.70 -16.15
C HIS F 46 -42.07 -7.48 -15.25
N THR F 47 -41.79 -6.26 -15.72
CA THR F 47 -41.68 -5.08 -14.86
C THR F 47 -42.70 -4.03 -15.27
N GLN F 48 -43.16 -3.18 -14.35
CA GLN F 48 -43.84 -1.94 -14.65
C GLN F 48 -42.79 -0.82 -14.69
N SER F 49 -42.67 -0.05 -15.76
CA SER F 49 -41.64 0.99 -15.89
C SER F 49 -42.25 2.37 -16.07
N TYR F 50 -41.71 3.40 -15.43
CA TYR F 50 -42.19 4.76 -15.53
C TYR F 50 -41.07 5.58 -16.09
N GLY F 51 -41.33 6.62 -16.85
CA GLY F 51 -40.31 7.50 -17.38
C GLY F 51 -40.73 8.93 -17.15
N PHE F 52 -39.79 9.86 -17.14
CA PHE F 52 -40.07 11.24 -17.08
C PHE F 52 -39.56 11.79 -18.38
N LEU F 53 -40.40 12.42 -19.21
CA LEU F 53 -39.99 13.06 -20.44
C LEU F 53 -39.91 14.57 -20.21
N ILE F 54 -38.94 15.25 -20.80
CA ILE F 54 -38.81 16.70 -20.77
C ILE F 54 -38.58 17.08 -22.23
N ASP F 55 -39.49 17.87 -22.82
CA ASP F 55 -39.54 18.16 -24.26
C ASP F 55 -39.55 16.86 -25.06
N GLU F 56 -40.31 15.87 -24.56
CA GLU F 56 -40.52 14.57 -25.17
C GLU F 56 -39.25 13.71 -25.30
N GLN F 57 -38.19 13.97 -24.52
CA GLN F 57 -37.03 13.08 -24.43
C GLN F 57 -37.07 12.36 -23.08
N LEU F 58 -36.96 11.04 -23.03
CA LEU F 58 -36.79 10.31 -21.77
C LEU F 58 -35.57 10.85 -21.05
N THR F 59 -35.73 11.28 -19.79
CA THR F 59 -34.64 11.83 -19.01
C THR F 59 -34.41 11.00 -17.74
N SER F 60 -35.43 10.39 -17.17
CA SER F 60 -35.34 9.65 -15.95
C SER F 60 -36.25 8.48 -16.04
N GLN F 61 -36.15 7.53 -15.12
CA GLN F 61 -36.72 6.22 -15.26
C GLN F 61 -36.69 5.49 -13.92
N VAL F 62 -37.73 4.74 -13.59
CA VAL F 62 -37.78 3.85 -12.44
C VAL F 62 -38.50 2.59 -12.87
N ALA F 64 -40.29 -1.19 -11.49
CA ALA F 64 -40.86 -1.89 -10.36
C ALA F 64 -41.08 -3.32 -10.79
N THR F 65 -40.42 -4.32 -10.22
CA THR F 65 -40.66 -5.71 -10.56
C THR F 65 -41.59 -6.28 -9.49
N PRO F 66 -42.66 -6.93 -9.93
CA PRO F 66 -43.60 -7.58 -9.01
C PRO F 66 -43.04 -8.85 -8.42
N PHE F 67 -42.85 -8.89 -7.11
CA PHE F 67 -42.37 -10.05 -6.41
C PHE F 67 -43.40 -10.41 -5.40
N GLN F 68 -43.28 -11.60 -4.84
CA GLN F 68 -44.06 -12.05 -3.74
C GLN F 68 -43.03 -12.37 -2.70
N VAL F 69 -43.32 -12.16 -1.42
CA VAL F 69 -42.35 -12.21 -0.35
C VAL F 69 -42.92 -13.12 0.69
N ASN F 70 -42.13 -13.93 1.40
CA ASN F 70 -42.63 -14.86 2.40
C ASN F 70 -42.34 -14.24 3.74
N PHE F 71 -43.28 -13.58 4.39
CA PHE F 71 -43.03 -12.90 5.63
C PHE F 71 -43.57 -13.71 6.78
N HIS F 72 -42.78 -14.59 7.38
CA HIS F 72 -43.19 -15.39 8.53
C HIS F 72 -44.47 -16.15 8.26
N GLY F 73 -44.58 -16.77 7.08
CA GLY F 73 -45.72 -17.56 6.69
C GLY F 73 -46.72 -16.85 5.79
N VAL F 74 -46.75 -15.53 5.70
CA VAL F 74 -47.74 -14.81 4.91
C VAL F 74 -47.14 -14.40 3.57
N ARG F 75 -47.79 -14.64 2.44
CA ARG F 75 -47.31 -14.12 1.15
C ARG F 75 -47.71 -12.66 1.01
N TYR F 76 -46.77 -11.74 0.80
CA TYR F 76 -47.10 -10.36 0.55
C TYR F 76 -46.63 -10.01 -0.84
N PRO F 77 -47.47 -9.34 -1.63
CA PRO F 77 -46.98 -8.74 -2.87
C PRO F 77 -45.96 -7.63 -2.55
N ALA F 79 -43.15 -4.69 -4.42
CA ALA F 79 -42.61 -4.08 -5.61
C ALA F 79 -41.10 -3.82 -5.39
N GLY F 80 -40.23 -4.46 -6.15
CA GLY F 80 -38.80 -4.29 -6.03
C GLY F 80 -38.41 -3.19 -6.96
N ILE F 81 -37.98 -2.04 -6.47
CA ILE F 81 -37.66 -0.90 -7.32
C ILE F 81 -36.22 -1.01 -7.75
N GLY F 82 -35.90 -0.72 -9.00
CA GLY F 82 -34.53 -0.81 -9.48
C GLY F 82 -34.35 -0.03 -10.77
N TYR F 83 -33.17 -0.08 -11.35
CA TYR F 83 -32.80 0.75 -12.50
C TYR F 83 -33.35 2.15 -12.41
N VAL F 84 -33.20 2.81 -11.26
CA VAL F 84 -33.54 4.22 -11.08
C VAL F 84 -32.41 4.99 -11.74
N ALA F 85 -32.62 5.65 -12.88
CA ALA F 85 -31.57 6.22 -13.74
C ALA F 85 -31.98 7.59 -14.25
N SER F 86 -31.08 8.55 -14.40
CA SER F 86 -31.35 9.87 -14.90
C SER F 86 -30.24 10.22 -15.83
N TYR F 87 -30.48 10.88 -16.95
CA TYR F 87 -29.41 11.42 -17.74
C TYR F 87 -28.84 12.66 -17.03
N PRO F 88 -27.55 12.92 -17.21
CA PRO F 88 -26.86 14.01 -16.50
C PRO F 88 -27.17 15.42 -16.98
N GLU F 89 -27.84 15.65 -18.11
CA GLU F 89 -28.22 17.00 -18.58
C GLU F 89 -29.30 17.56 -17.72
N TYR F 90 -30.03 16.74 -16.97
CA TYR F 90 -31.21 17.16 -16.25
C TYR F 90 -30.92 16.95 -14.77
N ARG F 91 -31.40 17.83 -13.91
CA ARG F 91 -31.05 17.84 -12.49
C ARG F 91 -32.12 18.70 -11.85
N GLY F 92 -32.80 18.27 -10.78
CA GLY F 92 -33.86 19.09 -10.16
C GLY F 92 -34.91 19.53 -11.16
N GLU F 93 -35.21 18.71 -12.17
CA GLU F 93 -36.40 18.92 -12.98
C GLU F 93 -37.54 18.16 -12.29
N GLY F 94 -37.25 17.47 -11.16
CA GLY F 94 -38.23 16.83 -10.28
C GLY F 94 -38.59 15.45 -10.74
N GLY F 95 -37.78 14.84 -11.60
CA GLY F 95 -38.16 13.68 -12.38
C GLY F 95 -38.43 12.44 -11.53
N ILE F 96 -37.52 11.99 -10.67
CA ILE F 96 -37.75 10.79 -9.89
C ILE F 96 -38.81 11.08 -8.83
N SER F 97 -38.90 12.27 -8.27
CA SER F 97 -39.96 12.63 -7.34
C SER F 97 -41.32 12.55 -8.02
N ALA F 98 -41.47 13.01 -9.26
CA ALA F 98 -42.75 12.96 -9.98
C ALA F 98 -43.11 11.51 -10.26
N ILE F 99 -42.14 10.68 -10.66
CA ILE F 99 -42.33 9.25 -10.91
C ILE F 99 -42.72 8.54 -9.63
N LYS F 101 -44.21 9.55 -6.84
CA LYS F 101 -45.57 9.91 -6.48
C LYS F 101 -46.62 9.13 -7.30
N GLU F 102 -46.57 9.16 -8.64
CA GLU F 102 -47.52 8.42 -9.47
C GLU F 102 -47.40 6.95 -9.18
N LEU F 104 -46.07 5.12 -6.49
CA LEU F 104 -46.57 4.65 -5.18
C LEU F 104 -48.10 4.69 -5.14
N ALA F 105 -48.76 5.70 -5.71
CA ALA F 105 -50.22 5.70 -5.85
C ALA F 105 -50.71 4.52 -6.71
N ASP F 106 -50.14 4.24 -7.87
CA ASP F 106 -50.52 3.06 -8.69
C ASP F 106 -50.34 1.77 -7.91
N LEU F 107 -49.27 1.62 -7.15
CA LEU F 107 -48.98 0.41 -6.39
C LEU F 107 -49.98 0.22 -5.28
N ALA F 108 -50.43 1.27 -4.60
CA ALA F 108 -51.45 1.15 -3.58
C ALA F 108 -52.78 0.79 -4.23
N LYS F 109 -53.11 1.30 -5.43
CA LYS F 109 -54.33 0.90 -6.15
C LYS F 109 -54.31 -0.60 -6.48
N GLN F 110 -53.17 -1.16 -6.86
CA GLN F 110 -53.00 -2.59 -7.07
C GLN F 110 -52.91 -3.37 -5.74
N LYS F 111 -52.99 -2.75 -4.57
CA LYS F 111 -52.92 -3.41 -3.24
C LYS F 111 -51.58 -4.10 -2.93
N VAL F 112 -50.46 -3.54 -3.37
CA VAL F 112 -49.13 -4.00 -3.01
C VAL F 112 -48.87 -3.64 -1.53
N ALA F 113 -48.28 -4.51 -0.73
CA ALA F 113 -48.13 -4.29 0.71
C ALA F 113 -46.75 -3.68 1.03
N LEU F 114 -45.72 -3.99 0.24
CA LEU F 114 -44.35 -3.66 0.51
C LEU F 114 -43.61 -3.27 -0.77
N SER F 115 -42.59 -2.41 -0.66
CA SER F 115 -41.63 -2.13 -1.71
C SER F 115 -40.22 -2.26 -1.15
N TYR F 116 -39.25 -2.84 -1.88
CA TYR F 116 -37.85 -2.88 -1.50
C TYR F 116 -37.02 -2.17 -2.57
N LEU F 117 -35.90 -1.52 -2.24
CA LEU F 117 -34.94 -1.04 -3.24
C LEU F 117 -33.50 -1.00 -2.70
N ALA F 118 -32.50 -1.06 -3.59
CA ALA F 118 -31.07 -0.91 -3.28
C ALA F 118 -30.70 0.57 -3.50
N PRO F 119 -30.60 1.34 -2.42
CA PRO F 119 -30.47 2.78 -2.56
C PRO F 119 -29.06 3.19 -2.95
N PHE F 120 -28.84 4.19 -3.80
CA PHE F 120 -27.53 4.83 -3.97
C PHE F 120 -27.34 5.84 -2.85
N SER F 121 -28.39 6.46 -2.34
CA SER F 121 -28.35 7.39 -1.21
C SER F 121 -29.53 7.07 -0.29
N TYR F 122 -29.32 6.84 0.99
CA TYR F 122 -30.39 6.55 1.95
C TYR F 122 -31.27 7.78 2.19
N PRO F 123 -30.68 8.97 2.38
CA PRO F 123 -31.49 10.19 2.51
C PRO F 123 -32.39 10.44 1.29
N PHE F 124 -31.92 10.18 0.09
CA PHE F 124 -32.69 10.37 -1.10
C PHE F 124 -33.98 9.56 -1.08
N TYR F 125 -33.97 8.26 -0.83
CA TYR F 125 -35.24 7.51 -0.86
C TYR F 125 -36.00 7.60 0.44
N ARG F 126 -35.40 8.03 1.54
CA ARG F 126 -36.12 8.24 2.77
C ARG F 126 -37.14 9.39 2.60
N GLN F 127 -36.94 10.34 1.70
CA GLN F 127 -37.95 11.38 1.44
C GLN F 127 -39.24 10.82 0.82
N TYR F 128 -39.26 9.64 0.22
CA TYR F 128 -40.47 9.00 -0.26
C TYR F 128 -40.92 7.91 0.68
N GLY F 129 -40.53 7.89 1.95
CA GLY F 129 -41.08 6.93 2.92
C GLY F 129 -40.26 5.68 3.17
N TYR F 130 -39.24 5.37 2.36
CA TYR F 130 -38.41 4.17 2.53
C TYR F 130 -37.49 4.29 3.74
N GLU F 131 -37.20 3.17 4.43
CA GLU F 131 -36.25 3.16 5.53
C GLU F 131 -35.33 1.95 5.40
N GLN F 132 -34.08 2.02 5.84
CA GLN F 132 -33.23 0.85 5.88
C GLN F 132 -33.87 -0.23 6.74
N THR F 133 -34.05 -1.43 6.23
CA THR F 133 -34.58 -2.54 7.04
C THR F 133 -33.74 -3.79 6.86
N PHE F 134 -32.71 -3.82 6.00
CA PHE F 134 -31.89 -5.02 5.71
C PHE F 134 -30.41 -4.76 5.78
N GLU F 135 -29.63 -5.77 6.18
CA GLU F 135 -28.19 -5.69 6.29
C GLU F 135 -27.55 -6.90 5.63
N GLN F 136 -26.28 -6.84 5.32
CA GLN F 136 -25.54 -7.98 4.87
C GLN F 136 -24.35 -8.23 5.79
N ALA F 137 -23.90 -9.47 5.90
CA ALA F 137 -22.67 -9.84 6.55
C ALA F 137 -21.72 -10.22 5.45
N GLU F 138 -20.55 -9.61 5.35
CA GLU F 138 -19.51 -9.99 4.42
C GLU F 138 -18.40 -10.70 5.16
N TYR F 139 -18.14 -11.99 4.87
CA TYR F 139 -17.08 -12.81 5.43
C TYR F 139 -15.94 -12.94 4.45
N THR F 140 -14.69 -12.86 4.90
CA THR F 140 -13.52 -13.12 4.08
C THR F 140 -12.61 -13.94 4.95
N ILE F 141 -12.06 -15.03 4.47
CA ILE F 141 -11.19 -15.85 5.27
C ILE F 141 -10.05 -16.38 4.41
N LYS F 142 -8.83 -16.37 4.92
CA LYS F 142 -7.66 -16.81 4.18
C LYS F 142 -7.72 -18.30 3.97
N THR F 143 -7.11 -18.81 2.91
CA THR F 143 -7.27 -20.19 2.53
C THR F 143 -6.79 -21.10 3.65
N GLU F 144 -5.76 -20.72 4.38
CA GLU F 144 -5.19 -21.50 5.49
C GLU F 144 -6.15 -21.65 6.64
N ASP F 145 -7.05 -20.70 6.83
CA ASP F 145 -7.88 -20.66 7.98
C ASP F 145 -9.18 -21.35 7.73
N TRP F 146 -9.47 -21.83 6.51
CA TRP F 146 -10.66 -22.62 6.28
C TRP F 146 -10.54 -23.92 7.08
N PRO F 147 -11.51 -24.21 7.93
CA PRO F 147 -11.37 -25.32 8.87
C PRO F 147 -11.43 -26.71 8.23
N ARG F 148 -10.67 -27.67 8.74
CA ARG F 148 -10.73 -29.07 8.40
C ARG F 148 -12.08 -29.61 8.83
N VAL F 149 -12.82 -30.29 7.96
CA VAL F 149 -14.13 -30.84 8.26
C VAL F 149 -14.13 -32.32 8.01
N LYS F 150 -14.47 -33.17 8.97
CA LYS F 150 -14.58 -34.60 8.75
C LYS F 150 -15.60 -34.91 7.64
N ARG F 151 -15.45 -36.00 6.93
CA ARG F 151 -16.40 -36.41 5.91
C ARG F 151 -17.64 -36.91 6.57
N VAL F 152 -18.75 -36.92 5.85
CA VAL F 152 -20.05 -37.04 6.45
C VAL F 152 -20.91 -37.89 5.51
N PRO F 153 -21.93 -38.56 6.05
CA PRO F 153 -22.81 -39.43 5.25
C PRO F 153 -23.61 -38.67 4.18
N GLY F 154 -23.98 -39.27 3.06
CA GLY F 154 -24.65 -38.56 2.00
C GLY F 154 -23.75 -38.38 0.80
N THR F 155 -24.22 -37.76 -0.28
CA THR F 155 -23.42 -37.53 -1.50
C THR F 155 -23.56 -36.07 -1.96
N ILE F 156 -22.52 -35.48 -2.52
CA ILE F 156 -22.54 -34.21 -3.16
C ILE F 156 -22.37 -34.44 -4.65
N LYS F 157 -23.20 -33.88 -5.52
CA LYS F 157 -23.01 -33.98 -6.96
C LYS F 157 -22.78 -32.59 -7.51
N ARG F 158 -21.79 -32.36 -8.37
CA ARG F 158 -21.64 -31.11 -9.13
C ARG F 158 -22.65 -31.16 -10.24
N VAL F 159 -23.19 -30.06 -10.69
CA VAL F 159 -24.42 -30.11 -11.48
C VAL F 159 -24.55 -28.93 -12.44
N SER F 160 -25.16 -29.14 -13.61
CA SER F 160 -25.40 -28.10 -14.59
C SER F 160 -26.56 -27.27 -14.11
N TRP F 161 -26.71 -26.03 -14.55
CA TRP F 161 -27.84 -25.22 -14.17
C TRP F 161 -29.15 -25.93 -14.55
N ALA F 162 -29.28 -26.40 -15.79
CA ALA F 162 -30.47 -27.07 -16.26
C ALA F 162 -30.79 -28.27 -15.37
N ASP F 163 -29.83 -29.09 -14.99
CA ASP F 163 -30.08 -30.29 -14.18
C ASP F 163 -30.33 -29.94 -12.71
N GLY F 164 -29.92 -28.78 -12.20
CA GLY F 164 -30.01 -28.45 -10.77
C GLY F 164 -30.97 -27.33 -10.39
N LYS F 165 -31.42 -26.48 -11.31
CA LYS F 165 -32.26 -25.29 -11.02
C LYS F 165 -33.49 -25.58 -10.17
N GLU F 166 -34.19 -26.69 -10.31
CA GLU F 166 -35.44 -26.87 -9.58
C GLU F 166 -35.19 -27.40 -8.19
N VAL F 167 -34.18 -28.23 -7.98
CA VAL F 167 -33.76 -28.62 -6.62
C VAL F 167 -33.19 -27.38 -5.92
N ILE F 168 -32.41 -26.50 -6.59
CA ILE F 168 -31.91 -25.27 -5.97
C ILE F 168 -33.10 -24.35 -5.61
N LYS F 169 -34.14 -24.27 -6.44
CA LYS F 169 -35.30 -23.44 -6.15
C LYS F 169 -36.02 -23.97 -4.93
N ASP F 170 -36.25 -25.28 -4.81
CA ASP F 170 -37.02 -25.84 -3.71
C ASP F 170 -36.25 -25.83 -2.39
N VAL F 171 -34.96 -26.16 -2.36
CA VAL F 171 -34.15 -26.10 -1.12
C VAL F 171 -34.14 -24.63 -0.68
N TYR F 172 -34.00 -23.65 -1.58
CA TYR F 172 -34.03 -22.24 -1.21
C TYR F 172 -35.34 -21.89 -0.55
N LEU F 173 -36.48 -22.28 -1.12
CA LEU F 173 -37.80 -21.92 -0.62
C LEU F 173 -38.06 -22.64 0.71
N GLU F 174 -37.68 -23.91 0.86
CA GLU F 174 -37.88 -24.66 2.10
C GLU F 174 -36.99 -24.12 3.23
N ASN F 175 -35.97 -23.32 2.94
CA ASN F 175 -34.97 -22.91 3.90
C ASN F 175 -35.47 -21.76 4.78
N GLN F 176 -35.28 -21.84 6.09
CA GLN F 176 -35.90 -20.96 7.08
C GLN F 176 -35.44 -19.50 6.96
N ARG F 177 -34.25 -19.25 6.42
CA ARG F 177 -33.76 -17.92 6.17
C ARG F 177 -34.56 -17.24 5.05
N ALA F 178 -35.36 -17.97 4.27
CA ALA F 178 -36.22 -17.42 3.19
C ALA F 178 -37.62 -17.04 3.71
N HIS F 179 -37.90 -17.17 5.00
CA HIS F 179 -39.22 -16.98 5.56
C HIS F 179 -39.30 -15.70 6.36
N SER F 180 -38.42 -14.72 6.17
CA SER F 180 -38.44 -13.48 6.95
C SER F 180 -38.45 -12.29 6.04
N GLY F 181 -39.35 -12.22 5.05
CA GLY F 181 -39.40 -11.14 4.07
C GLY F 181 -38.57 -11.43 2.82
N GLY F 182 -38.18 -12.67 2.57
CA GLY F 182 -37.33 -13.03 1.43
C GLY F 182 -38.13 -13.28 0.18
N VAL F 183 -37.57 -13.06 -1.00
CA VAL F 183 -38.32 -13.20 -2.25
C VAL F 183 -38.79 -14.63 -2.40
N ILE F 184 -40.06 -14.90 -2.75
CA ILE F 184 -40.50 -16.23 -3.17
C ILE F 184 -40.12 -16.36 -4.64
N ARG F 185 -39.04 -17.05 -4.95
CA ARG F 185 -38.43 -17.01 -6.27
C ARG F 185 -39.15 -17.77 -7.35
N GLU F 186 -39.46 -17.13 -8.46
CA GLU F 186 -40.01 -17.79 -9.64
C GLU F 186 -38.88 -18.34 -10.49
N THR F 187 -39.16 -19.28 -11.38
CA THR F 187 -38.15 -19.93 -12.19
C THR F 187 -37.45 -18.92 -13.08
N TRP F 188 -38.15 -17.96 -13.68
CA TRP F 188 -37.53 -16.97 -14.56
C TRP F 188 -36.53 -16.09 -13.79
N TRP F 189 -36.82 -15.74 -12.54
CA TRP F 189 -35.98 -14.84 -11.75
C TRP F 189 -34.71 -15.56 -11.35
N LEU F 190 -34.80 -16.84 -11.01
CA LEU F 190 -33.65 -17.68 -10.73
C LEU F 190 -32.73 -17.80 -11.95
N ASP F 191 -33.24 -18.02 -13.15
CA ASP F 191 -32.38 -18.00 -14.36
C ASP F 191 -31.84 -16.59 -14.61
N TYR F 192 -32.61 -15.54 -14.39
CA TYR F 192 -32.15 -14.19 -14.67
C TYR F 192 -30.97 -13.88 -13.77
N THR F 193 -31.01 -14.21 -12.49
CA THR F 193 -30.00 -13.79 -11.56
C THR F 193 -28.83 -14.76 -11.52
N LEU F 194 -29.03 -16.08 -11.52
CA LEU F 194 -27.98 -17.08 -11.27
C LEU F 194 -27.54 -17.86 -12.53
N ASN F 195 -27.96 -17.51 -13.73
CA ASN F 195 -27.61 -18.23 -14.95
C ASN F 195 -27.11 -17.30 -16.06
N ARG F 196 -25.99 -16.62 -15.92
CA ARG F 196 -25.49 -15.70 -16.95
C ARG F 196 -24.22 -16.20 -17.63
N ALA F 197 -24.09 -16.21 -18.95
CA ALA F 197 -22.91 -16.75 -19.63
C ALA F 197 -21.67 -15.87 -19.47
N SER F 198 -21.80 -14.55 -19.32
CA SER F 198 -20.66 -13.65 -19.11
C SER F 198 -20.11 -13.74 -17.68
N LYS F 199 -20.85 -14.29 -16.73
CA LYS F 199 -20.34 -14.51 -15.37
C LYS F 199 -20.86 -15.87 -14.88
N PRO F 200 -20.29 -16.94 -15.41
CA PRO F 200 -20.75 -18.30 -15.10
C PRO F 200 -20.50 -18.73 -13.64
N ASN F 201 -21.41 -19.47 -13.02
CA ASN F 201 -21.19 -20.08 -11.71
C ASN F 201 -21.07 -21.58 -11.83
N ASN F 202 -20.59 -22.27 -10.81
CA ASN F 202 -20.71 -23.71 -10.65
C ASN F 202 -21.71 -23.96 -9.54
N GLN F 203 -22.28 -25.14 -9.46
CA GLN F 203 -23.31 -25.48 -8.50
C GLN F 203 -23.06 -26.88 -8.05
N ALA F 204 -23.24 -27.19 -6.78
CA ALA F 204 -23.13 -28.53 -6.25
C ALA F 204 -24.31 -28.74 -5.29
N ILE F 205 -24.86 -29.95 -5.19
CA ILE F 205 -26.02 -30.23 -4.37
C ILE F 205 -25.63 -31.32 -3.42
N TYR F 206 -25.95 -31.18 -2.14
CA TYR F 206 -25.85 -32.25 -1.19
C TYR F 206 -27.14 -33.04 -1.15
N TYR F 207 -27.09 -34.37 -1.24
CA TYR F 207 -28.22 -35.26 -1.04
C TYR F 207 -27.99 -36.11 0.19
N SER F 208 -28.99 -36.30 1.05
CA SER F 208 -28.84 -37.09 2.28
C SER F 208 -28.56 -38.58 1.97
N SER F 209 -28.28 -39.47 2.92
CA SER F 209 -28.09 -40.90 2.60
C SER F 209 -29.41 -41.53 2.19
N GLU F 210 -30.55 -40.90 2.47
CA GLU F 210 -31.86 -41.29 1.94
C GLU F 210 -32.15 -40.74 0.54
N GLY F 211 -31.29 -39.91 -0.06
CA GLY F 211 -31.43 -39.45 -1.44
C GLY F 211 -32.19 -38.14 -1.58
N LYS F 212 -32.53 -37.46 -0.49
CA LYS F 212 -33.27 -36.19 -0.52
C LYS F 212 -32.29 -35.01 -0.52
N ALA F 213 -32.45 -34.02 -1.40
CA ALA F 213 -31.58 -32.84 -1.47
C ALA F 213 -31.71 -32.04 -0.19
N GLU F 214 -30.63 -31.67 0.49
CA GLU F 214 -30.72 -30.93 1.76
C GLU F 214 -29.82 -29.70 1.77
N GLY F 215 -29.16 -29.36 0.68
CA GLY F 215 -28.41 -28.13 0.60
C GLY F 215 -27.77 -27.99 -0.76
N TYR F 216 -27.17 -26.85 -1.04
CA TYR F 216 -26.43 -26.61 -2.27
C TYR F 216 -25.48 -25.44 -2.07
N VAL F 217 -24.50 -25.29 -2.97
CA VAL F 217 -23.59 -24.18 -3.02
C VAL F 217 -23.49 -23.71 -4.46
N ILE F 218 -23.64 -22.41 -4.71
CA ILE F 218 -23.30 -21.80 -5.97
C ILE F 218 -22.00 -21.00 -5.76
N TYR F 219 -20.98 -21.20 -6.59
CA TYR F 219 -19.68 -20.64 -6.37
C TYR F 219 -18.97 -20.34 -7.69
N ARG F 220 -18.04 -19.39 -7.70
CA ARG F 220 -17.08 -19.22 -8.78
C ARG F 220 -15.70 -19.00 -8.14
N ILE F 221 -14.61 -19.29 -8.85
CA ILE F 221 -13.29 -18.87 -8.46
C ILE F 221 -12.84 -17.82 -9.44
N ALA F 222 -12.42 -16.63 -8.99
CA ALA F 222 -12.01 -15.52 -9.86
C ALA F 222 -10.92 -14.76 -9.13
N ALA F 223 -9.73 -14.53 -9.71
CA ALA F 223 -8.68 -13.71 -9.09
C ALA F 223 -8.28 -14.23 -7.71
N GLY F 224 -8.05 -15.54 -7.54
CA GLY F 224 -7.48 -16.05 -6.29
C GLY F 224 -8.49 -16.24 -5.18
N THR F 225 -9.75 -15.84 -5.34
CA THR F 225 -10.80 -16.00 -4.35
C THR F 225 -11.89 -16.98 -4.79
N PHE F 226 -12.29 -17.88 -3.90
CA PHE F 226 -13.47 -18.69 -4.01
C PHE F 226 -14.63 -17.85 -3.54
N GLU F 227 -15.58 -17.52 -4.42
CA GLU F 227 -16.78 -16.77 -4.09
C GLU F 227 -17.90 -17.73 -3.78
N ILE F 228 -18.41 -17.74 -2.55
CA ILE F 228 -19.64 -18.42 -2.19
C ILE F 228 -20.75 -17.49 -2.63
N VAL F 229 -21.25 -17.67 -3.85
CA VAL F 229 -22.31 -16.86 -4.43
C VAL F 229 -23.56 -17.07 -3.61
N GLU F 230 -23.88 -18.32 -3.25
CA GLU F 230 -25.00 -18.66 -2.40
C GLU F 230 -24.74 -20.00 -1.76
N TRP F 231 -25.12 -20.20 -0.48
CA TRP F 231 -24.94 -21.42 0.25
C TRP F 231 -26.13 -21.61 1.16
N ASN F 232 -26.95 -22.64 0.96
CA ASN F 232 -28.10 -22.93 1.78
C ASN F 232 -28.06 -24.37 2.18
N TYR F 233 -28.42 -24.68 3.42
CA TYR F 233 -28.42 -26.03 3.91
C TYR F 233 -29.60 -26.23 4.84
N LEU F 234 -30.30 -27.36 4.78
CA LEU F 234 -31.48 -27.60 5.59
C LEU F 234 -31.15 -28.38 6.84
N THR F 235 -30.04 -29.13 6.88
CA THR F 235 -29.62 -29.94 8.02
C THR F 235 -28.19 -29.60 8.42
N ASN F 236 -27.71 -30.06 9.57
CA ASN F 236 -26.32 -29.87 9.95
C ASN F 236 -25.43 -30.79 9.14
N THR F 237 -25.82 -32.00 8.77
CA THR F 237 -24.88 -32.83 8.03
C THR F 237 -24.73 -32.28 6.60
N ALA F 238 -25.71 -31.56 6.03
CA ALA F 238 -25.59 -30.88 4.72
C ALA F 238 -24.61 -29.70 4.85
N PHE F 239 -24.70 -28.88 5.90
CA PHE F 239 -23.71 -27.89 6.28
C PHE F 239 -22.29 -28.47 6.31
N LYS F 240 -21.99 -29.47 7.13
CA LYS F 240 -20.66 -30.06 7.20
C LYS F 240 -20.26 -30.66 5.87
N ALA F 241 -21.17 -31.32 5.16
CA ALA F 241 -20.85 -31.92 3.87
C ALA F 241 -20.33 -30.85 2.94
N LEU F 242 -21.05 -29.74 2.80
CA LEU F 242 -20.73 -28.69 1.86
C LEU F 242 -19.57 -27.85 2.37
N ALA F 243 -19.38 -27.65 3.68
CA ALA F 243 -18.19 -26.95 4.21
C ALA F 243 -16.93 -27.69 3.78
N GLY F 244 -16.90 -29.03 3.89
CA GLY F 244 -15.78 -29.88 3.49
C GLY F 244 -15.57 -29.79 2.00
N PHE F 245 -16.62 -29.74 1.20
CA PHE F 245 -16.56 -29.58 -0.25
C PHE F 245 -15.95 -28.24 -0.66
N ILE F 246 -16.33 -27.12 -0.05
CA ILE F 246 -15.77 -25.79 -0.33
C ILE F 246 -14.30 -25.82 0.06
N GLY F 247 -13.99 -26.25 1.28
CA GLY F 247 -12.62 -26.48 1.75
C GLY F 247 -11.73 -27.30 0.82
N SER F 248 -12.23 -28.27 0.06
CA SER F 248 -11.42 -29.02 -0.88
C SER F 248 -10.74 -28.12 -1.85
N HIS F 249 -11.17 -26.89 -2.04
CA HIS F 249 -10.61 -25.99 -3.03
C HIS F 249 -9.53 -25.13 -2.46
N SER F 250 -9.24 -25.22 -1.16
CA SER F 250 -8.28 -24.35 -0.51
C SER F 250 -6.93 -24.38 -1.20
N GLY F 251 -6.47 -25.52 -1.72
CA GLY F 251 -5.18 -25.64 -2.38
C GLY F 251 -5.08 -24.85 -3.69
N SER F 252 -6.17 -24.30 -4.21
CA SER F 252 -6.22 -23.68 -5.52
C SER F 252 -6.68 -22.23 -5.41
N VAL F 253 -6.67 -21.63 -4.22
CA VAL F 253 -7.34 -20.37 -3.93
C VAL F 253 -6.57 -19.65 -2.79
N GLN F 254 -6.47 -18.32 -2.75
CA GLN F 254 -5.79 -17.58 -1.67
C GLN F 254 -6.78 -17.18 -0.55
N SER F 255 -8.06 -16.92 -0.85
CA SER F 255 -9.07 -16.70 0.17
C SER F 255 -10.45 -17.15 -0.28
N PHE F 256 -11.40 -17.28 0.66
CA PHE F 256 -12.81 -17.54 0.40
C PHE F 256 -13.61 -16.29 0.79
N HIS F 257 -14.76 -16.06 0.19
CA HIS F 257 -15.51 -14.82 0.36
C HIS F 257 -17.01 -15.08 0.25
N TRP F 258 -17.81 -14.50 1.11
CA TRP F 258 -19.20 -14.79 1.20
C TRP F 258 -19.93 -13.57 1.73
N ILE F 259 -20.87 -13.00 0.95
CA ILE F 259 -21.80 -11.99 1.39
C ILE F 259 -23.19 -12.61 1.48
N ASN F 260 -23.81 -12.65 2.66
CA ASN F 260 -25.19 -13.06 2.80
C ASN F 260 -25.98 -12.11 3.70
N GLY F 261 -27.27 -12.37 3.95
CA GLY F 261 -28.16 -11.52 4.74
C GLY F 261 -27.84 -11.60 6.21
N PHE F 262 -27.71 -10.49 6.91
CA PHE F 262 -27.37 -10.52 8.32
C PHE F 262 -28.61 -10.50 9.21
N ALA F 263 -28.84 -11.52 10.01
CA ALA F 263 -30.02 -11.58 10.89
C ALA F 263 -29.60 -11.37 12.33
N GLY F 264 -28.53 -10.67 12.65
CA GLY F 264 -28.20 -10.38 14.04
C GLY F 264 -27.03 -11.18 14.59
N LYS F 265 -26.72 -12.37 14.08
CA LYS F 265 -25.65 -13.19 14.61
C LYS F 265 -24.78 -13.72 13.48
N ASP F 266 -23.45 -13.59 13.51
CA ASP F 266 -22.61 -14.05 12.39
C ASP F 266 -22.11 -15.48 12.59
N LEU F 267 -21.67 -16.14 11.54
CA LEU F 267 -21.28 -17.56 11.53
C LEU F 267 -19.85 -17.82 12.00
N ASN F 268 -19.05 -16.81 12.35
CA ASN F 268 -17.62 -16.95 12.69
C ASN F 268 -17.35 -17.95 13.84
N ASP F 269 -18.20 -18.02 14.85
CA ASP F 269 -17.99 -18.87 16.01
C ASP F 269 -18.36 -20.37 15.81
N LEU F 270 -18.93 -20.79 14.67
CA LEU F 270 -19.07 -22.20 14.34
C LEU F 270 -17.71 -22.81 14.05
N PRO F 272 -13.61 -23.46 15.09
CA PRO F 272 -12.78 -23.56 16.31
C PRO F 272 -11.91 -22.33 16.50
N THR F 273 -11.36 -21.78 15.43
CA THR F 273 -10.71 -20.50 15.40
C THR F 273 -11.62 -19.54 14.62
N PRO F 274 -12.17 -18.51 15.26
CA PRO F 274 -13.02 -17.56 14.53
C PRO F 274 -12.15 -16.67 13.64
N ALA F 275 -11.66 -17.19 12.54
CA ALA F 275 -10.67 -16.54 11.72
C ALA F 275 -11.28 -15.66 10.66
N ALA F 276 -12.61 -15.60 10.47
CA ALA F 276 -13.16 -14.77 9.37
C ALA F 276 -13.12 -13.30 9.76
N SER F 277 -12.88 -12.37 8.84
CA SER F 277 -13.13 -10.97 9.08
C SER F 277 -14.55 -10.70 8.63
N VAL F 278 -15.37 -10.09 9.46
CA VAL F 278 -16.79 -9.96 9.25
C VAL F 278 -17.17 -8.47 9.25
N LYS F 279 -17.62 -7.91 8.13
CA LYS F 279 -18.09 -6.54 8.03
C LYS F 279 -19.62 -6.59 7.91
N ILE F 280 -20.34 -5.67 8.55
CA ILE F 280 -21.76 -5.56 8.43
C ILE F 280 -22.12 -4.39 7.52
N LEU F 281 -22.79 -4.66 6.41
CA LEU F 281 -23.07 -3.69 5.38
C LEU F 281 -24.55 -3.30 5.44
N PRO F 282 -24.85 -2.02 5.28
CA PRO F 282 -26.24 -1.64 5.05
C PRO F 282 -26.72 -2.23 3.74
N TYR F 283 -27.96 -2.68 3.64
CA TYR F 283 -28.49 -3.23 2.42
C TYR F 283 -29.83 -2.51 2.13
N ALA F 286 -37.01 -0.51 2.71
CA ALA F 286 -38.33 -1.05 2.46
C ALA F 286 -39.34 0.00 2.89
N ARG F 287 -40.53 0.06 2.31
CA ARG F 287 -41.67 0.78 2.94
C ARG F 287 -42.95 -0.03 2.82
N ILE F 288 -43.82 0.09 3.80
CA ILE F 288 -45.18 -0.35 3.67
C ILE F 288 -45.82 0.55 2.61
N VAL F 289 -46.47 -0.02 1.61
CA VAL F 289 -47.17 0.71 0.58
C VAL F 289 -48.64 0.88 0.99
N GLU F 290 -49.47 -0.15 0.85
CA GLU F 290 -50.85 -0.12 1.28
C GLU F 290 -50.86 -0.61 2.73
N LEU F 291 -50.97 0.26 3.73
CA LEU F 291 -50.89 -0.13 5.13
C LEU F 291 -52.03 -1.03 5.58
N GLN F 292 -53.23 -0.89 5.04
CA GLN F 292 -54.40 -1.66 5.48
C GLN F 292 -54.29 -3.10 5.00
N THR F 293 -54.02 -3.34 3.71
CA THR F 293 -53.68 -4.65 3.16
C THR F 293 -52.59 -5.30 4.02
N PHE F 294 -51.48 -4.58 4.30
CA PHE F 294 -50.33 -5.10 5.04
C PHE F 294 -50.73 -5.50 6.46
N LEU F 295 -51.41 -4.66 7.22
CA LEU F 295 -51.78 -4.97 8.59
C LEU F 295 -52.84 -6.05 8.72
N GLU F 296 -53.84 -6.15 7.83
CA GLU F 296 -54.92 -7.15 7.92
C GLU F 296 -54.42 -8.57 7.73
N LYS F 297 -53.38 -8.80 6.94
CA LYS F 297 -52.70 -10.11 6.83
C LYS F 297 -51.48 -10.23 7.74
N TYR F 298 -51.04 -9.21 8.48
CA TYR F 298 -49.89 -9.36 9.39
C TYR F 298 -50.07 -10.52 10.39
N PRO F 299 -49.08 -11.41 10.49
CA PRO F 299 -49.15 -12.53 11.40
C PRO F 299 -48.76 -12.12 12.81
N PHE F 300 -49.61 -11.47 13.60
CA PHE F 300 -49.26 -11.09 14.97
C PHE F 300 -49.12 -12.32 15.84
N GLN F 301 -48.42 -12.26 16.97
CA GLN F 301 -48.32 -13.38 17.89
C GLN F 301 -49.69 -13.53 18.51
N SER F 302 -50.07 -14.71 18.98
CA SER F 302 -51.33 -14.88 19.67
C SER F 302 -51.19 -14.40 21.11
N GLY F 303 -52.28 -14.17 21.81
CA GLY F 303 -52.25 -13.61 23.15
C GLY F 303 -53.64 -13.18 23.54
N GLU F 304 -53.83 -11.99 24.08
CA GLU F 304 -55.14 -11.49 24.50
C GLU F 304 -55.71 -10.58 23.44
N LYS F 305 -57.00 -10.31 23.44
CA LYS F 305 -57.56 -9.30 22.55
C LYS F 305 -57.04 -7.93 23.00
N GLU F 306 -56.54 -7.09 22.07
CA GLU F 306 -55.92 -5.82 22.38
C GLU F 306 -56.29 -4.82 21.30
N THR F 307 -56.50 -3.56 21.61
CA THR F 307 -56.77 -2.51 20.63
C THR F 307 -55.72 -1.42 20.81
N TYR F 308 -55.21 -0.87 19.71
CA TYR F 308 -54.33 0.28 19.72
C TYR F 308 -54.80 1.27 18.66
N SER F 309 -54.53 2.55 18.83
CA SER F 309 -54.70 3.49 17.76
C SER F 309 -53.28 3.80 17.28
N LEU F 310 -53.04 3.79 15.98
CA LEU F 310 -51.75 4.06 15.36
C LEU F 310 -51.87 5.31 14.49
N GLU F 311 -51.11 6.37 14.71
CA GLU F 311 -51.15 7.53 13.86
C GLU F 311 -49.98 7.49 12.88
N ILE F 312 -50.22 7.63 11.59
CA ILE F 312 -49.19 7.53 10.58
C ILE F 312 -48.93 8.93 9.98
N GLU F 313 -47.66 9.35 9.87
CA GLU F 313 -47.23 10.46 9.02
C GLU F 313 -46.64 9.82 7.76
N ASP F 314 -47.07 10.19 6.56
CA ASP F 314 -46.64 9.50 5.34
C ASP F 314 -46.92 10.38 4.15
N SER F 315 -46.02 11.31 3.80
CA SER F 315 -46.40 12.40 2.89
C SER F 315 -46.49 11.91 1.44
N TYR F 316 -45.70 10.94 0.98
CA TYR F 316 -45.90 10.33 -0.33
C TYR F 316 -46.85 9.12 -0.28
N GLY F 317 -47.55 8.85 0.84
CA GLY F 317 -48.53 7.77 0.93
C GLY F 317 -49.77 8.24 1.68
N PRO F 318 -50.44 9.27 1.16
CA PRO F 318 -51.55 9.92 1.86
C PRO F 318 -52.73 9.03 2.18
N TRP F 319 -53.02 8.00 1.39
CA TRP F 319 -53.97 6.93 1.75
C TRP F 319 -53.61 6.27 3.09
N ASN F 320 -52.33 6.23 3.49
CA ASN F 320 -51.91 5.70 4.78
C ASN F 320 -52.03 6.70 5.92
N GLU F 321 -52.11 8.00 5.70
CA GLU F 321 -52.04 8.99 6.78
C GLU F 321 -53.27 9.03 7.68
N GLY F 322 -53.13 9.41 8.96
CA GLY F 322 -54.23 9.55 9.85
C GLY F 322 -54.13 8.52 10.93
N ILE F 323 -55.13 8.42 11.80
CA ILE F 323 -55.18 7.50 12.92
C ILE F 323 -55.90 6.26 12.47
N TRP F 324 -55.42 5.07 12.80
CA TRP F 324 -56.08 3.81 12.52
C TRP F 324 -56.37 3.11 13.82
N THR F 325 -57.54 2.52 14.00
CA THR F 325 -57.82 1.67 15.14
C THR F 325 -57.51 0.24 14.72
N ILE F 326 -56.64 -0.47 15.44
CA ILE F 326 -56.28 -1.84 15.13
C ILE F 326 -56.64 -2.73 16.32
N THR F 327 -57.46 -3.75 16.12
CA THR F 327 -57.81 -4.72 17.16
C THR F 327 -57.20 -6.05 16.80
N ILE F 328 -56.30 -6.58 17.62
CA ILE F 328 -55.66 -7.85 17.38
C ILE F 328 -56.43 -8.87 18.22
N ASP F 329 -56.94 -9.95 17.64
CA ASP F 329 -57.65 -10.99 18.39
C ASP F 329 -56.65 -11.91 19.08
N GLU F 330 -57.09 -12.95 19.78
CA GLU F 330 -56.18 -13.84 20.50
C GLU F 330 -55.39 -14.72 19.55
N GLN F 331 -55.77 -14.84 18.29
CA GLN F 331 -54.93 -15.49 17.31
C GLN F 331 -54.02 -14.41 16.73
N GLY F 332 -53.39 -14.56 15.60
CA GLY F 332 -52.64 -13.40 15.09
C GLY F 332 -53.46 -12.31 14.41
N LYS F 333 -54.78 -12.34 14.37
CA LYS F 333 -55.55 -11.66 13.31
C LYS F 333 -56.03 -10.23 13.64
N ALA F 334 -55.66 -9.24 12.82
CA ALA F 334 -56.00 -7.83 13.07
C ALA F 334 -57.24 -7.39 12.29
N THR F 335 -58.16 -6.68 12.90
CA THR F 335 -59.22 -5.96 12.19
C THR F 335 -58.80 -4.46 12.21
N VAL F 336 -58.78 -3.78 11.07
CA VAL F 336 -58.14 -2.46 10.94
C VAL F 336 -59.15 -1.47 10.39
N THR F 337 -59.32 -0.31 11.00
CA THR F 337 -60.34 0.66 10.60
C THR F 337 -59.76 2.07 10.60
N LYS F 338 -60.01 2.89 9.59
CA LYS F 338 -59.45 4.23 9.54
C LYS F 338 -60.33 5.17 10.35
N GLY F 339 -59.79 5.85 11.36
CA GLY F 339 -60.58 6.66 12.29
C GLY F 339 -60.14 6.49 13.73
N ALA F 340 -60.56 7.39 14.63
CA ALA F 340 -60.22 7.39 16.06
C ALA F 340 -61.44 6.96 16.89
N THR F 346 -57.76 4.90 25.42
CA THR F 346 -57.33 3.76 24.60
C THR F 346 -55.77 3.52 24.64
N ALA F 347 -55.03 3.56 23.53
CA ALA F 347 -53.63 3.17 23.53
C ALA F 347 -52.99 3.76 22.30
N ALA F 348 -52.54 5.01 22.35
CA ALA F 348 -52.15 5.77 21.19
C ALA F 348 -50.65 5.63 20.97
N LEU F 349 -50.23 5.34 19.74
CA LEU F 349 -48.84 5.39 19.34
C LEU F 349 -48.76 6.22 18.04
N LYS F 350 -47.65 6.91 17.80
CA LYS F 350 -47.49 7.77 16.65
C LYS F 350 -46.09 7.63 16.11
N ALA F 351 -45.91 7.53 14.81
CA ALA F 351 -44.61 7.36 14.21
C ALA F 351 -44.73 7.65 12.72
N ASP F 352 -43.63 7.92 12.04
CA ASP F 352 -43.67 8.10 10.58
C ASP F 352 -43.64 6.74 9.87
N ILE F 353 -44.04 6.64 8.61
CA ILE F 353 -44.10 5.37 7.89
C ILE F 353 -42.75 4.65 7.92
N GLN F 354 -41.64 5.36 7.82
CA GLN F 354 -40.33 4.80 8.00
C GLN F 354 -40.21 4.00 9.31
N THR F 355 -40.66 4.51 10.45
CA THR F 355 -40.51 3.83 11.73
C THR F 355 -41.53 2.71 11.84
N TRP F 356 -42.74 2.86 11.32
CA TRP F 356 -43.68 1.77 11.30
C TRP F 356 -43.13 0.63 10.45
N THR F 357 -42.46 0.90 9.33
CA THR F 357 -41.86 -0.16 8.51
C THR F 357 -40.79 -0.88 9.29
N GLN F 358 -39.87 -0.21 9.94
CA GLN F 358 -38.84 -0.89 10.69
C GLN F 358 -39.44 -1.66 11.82
N LEU F 359 -40.50 -1.19 12.44
CA LEU F 359 -41.09 -1.89 13.56
C LEU F 359 -41.80 -3.17 13.13
N PHE F 360 -42.69 -3.11 12.13
CA PHE F 360 -43.50 -4.27 11.76
C PHE F 360 -42.70 -5.31 11.00
N LEU F 361 -41.67 -4.95 10.25
CA LEU F 361 -40.79 -5.89 9.58
C LEU F 361 -39.82 -6.55 10.58
N GLY F 362 -39.65 -6.03 11.79
CA GLY F 362 -38.84 -6.69 12.82
C GLY F 362 -37.40 -6.24 12.87
N TYR F 363 -37.01 -5.15 12.19
CA TYR F 363 -35.63 -4.70 12.09
C TYR F 363 -35.18 -4.01 13.35
N ARG F 364 -35.97 -3.16 14.00
CA ARG F 364 -35.68 -2.68 15.38
C ARG F 364 -36.86 -2.97 16.27
N SER F 365 -36.62 -3.16 17.57
CA SER F 365 -37.67 -3.41 18.55
C SER F 365 -38.53 -2.20 18.80
N ALA F 366 -39.72 -2.37 19.38
CA ALA F 366 -40.52 -1.30 19.93
C ALA F 366 -39.76 -0.57 21.04
N GLU F 367 -39.03 -1.29 21.89
CA GLU F 367 -38.22 -0.72 22.97
C GLU F 367 -37.17 0.26 22.46
N THR F 368 -36.43 -0.07 21.42
CA THR F 368 -35.40 0.80 20.82
C THR F 368 -36.00 1.98 20.11
N LEU F 369 -37.03 1.80 19.31
CA LEU F 369 -37.67 2.89 18.60
C LEU F 369 -38.31 3.81 19.64
N SER F 370 -38.85 3.30 20.74
CA SER F 370 -39.35 4.15 21.81
C SER F 370 -38.24 4.93 22.46
N PHE F 371 -37.05 4.32 22.67
CA PHE F 371 -35.96 4.93 23.39
C PHE F 371 -35.42 6.11 22.58
N TYR F 372 -35.15 5.94 21.29
CA TYR F 372 -34.67 7.00 20.46
C TYR F 372 -35.81 7.92 20.02
N GLU F 373 -36.97 7.88 20.68
CA GLU F 373 -38.10 8.83 20.46
C GLU F 373 -38.63 8.79 19.02
N ARG F 374 -38.50 7.68 18.29
CA ARG F 374 -39.01 7.53 16.94
C ARG F 374 -40.42 6.94 16.94
N LEU F 375 -40.70 6.00 17.82
CA LEU F 375 -42.05 5.58 18.13
C LEU F 375 -42.55 6.39 19.33
N GLN F 376 -43.46 7.35 19.16
CA GLN F 376 -43.93 8.21 20.23
C GLN F 376 -45.13 7.65 20.93
N GLY F 377 -45.27 7.90 22.24
CA GLY F 377 -46.38 7.42 23.05
C GLY F 377 -45.85 6.74 24.29
N ASP F 378 -46.69 6.35 25.23
CA ASP F 378 -46.28 5.71 26.50
C ASP F 378 -45.45 4.48 26.20
N ALA F 379 -44.25 4.34 26.77
CA ALA F 379 -43.34 3.23 26.47
C ALA F 379 -43.97 1.89 26.83
N THR F 380 -44.80 1.84 27.88
CA THR F 380 -45.56 0.66 28.26
C THR F 380 -46.47 0.18 27.12
N ILE F 381 -47.13 1.05 26.39
CA ILE F 381 -47.98 0.68 25.24
C ILE F 381 -47.13 0.21 24.06
N ALA F 382 -45.97 0.79 23.80
CA ALA F 382 -45.05 0.34 22.77
C ALA F 382 -44.52 -1.07 23.09
N GLN F 383 -44.19 -1.43 24.32
CA GLN F 383 -43.73 -2.79 24.71
C GLN F 383 -44.79 -3.85 24.40
N ARG F 384 -46.04 -3.63 24.82
CA ARG F 384 -47.17 -4.49 24.54
C ARG F 384 -47.42 -4.67 23.05
N LEU F 385 -47.40 -3.63 22.22
CA LEU F 385 -47.49 -3.81 20.78
C LEU F 385 -46.31 -4.63 20.33
N GLY F 386 -45.08 -4.32 20.75
CA GLY F 386 -43.87 -5.08 20.37
C GLY F 386 -43.97 -6.55 20.77
N GLN F 387 -44.61 -6.88 21.89
CA GLN F 387 -44.86 -8.25 22.30
C GLN F 387 -45.70 -9.02 21.25
N ARG F 388 -46.58 -8.40 20.48
CA ARG F 388 -47.38 -9.07 19.43
C ARG F 388 -46.65 -9.10 18.10
N LEU F 389 -45.51 -8.45 17.95
CA LEU F 389 -44.83 -8.41 16.67
C LEU F 389 -44.00 -9.65 16.39
N VAL F 390 -43.71 -9.87 15.12
CA VAL F 390 -42.82 -10.89 14.62
C VAL F 390 -41.44 -10.77 15.28
N LYS F 391 -40.73 -11.87 15.54
CA LYS F 391 -39.42 -11.80 16.23
C LYS F 391 -38.33 -12.25 15.24
N GLY F 392 -37.14 -11.65 15.28
CA GLY F 392 -36.10 -11.84 14.29
C GLY F 392 -36.09 -10.74 13.22
N PRO F 394 -35.66 -9.04 9.44
CA PRO F 394 -35.90 -9.39 8.06
C PRO F 394 -34.64 -9.92 7.39
N ILE F 395 -34.70 -10.90 6.49
CA ILE F 395 -33.54 -11.31 5.73
C ILE F 395 -33.86 -11.21 4.25
N LEU F 396 -33.03 -10.53 3.45
CA LEU F 396 -33.20 -10.47 1.99
C LEU F 396 -31.93 -10.96 1.29
N GLU F 397 -32.02 -11.95 0.44
CA GLU F 397 -30.86 -12.52 -0.24
C GLU F 397 -31.12 -12.50 -1.71
N ASP F 398 -31.72 -11.42 -2.24
CA ASP F 398 -31.87 -11.19 -3.66
C ASP F 398 -31.43 -9.78 -3.94
N TYR F 399 -31.07 -9.47 -5.17
CA TYR F 399 -30.60 -8.14 -5.53
C TYR F 399 -31.37 -7.66 -6.74
N PHE F 400 -31.85 -6.42 -6.74
CA PHE F 400 -32.50 -5.81 -7.91
C PHE F 400 -32.28 -4.28 -7.88
#